data_7ULV
#
_entry.id   7ULV
#
_cell.length_a   46.404
_cell.length_b   220.991
_cell.length_c   73.645
_cell.angle_alpha   90.000
_cell.angle_beta   91.080
_cell.angle_gamma   90.000
#
_symmetry.space_group_name_H-M   'P 1 21 1'
#
loop_
_entity.id
_entity.type
_entity.pdbx_description
1 polymer 'N(G),N(G)-dimethylarginine dimethylaminohydrolase 1'
2 non-polymer S-[(pyridin-2-yl)methyl]-L-cysteine
3 water water
#
_entity_poly.entity_id   1
_entity_poly.type   'polypeptide(L)'
_entity_poly.pdbx_seq_one_letter_code
;MGSSHHHHHHSSGLVPRGSHMASMAGLGHPAAFGRATHAVVRALPESLGQHALRSAKGEEVDVARAERQHQLYVGVLGSK
LGLQVVELPADESLPDCVFVEDVAVVCEETALITRPGAPSRRKEVDMMKEALEKLQLNIVEMKDENATLDGGDVLFTGRE
FFVGLSKRTNQRGAEILADTFKDYAVSTVPVADGLHLKSFCSMAGPNLIAIGSSESAQKALKIMQQMSDHRYDKLTVPDD
IAANCIYLNIPNKGHVLLHRTPEEYPESAKVYEKLKDHMLIPVSMSELEKVDGLLTCCSVLINKKVDS
;
_entity_poly.pdbx_strand_id   A,B,C,D,E,F
#
# COMPACT_ATOMS: atom_id res chain seq x y z
N ALA A 32 31.07 -6.54 1.73
CA ALA A 32 31.08 -6.25 0.30
C ALA A 32 29.77 -6.68 -0.35
N PHE A 33 28.66 -6.11 0.12
CA PHE A 33 27.31 -6.40 -0.33
C PHE A 33 26.89 -7.83 0.02
N GLY A 34 25.70 -7.98 0.59
CA GLY A 34 25.18 -9.29 0.94
C GLY A 34 25.56 -9.80 2.31
N ARG A 35 26.50 -9.14 2.99
CA ARG A 35 26.89 -9.55 4.32
C ARG A 35 25.85 -9.11 5.33
N ALA A 36 25.46 -10.01 6.23
CA ALA A 36 24.45 -9.72 7.23
C ALA A 36 24.68 -10.62 8.45
N THR A 37 24.32 -10.10 9.63
CA THR A 37 24.46 -10.84 10.87
C THR A 37 23.14 -11.12 11.57
N HIS A 38 22.11 -10.29 11.35
CA HIS A 38 20.84 -10.44 12.02
C HIS A 38 19.70 -10.34 11.02
N ALA A 39 18.63 -11.08 11.30
CA ALA A 39 17.39 -11.01 10.53
C ALA A 39 16.25 -10.75 11.50
N VAL A 40 15.35 -9.84 11.10
CA VAL A 40 14.20 -9.47 11.92
C VAL A 40 12.94 -9.88 11.16
N VAL A 41 12.15 -10.78 11.76
CA VAL A 41 10.91 -11.24 11.14
C VAL A 41 9.78 -10.99 12.11
N ARG A 42 8.59 -11.49 11.77
CA ARG A 42 7.41 -11.35 12.61
C ARG A 42 6.44 -12.49 12.31
N ALA A 43 5.84 -13.04 13.36
CA ALA A 43 4.87 -14.11 13.20
C ALA A 43 3.64 -13.60 12.46
N LEU A 44 3.01 -14.51 11.66
CA LEU A 44 1.80 -13.98 11.03
C LEU A 44 0.57 -14.31 11.87
N PRO A 45 -0.43 -13.44 11.85
CA PRO A 45 -1.60 -13.66 12.70
C PRO A 45 -2.70 -14.45 12.01
N GLU A 46 -3.76 -14.78 12.74
CA GLU A 46 -4.95 -15.36 12.12
C GLU A 46 -5.69 -14.33 11.26
N SER A 47 -5.53 -13.04 11.55
CA SER A 47 -6.15 -12.01 10.75
C SER A 47 -5.66 -12.01 9.30
N LEU A 48 -4.51 -12.64 9.05
CA LEU A 48 -3.95 -12.62 7.71
C LEU A 48 -4.83 -13.36 6.71
N GLY A 49 -5.49 -14.44 7.16
CA GLY A 49 -6.27 -15.24 6.23
C GLY A 49 -7.42 -14.47 5.60
N GLN A 50 -8.07 -13.61 6.36
CA GLN A 50 -9.26 -12.91 5.90
C GLN A 50 -9.10 -11.41 5.73
N HIS A 51 -8.10 -10.80 6.39
CA HIS A 51 -8.01 -9.34 6.44
C HIS A 51 -6.68 -8.80 5.94
N ALA A 52 -5.79 -9.64 5.41
CA ALA A 52 -4.57 -9.15 4.82
C ALA A 52 -4.85 -8.60 3.42
N LEU A 53 -4.30 -7.43 3.12
CA LEU A 53 -4.54 -6.78 1.84
C LEU A 53 -3.95 -7.61 0.70
N ARG A 54 -4.62 -7.57 -0.44
CA ARG A 54 -4.19 -8.34 -1.61
C ARG A 54 -4.71 -7.65 -2.86
N SER A 55 -4.27 -8.16 -4.01
CA SER A 55 -4.66 -7.59 -5.29
C SER A 55 -4.83 -8.68 -6.34
N GLY A 58 -8.09 -14.51 -5.96
CA GLY A 58 -8.91 -15.66 -5.65
C GLY A 58 -8.24 -16.69 -4.76
N GLU A 59 -9.00 -17.71 -4.36
CA GLU A 59 -8.55 -18.79 -3.50
C GLU A 59 -8.17 -18.28 -2.11
N GLU A 60 -8.88 -18.77 -1.09
CA GLU A 60 -8.60 -18.35 0.27
C GLU A 60 -7.22 -18.83 0.71
N VAL A 61 -6.77 -18.31 1.85
CA VAL A 61 -5.40 -18.51 2.32
C VAL A 61 -5.41 -19.56 3.43
N ASP A 62 -4.57 -20.58 3.27
CA ASP A 62 -4.39 -21.61 4.30
C ASP A 62 -3.50 -21.03 5.40
N VAL A 63 -4.13 -20.57 6.49
CA VAL A 63 -3.38 -19.90 7.55
C VAL A 63 -2.35 -20.84 8.17
N ALA A 64 -2.70 -22.11 8.33
CA ALA A 64 -1.77 -23.06 8.94
C ALA A 64 -0.56 -23.30 8.04
N ARG A 65 -0.78 -23.42 6.73
CA ARG A 65 0.32 -23.66 5.80
C ARG A 65 1.24 -22.44 5.72
N ALA A 66 0.66 -21.23 5.76
CA ALA A 66 1.46 -20.02 5.69
C ALA A 66 2.42 -19.93 6.87
N GLU A 67 1.99 -20.36 8.05
CA GLU A 67 2.87 -20.35 9.21
C GLU A 67 3.80 -21.56 9.24
N ARG A 68 3.49 -22.61 8.48
CA ARG A 68 4.46 -23.68 8.30
C ARG A 68 5.55 -23.25 7.33
N GLN A 69 5.16 -22.64 6.21
CA GLN A 69 6.15 -22.07 5.30
C GLN A 69 6.96 -20.96 5.96
N HIS A 70 6.36 -20.26 6.92
CA HIS A 70 7.04 -19.11 7.53
C HIS A 70 8.14 -19.56 8.48
N GLN A 71 7.85 -20.54 9.34
CA GLN A 71 8.87 -21.01 10.28
C GLN A 71 10.03 -21.69 9.56
N LEU A 72 9.73 -22.45 8.50
CA LEU A 72 10.80 -22.99 7.66
C LEU A 72 11.62 -21.86 7.05
N TYR A 73 10.94 -20.82 6.56
CA TYR A 73 11.64 -19.61 6.13
C TYR A 73 12.47 -19.03 7.28
N VAL A 74 11.90 -18.99 8.48
CA VAL A 74 12.62 -18.48 9.64
C VAL A 74 13.78 -19.40 10.00
N GLY A 75 13.58 -20.71 9.84
CA GLY A 75 14.64 -21.65 10.17
C GLY A 75 15.85 -21.54 9.26
N VAL A 76 15.65 -21.13 8.01
CA VAL A 76 16.75 -21.03 7.07
C VAL A 76 17.65 -19.84 7.41
N LEU A 77 17.04 -18.73 7.84
CA LEU A 77 17.84 -17.58 8.23
C LEU A 77 18.53 -17.83 9.56
N GLY A 78 17.84 -18.49 10.49
CA GLY A 78 18.38 -18.74 11.82
C GLY A 78 19.29 -19.96 11.91
N SER A 79 18.69 -21.14 12.02
CA SER A 79 19.45 -22.35 12.29
C SER A 79 20.30 -22.81 11.10
N LYS A 80 20.04 -22.27 9.91
CA LYS A 80 20.72 -22.73 8.69
C LYS A 80 21.88 -21.82 8.31
N LEU A 81 21.62 -20.54 8.10
CA LEU A 81 22.62 -19.61 7.58
C LEU A 81 23.39 -18.89 8.68
N GLY A 82 23.19 -19.27 9.95
CA GLY A 82 23.98 -18.72 11.03
C GLY A 82 23.49 -17.42 11.60
N LEU A 83 22.68 -16.65 10.86
CA LEU A 83 22.11 -15.43 11.42
C LEU A 83 21.23 -15.77 12.61
N GLN A 84 21.12 -14.84 13.55
CA GLN A 84 20.14 -14.96 14.61
C GLN A 84 18.91 -14.15 14.24
N VAL A 85 17.75 -14.79 14.34
CA VAL A 85 16.50 -14.22 13.87
C VAL A 85 15.77 -13.61 15.05
N VAL A 86 15.48 -12.31 14.96
CA VAL A 86 14.68 -11.63 15.96
C VAL A 86 13.21 -11.88 15.62
N GLU A 87 12.59 -12.83 16.32
CA GLU A 87 11.20 -13.17 16.06
C GLU A 87 10.29 -12.18 16.78
N LEU A 88 9.41 -11.52 16.01
CA LEU A 88 8.49 -10.59 16.63
C LEU A 88 7.10 -11.19 16.75
N PRO A 89 6.43 -11.00 17.87
CA PRO A 89 5.10 -11.59 18.05
C PRO A 89 4.08 -10.98 17.10
N ALA A 90 3.07 -11.78 16.76
CA ALA A 90 2.04 -11.35 15.84
C ALA A 90 1.01 -10.48 16.54
N ASP A 91 0.53 -9.47 15.83
CA ASP A 91 -0.54 -8.59 16.29
C ASP A 91 -1.77 -8.87 15.46
N GLU A 92 -2.84 -9.31 16.13
CA GLU A 92 -4.05 -9.70 15.38
C GLU A 92 -4.75 -8.50 14.77
N SER A 93 -4.57 -7.31 15.34
CA SER A 93 -5.12 -6.11 14.71
C SER A 93 -4.34 -5.72 13.46
N LEU A 94 -3.17 -6.29 13.24
CA LEU A 94 -2.35 -6.01 12.05
C LEU A 94 -2.25 -7.27 11.21
N PRO A 95 -3.07 -7.43 10.16
CA PRO A 95 -3.04 -8.67 9.39
C PRO A 95 -1.76 -8.85 8.58
N ASP A 96 -1.08 -7.77 8.21
CA ASP A 96 0.10 -7.83 7.35
C ASP A 96 1.39 -7.69 8.14
N CYS A 97 1.36 -7.88 9.46
CA CYS A 97 2.54 -7.67 10.30
C CYS A 97 3.68 -8.61 9.93
N VAL A 98 3.40 -9.70 9.22
CA VAL A 98 4.46 -10.64 8.86
C VAL A 98 5.45 -10.01 7.89
N PHE A 99 4.98 -9.09 7.03
CA PHE A 99 5.82 -8.50 6.00
C PHE A 99 6.54 -7.30 6.58
N VAL A 100 7.64 -7.60 7.30
CA VAL A 100 8.38 -6.58 8.04
C VAL A 100 9.26 -5.73 7.13
N GLU A 101 9.53 -6.18 5.91
CA GLU A 101 10.35 -5.39 5.00
C GLU A 101 9.71 -4.05 4.66
N ASP A 102 8.39 -3.99 4.68
CA ASP A 102 7.70 -2.76 4.29
C ASP A 102 7.91 -1.62 5.27
N VAL A 103 8.26 -1.91 6.53
CA VAL A 103 8.29 -0.90 7.58
C VAL A 103 9.70 -0.57 8.02
N ALA A 104 10.72 -1.08 7.32
CA ALA A 104 12.10 -0.77 7.69
C ALA A 104 13.03 -1.06 6.52
N VAL A 105 13.81 -0.06 6.14
CA VAL A 105 14.91 -0.22 5.18
C VAL A 105 16.21 0.01 5.93
N VAL A 106 17.05 -1.01 5.99
CA VAL A 106 18.28 -0.99 6.78
C VAL A 106 19.47 -0.97 5.83
N CYS A 107 20.46 -0.13 6.14
CA CYS A 107 21.68 -0.07 5.36
C CYS A 107 22.83 0.31 6.28
N GLU A 108 23.89 -0.50 6.26
CA GLU A 108 25.05 -0.32 7.13
C GLU A 108 24.62 -0.28 8.59
N GLU A 109 24.72 0.89 9.22
CA GLU A 109 24.31 1.07 10.61
C GLU A 109 23.18 2.07 10.76
N THR A 110 22.44 2.34 9.68
CA THR A 110 21.34 3.28 9.68
C THR A 110 20.09 2.60 9.14
N ALA A 111 19.01 2.62 9.91
CA ALA A 111 17.75 2.01 9.54
C ALA A 111 16.69 3.10 9.36
N LEU A 112 15.96 3.03 8.25
CA LEU A 112 14.88 3.98 7.98
C LEU A 112 13.55 3.34 8.31
N ILE A 113 12.84 3.93 9.27
CA ILE A 113 11.48 3.50 9.58
C ILE A 113 10.53 4.15 8.58
N THR A 114 9.81 3.34 7.83
CA THR A 114 8.96 3.81 6.75
C THR A 114 7.59 4.22 7.26
N ARG A 115 6.93 5.08 6.47
CA ARG A 115 5.52 5.35 6.64
C ARG A 115 4.79 4.58 5.54
N PRO A 116 4.11 3.49 5.86
CA PRO A 116 3.57 2.63 4.80
C PRO A 116 2.46 3.32 4.02
N GLY A 117 2.28 2.89 2.77
CA GLY A 117 1.25 3.48 1.93
C GLY A 117 -0.14 3.26 2.48
N ALA A 118 -0.43 2.05 2.94
CA ALA A 118 -1.73 1.74 3.51
C ALA A 118 -1.81 2.25 4.94
N PRO A 119 -2.79 3.09 5.28
CA PRO A 119 -2.88 3.58 6.66
C PRO A 119 -3.03 2.49 7.70
N SER A 120 -3.65 1.36 7.35
CA SER A 120 -3.84 0.28 8.32
C SER A 120 -2.56 -0.47 8.63
N ARG A 121 -1.48 -0.23 7.88
CA ARG A 121 -0.21 -0.90 8.13
C ARG A 121 0.78 -0.05 8.91
N ARG A 122 0.45 1.21 9.20
CA ARG A 122 1.41 2.11 9.82
C ARG A 122 1.71 1.75 11.26
N LYS A 123 0.82 1.01 11.93
CA LYS A 123 1.07 0.59 13.31
C LYS A 123 1.95 -0.65 13.40
N GLU A 124 2.35 -1.22 12.27
CA GLU A 124 3.31 -2.32 12.29
C GLU A 124 4.71 -1.84 12.67
N VAL A 125 4.95 -0.53 12.63
CA VAL A 125 6.28 0.01 12.86
C VAL A 125 6.65 0.15 14.33
N ASP A 126 5.67 0.04 15.23
CA ASP A 126 5.93 0.33 16.64
C ASP A 126 6.87 -0.70 17.25
N MET A 127 6.58 -1.99 17.06
CA MET A 127 7.48 -3.02 17.57
C MET A 127 8.74 -3.14 16.72
N MET A 128 8.65 -2.80 15.44
CA MET A 128 9.85 -2.76 14.60
C MET A 128 10.88 -1.79 15.16
N LYS A 129 10.43 -0.59 15.57
CA LYS A 129 11.35 0.38 16.15
C LYS A 129 11.94 -0.11 17.47
N GLU A 130 11.12 -0.77 18.29
CA GLU A 130 11.60 -1.28 19.57
C GLU A 130 12.73 -2.29 19.37
N ALA A 131 12.53 -3.26 18.48
CA ALA A 131 13.53 -4.29 18.27
C ALA A 131 14.80 -3.73 17.66
N LEU A 132 14.68 -2.95 16.58
CA LEU A 132 15.86 -2.35 15.96
C LEU A 132 16.62 -1.47 16.94
N GLU A 133 15.92 -0.78 17.83
CA GLU A 133 16.63 -0.05 18.87
C GLU A 133 17.43 -0.99 19.76
N LYS A 134 16.81 -2.09 20.23
CA LYS A 134 17.56 -3.03 21.06
C LYS A 134 18.80 -3.57 20.35
N LEU A 135 18.84 -3.48 19.03
CA LEU A 135 20.06 -3.70 18.28
C LEU A 135 20.90 -2.43 18.13
N GLN A 136 20.39 -1.29 18.61
CA GLN A 136 21.13 -0.03 18.67
C GLN A 136 21.54 0.45 17.29
N LEU A 137 20.58 0.46 16.36
CA LEU A 137 20.81 1.02 15.05
C LEU A 137 20.46 2.50 15.03
N ASN A 138 20.94 3.19 14.00
CA ASN A 138 20.61 4.60 13.79
C ASN A 138 19.19 4.67 13.22
N ILE A 139 18.27 5.21 14.00
CA ILE A 139 16.84 5.16 13.69
C ILE A 139 16.42 6.48 13.06
N VAL A 140 15.93 6.41 11.81
CA VAL A 140 15.35 7.55 11.12
C VAL A 140 13.92 7.19 10.78
N GLU A 141 12.96 7.92 11.36
CA GLU A 141 11.56 7.64 11.16
C GLU A 141 10.98 8.56 10.08
N MET A 142 10.13 7.98 9.23
CA MET A 142 9.42 8.74 8.21
C MET A 142 8.11 9.23 8.83
N LYS A 143 8.06 10.52 9.16
CA LYS A 143 6.93 11.09 9.89
C LYS A 143 6.14 12.11 9.09
N ASP A 144 6.61 12.50 7.90
CA ASP A 144 5.90 13.50 7.11
C ASP A 144 4.55 12.94 6.68
N GLU A 145 3.48 13.63 7.08
CA GLU A 145 2.11 13.20 6.83
C GLU A 145 1.80 13.05 5.35
N ASN A 146 2.74 13.45 4.50
CA ASN A 146 2.62 13.31 3.06
C ASN A 146 3.52 12.23 2.50
N ALA A 147 4.33 11.59 3.33
CA ALA A 147 5.27 10.57 2.90
C ALA A 147 4.67 9.19 3.07
N THR A 148 4.69 8.40 2.00
CA THR A 148 4.37 6.97 2.09
C THR A 148 5.43 6.20 1.33
N LEU A 149 6.03 5.21 1.97
CA LEU A 149 7.04 4.38 1.32
C LEU A 149 6.90 2.95 1.82
N ASP A 150 6.87 2.01 0.88
CA ASP A 150 6.81 0.59 1.17
C ASP A 150 8.18 -0.02 0.92
N GLY A 151 8.67 -0.82 1.87
CA GLY A 151 10.01 -1.37 1.76
C GLY A 151 10.18 -2.31 0.58
N GLY A 152 9.09 -2.90 0.12
CA GLY A 152 9.14 -3.71 -1.08
C GLY A 152 9.45 -2.92 -2.34
N ASP A 153 9.22 -1.61 -2.31
CA ASP A 153 9.47 -0.73 -3.46
C ASP A 153 10.91 -0.25 -3.55
N VAL A 154 11.75 -0.58 -2.58
CA VAL A 154 13.12 -0.08 -2.50
C VAL A 154 14.06 -1.25 -2.81
N LEU A 155 14.72 -1.18 -3.96
CA LEU A 155 15.71 -2.17 -4.36
C LEU A 155 17.10 -1.56 -4.20
N PHE A 156 17.87 -2.07 -3.25
CA PHE A 156 19.22 -1.57 -2.97
C PHE A 156 20.23 -2.53 -3.60
N THR A 157 21.08 -1.99 -4.48
CA THR A 157 21.99 -2.79 -5.28
C THR A 157 23.42 -2.80 -4.73
N GLY A 158 23.64 -2.20 -3.57
CA GLY A 158 24.98 -2.05 -3.01
C GLY A 158 25.70 -0.79 -3.45
N ARG A 159 25.38 -0.28 -4.63
CA ARG A 159 25.94 0.98 -5.13
C ARG A 159 24.96 2.14 -5.04
N GLU A 160 23.67 1.89 -5.22
CA GLU A 160 22.67 2.95 -5.21
C GLU A 160 21.32 2.32 -4.91
N PHE A 161 20.30 3.17 -4.79
CA PHE A 161 18.94 2.76 -4.49
C PHE A 161 18.06 2.93 -5.72
N PHE A 162 17.02 2.12 -5.78
CA PHE A 162 15.96 2.26 -6.78
C PHE A 162 14.63 2.14 -6.05
N VAL A 163 13.76 3.15 -6.23
CA VAL A 163 12.51 3.24 -5.48
C VAL A 163 11.36 3.18 -6.46
N GLY A 164 10.49 2.19 -6.29
CA GLY A 164 9.32 2.08 -7.14
C GLY A 164 8.28 3.12 -6.78
N LEU A 165 7.72 3.78 -7.79
CA LEU A 165 6.66 4.75 -7.60
C LEU A 165 5.32 4.08 -7.90
N SER A 166 4.56 3.79 -6.85
CA SER A 166 3.25 3.17 -6.99
C SER A 166 2.22 3.91 -6.16
N LYS A 167 1.18 3.20 -5.73
CA LYS A 167 0.24 3.78 -4.78
C LYS A 167 0.73 3.66 -3.34
N ARG A 168 1.71 2.80 -3.09
CA ARG A 168 2.26 2.61 -1.75
C ARG A 168 3.42 3.54 -1.46
N THR A 169 4.24 3.85 -2.47
CA THR A 169 5.39 4.73 -2.31
C THR A 169 5.25 5.90 -3.28
N ASN A 170 5.35 7.12 -2.74
CA ASN A 170 5.18 8.33 -3.52
C ASN A 170 6.53 9.03 -3.74
N GLN A 171 6.48 10.22 -4.31
CA GLN A 171 7.70 10.93 -4.68
C GLN A 171 8.46 11.42 -3.46
N ARG A 172 7.80 12.24 -2.64
CA ARG A 172 8.44 12.70 -1.42
C ARG A 172 8.87 11.53 -0.55
N GLY A 173 8.12 10.42 -0.59
CA GLY A 173 8.49 9.25 0.20
C GLY A 173 9.85 8.70 -0.18
N ALA A 174 10.22 8.82 -1.45
CA ALA A 174 11.58 8.52 -1.86
C ALA A 174 12.55 9.62 -1.49
N GLU A 175 12.07 10.84 -1.24
CA GLU A 175 12.96 11.94 -0.90
C GLU A 175 13.43 11.90 0.56
N ILE A 176 12.69 11.27 1.47
CA ILE A 176 13.30 11.02 2.78
C ILE A 176 14.23 9.80 2.73
N LEU A 177 14.04 8.87 1.78
CA LEU A 177 15.01 7.78 1.67
C LEU A 177 16.39 8.32 1.30
N ALA A 178 16.45 9.22 0.31
CA ALA A 178 17.72 9.83 -0.06
C ALA A 178 18.26 10.69 1.08
N ASP A 179 17.40 11.50 1.68
CA ASP A 179 17.80 12.31 2.82
C ASP A 179 18.31 11.44 3.97
N THR A 180 17.82 10.20 4.07
CA THR A 180 18.27 9.30 5.12
C THR A 180 19.65 8.72 4.81
N PHE A 181 19.87 8.28 3.59
CA PHE A 181 21.11 7.64 3.16
C PHE A 181 21.78 8.57 2.15
N LYS A 182 22.72 9.39 2.65
CA LYS A 182 23.24 10.48 1.84
C LYS A 182 24.25 9.99 0.80
N ASP A 183 25.08 9.01 1.15
CA ASP A 183 26.19 8.59 0.30
C ASP A 183 25.77 7.70 -0.87
N TYR A 184 24.46 7.58 -1.14
CA TYR A 184 23.98 6.76 -2.23
C TYR A 184 23.02 7.58 -3.09
N ALA A 185 23.07 7.36 -4.40
CA ALA A 185 22.10 7.96 -5.30
C ALA A 185 20.79 7.19 -5.23
N VAL A 186 19.68 7.92 -5.33
CA VAL A 186 18.35 7.33 -5.29
C VAL A 186 17.63 7.72 -6.58
N SER A 187 17.29 6.72 -7.39
CA SER A 187 16.54 6.91 -8.62
C SER A 187 15.19 6.23 -8.50
N THR A 188 14.14 6.93 -8.93
CA THR A 188 12.78 6.42 -8.83
C THR A 188 12.32 5.85 -10.16
N VAL A 189 11.60 4.73 -10.10
CA VAL A 189 11.07 4.06 -11.29
C VAL A 189 9.57 3.88 -11.10
N PRO A 190 8.75 4.15 -12.12
CA PRO A 190 7.30 3.99 -11.96
C PRO A 190 6.89 2.53 -11.93
N VAL A 191 6.00 2.20 -11.00
CA VAL A 191 5.43 0.86 -10.88
C VAL A 191 3.93 0.96 -11.10
N ALA A 192 3.43 0.32 -12.15
CA ALA A 192 2.02 0.36 -12.49
C ALA A 192 1.27 -0.74 -11.74
N ASP A 193 -0.04 -0.83 -12.01
CA ASP A 193 -0.92 -1.81 -11.38
C ASP A 193 -0.84 -1.70 -9.86
N GLY A 194 -0.95 -2.84 -9.17
CA GLY A 194 -0.86 -2.86 -7.72
C GLY A 194 0.39 -3.56 -7.23
N LEU A 195 1.48 -3.39 -7.96
CA LEU A 195 2.72 -4.09 -7.67
C LEU A 195 3.65 -3.22 -6.83
N HIS A 196 4.65 -3.88 -6.24
CA HIS A 196 5.82 -3.23 -5.70
C HIS A 196 6.97 -3.41 -6.67
N LEU A 197 8.10 -2.76 -6.38
CA LEU A 197 9.25 -2.84 -7.28
C LEU A 197 9.88 -4.23 -7.22
N LYS A 198 9.98 -4.80 -6.03
CA LYS A 198 10.53 -6.15 -5.84
C LYS A 198 9.48 -7.24 -5.99
N SER A 199 8.34 -6.96 -6.63
CA SER A 199 7.40 -8.01 -7.02
C SER A 199 7.85 -8.75 -8.28
N PHE A 200 8.80 -8.17 -9.02
CA PHE A 200 9.29 -8.76 -10.26
C PHE A 200 10.81 -8.67 -10.37
N CYS A 201 11.51 -8.39 -9.27
CA CYS A 201 12.94 -8.13 -9.33
C CYS A 201 13.52 -8.23 -7.92
N SER A 202 14.79 -8.60 -7.84
CA SER A 202 15.52 -8.65 -6.58
C SER A 202 16.99 -8.84 -6.90
N MET A 203 17.82 -8.69 -5.88
CA MET A 203 19.27 -8.86 -6.04
C MET A 203 19.64 -10.31 -5.79
N ALA A 204 20.20 -10.95 -6.81
CA ALA A 204 20.72 -12.31 -6.70
C ALA A 204 22.24 -12.34 -6.71
N GLY A 205 22.87 -11.23 -6.32
CA GLY A 205 24.31 -11.15 -6.29
C GLY A 205 24.83 -9.74 -6.50
N PRO A 206 26.10 -9.53 -6.20
CA PRO A 206 26.72 -8.21 -6.46
C PRO A 206 26.66 -7.87 -7.94
N ASN A 207 26.11 -6.71 -8.25
CA ASN A 207 25.93 -6.20 -9.61
C ASN A 207 25.01 -7.09 -10.45
N LEU A 208 24.39 -8.10 -9.85
CA LEU A 208 23.50 -9.02 -10.54
C LEU A 208 22.07 -8.75 -10.10
N ILE A 209 21.17 -8.58 -11.07
CA ILE A 209 19.78 -8.25 -10.82
C ILE A 209 18.91 -9.35 -11.41
N ALA A 210 18.24 -10.11 -10.55
CA ALA A 210 17.26 -11.08 -11.00
C ALA A 210 16.00 -10.35 -11.46
N ILE A 211 15.64 -10.54 -12.73
CA ILE A 211 14.55 -9.80 -13.35
C ILE A 211 13.55 -10.78 -13.96
N GLY A 212 12.27 -10.44 -13.88
CA GLY A 212 11.23 -11.21 -14.54
C GLY A 212 11.23 -10.97 -16.03
N SER A 213 10.35 -11.70 -16.72
CA SER A 213 10.29 -11.66 -18.17
C SER A 213 9.04 -10.99 -18.72
N SER A 214 8.04 -10.70 -17.88
CA SER A 214 6.82 -10.09 -18.37
C SER A 214 7.09 -8.64 -18.79
N GLU A 215 6.05 -7.98 -19.29
CA GLU A 215 6.23 -6.69 -19.96
C GLU A 215 6.48 -5.55 -18.99
N SER A 216 5.90 -5.61 -17.79
CA SER A 216 6.10 -4.54 -16.82
C SER A 216 7.49 -4.58 -16.20
N ALA A 217 8.06 -5.78 -16.02
CA ALA A 217 9.38 -5.90 -15.43
C ALA A 217 10.49 -5.51 -16.41
N GLN A 218 10.38 -5.96 -17.67
CA GLN A 218 11.34 -5.56 -18.69
C GLN A 218 11.28 -4.06 -18.97
N LYS A 219 10.19 -3.40 -18.61
CA LYS A 219 10.10 -1.95 -18.75
C LYS A 219 10.75 -1.23 -17.58
N ALA A 220 10.50 -1.70 -16.36
CA ALA A 220 11.11 -1.07 -15.20
C ALA A 220 12.60 -1.30 -15.15
N LEU A 221 13.08 -2.40 -15.73
CA LEU A 221 14.51 -2.70 -15.69
C LEU A 221 15.29 -1.77 -16.61
N LYS A 222 14.78 -1.53 -17.83
CA LYS A 222 15.47 -0.65 -18.76
C LYS A 222 15.56 0.77 -18.23
N ILE A 223 14.51 1.23 -17.54
CA ILE A 223 14.51 2.59 -17.00
C ILE A 223 15.59 2.74 -15.94
N MET A 224 15.72 1.74 -15.05
CA MET A 224 16.69 1.85 -13.96
C MET A 224 18.12 1.88 -14.47
N GLN A 225 18.40 1.23 -15.60
CA GLN A 225 19.76 1.17 -16.12
C GLN A 225 20.18 2.42 -16.85
N GLN A 226 19.26 3.33 -17.18
CA GLN A 226 19.64 4.60 -17.76
C GLN A 226 20.09 5.59 -16.69
N MET A 227 19.52 5.51 -15.49
CA MET A 227 19.92 6.42 -14.43
C MET A 227 21.28 6.06 -13.86
N SER A 228 21.61 4.78 -13.85
CA SER A 228 22.87 4.32 -13.29
C SER A 228 23.98 4.43 -14.33
N ASP A 229 25.09 5.07 -13.92
CA ASP A 229 26.25 5.20 -14.79
C ASP A 229 27.04 3.90 -14.89
N HIS A 230 26.77 2.93 -14.02
CA HIS A 230 27.38 1.61 -14.03
C HIS A 230 26.49 0.61 -14.77
N ARG A 231 27.13 -0.44 -15.28
CA ARG A 231 26.46 -1.48 -16.06
C ARG A 231 26.16 -2.67 -15.16
N TYR A 232 24.89 -2.94 -14.94
CA TYR A 232 24.45 -4.04 -14.10
C TYR A 232 24.28 -5.32 -14.90
N ASP A 233 24.39 -6.45 -14.21
CA ASP A 233 24.16 -7.76 -14.82
C ASP A 233 22.70 -8.16 -14.68
N LYS A 234 22.35 -9.28 -15.31
CA LYS A 234 20.96 -9.69 -15.42
C LYS A 234 20.84 -11.20 -15.28
N LEU A 235 19.89 -11.65 -14.45
CA LEU A 235 19.49 -13.05 -14.39
C LEU A 235 18.00 -13.07 -14.72
N THR A 236 17.69 -13.31 -15.99
CA THR A 236 16.31 -13.30 -16.46
C THR A 236 15.64 -14.62 -16.13
N VAL A 237 14.47 -14.54 -15.48
CA VAL A 237 13.68 -15.71 -15.13
C VAL A 237 12.28 -15.53 -15.71
N PRO A 238 11.62 -16.62 -16.15
CA PRO A 238 10.32 -16.45 -16.82
C PRO A 238 9.19 -16.04 -15.89
N ASP A 239 9.33 -16.24 -14.58
CA ASP A 239 8.26 -15.98 -13.63
C ASP A 239 8.60 -14.75 -12.80
N ASP A 240 7.75 -13.72 -12.88
CA ASP A 240 8.02 -12.47 -12.16
C ASP A 240 8.07 -12.68 -10.65
N ILE A 241 7.27 -13.61 -10.13
CA ILE A 241 7.26 -13.85 -8.69
C ILE A 241 8.59 -14.48 -8.26
N ALA A 242 9.10 -15.42 -9.06
CA ALA A 242 10.37 -16.07 -8.75
C ALA A 242 11.55 -15.13 -8.94
N ALA A 243 11.37 -13.99 -9.63
CA ALA A 243 12.43 -13.00 -9.73
C ALA A 243 12.75 -12.39 -8.37
N ASN A 244 11.87 -12.52 -7.39
CA ASN A 244 12.15 -12.09 -6.02
C ASN A 244 12.85 -13.22 -5.29
N CYS A 245 14.15 -13.08 -5.08
CA CYS A 245 14.96 -14.05 -4.37
C CYS A 245 15.55 -13.38 -3.13
N ILE A 246 16.48 -14.08 -2.48
CA ILE A 246 17.22 -13.53 -1.35
C ILE A 246 18.67 -13.95 -1.50
N TYR A 247 19.55 -12.99 -1.68
CA TYR A 247 20.98 -13.23 -1.82
C TYR A 247 21.68 -12.92 -0.51
N LEU A 248 22.52 -13.85 -0.05
CA LEU A 248 23.32 -13.67 1.14
C LEU A 248 24.75 -14.10 0.88
N ASN A 249 25.69 -13.50 1.60
CA ASN A 249 27.12 -13.76 1.45
C ASN A 249 27.65 -14.17 2.82
N ILE A 250 27.64 -15.46 3.11
CA ILE A 250 28.17 -15.99 4.36
C ILE A 250 29.65 -16.29 4.15
N PRO A 251 30.54 -15.76 5.01
CA PRO A 251 31.97 -15.94 4.78
C PRO A 251 32.39 -17.40 4.85
N ASN A 252 33.21 -17.82 3.90
CA ASN A 252 33.68 -19.19 3.75
C ASN A 252 32.56 -20.20 3.58
N LYS A 253 31.33 -19.73 3.36
CA LYS A 253 30.19 -20.60 3.09
C LYS A 253 29.68 -20.45 1.66
N GLY A 254 30.11 -19.43 0.94
CA GLY A 254 29.69 -19.21 -0.43
C GLY A 254 28.65 -18.11 -0.54
N HIS A 255 28.13 -17.97 -1.75
CA HIS A 255 27.04 -17.06 -2.04
C HIS A 255 25.72 -17.83 -1.97
N VAL A 256 24.87 -17.46 -1.01
CA VAL A 256 23.63 -18.19 -0.76
C VAL A 256 22.49 -17.50 -1.49
N LEU A 257 21.63 -18.32 -2.11
CA LEU A 257 20.51 -17.83 -2.89
C LEU A 257 19.25 -18.56 -2.44
N LEU A 258 18.30 -17.82 -1.89
CA LEU A 258 16.98 -18.36 -1.53
C LEU A 258 16.04 -18.09 -2.69
N HIS A 259 15.63 -19.14 -3.38
CA HIS A 259 14.78 -19.01 -4.56
C HIS A 259 13.53 -19.86 -4.40
N ARG A 260 12.57 -19.61 -5.28
CA ARG A 260 11.31 -20.33 -5.25
C ARG A 260 11.48 -21.73 -5.81
N THR A 261 10.81 -22.69 -5.19
CA THR A 261 11.03 -24.10 -5.46
C THR A 261 10.59 -24.46 -6.89
N PRO A 262 11.09 -25.56 -7.43
CA PRO A 262 10.61 -26.01 -8.75
C PRO A 262 9.14 -26.39 -8.74
N GLU A 263 8.60 -26.82 -7.59
CA GLU A 263 7.18 -27.10 -7.51
C GLU A 263 6.37 -25.83 -7.70
N GLU A 264 6.83 -24.71 -7.13
CA GLU A 264 6.16 -23.44 -7.34
C GLU A 264 6.34 -22.97 -8.78
N TYR A 265 7.58 -22.70 -9.18
CA TYR A 265 7.89 -22.22 -10.53
C TYR A 265 9.03 -23.05 -11.10
N PRO A 266 8.73 -24.07 -11.90
CA PRO A 266 9.81 -24.91 -12.43
C PRO A 266 10.64 -24.23 -13.51
N GLU A 267 10.00 -23.51 -14.42
CA GLU A 267 10.73 -22.83 -15.49
C GLU A 267 11.72 -21.82 -14.93
N SER A 268 11.37 -21.17 -13.81
CA SER A 268 12.27 -20.21 -13.19
C SER A 268 13.30 -20.89 -12.30
N ALA A 269 12.94 -22.01 -11.67
CA ALA A 269 13.92 -22.76 -10.90
C ALA A 269 14.98 -23.40 -11.78
N LYS A 270 14.69 -23.59 -13.07
CA LYS A 270 15.71 -24.07 -14.00
C LYS A 270 16.85 -23.07 -14.14
N VAL A 271 16.52 -21.78 -14.12
CA VAL A 271 17.54 -20.74 -14.29
C VAL A 271 18.46 -20.69 -13.07
N TYR A 272 17.87 -20.68 -11.87
CA TYR A 272 18.69 -20.66 -10.66
C TYR A 272 19.56 -21.91 -10.54
N GLU A 273 19.11 -23.03 -11.11
CA GLU A 273 19.88 -24.26 -11.04
C GLU A 273 21.17 -24.20 -11.84
N LYS A 274 21.24 -23.32 -12.84
CA LYS A 274 22.46 -23.15 -13.61
C LYS A 274 23.56 -22.47 -12.81
N LEU A 275 23.20 -21.70 -11.79
CA LEU A 275 24.18 -21.08 -10.91
C LEU A 275 24.85 -22.15 -10.05
N LYS A 276 25.89 -22.79 -10.59
CA LYS A 276 26.58 -23.86 -9.89
C LYS A 276 27.57 -23.35 -8.84
N ASP A 277 27.81 -22.04 -8.76
CA ASP A 277 28.75 -21.47 -7.81
C ASP A 277 28.07 -20.81 -6.63
N HIS A 278 26.75 -20.97 -6.49
CA HIS A 278 25.99 -20.48 -5.35
C HIS A 278 25.39 -21.65 -4.58
N MET A 279 25.15 -21.43 -3.29
CA MET A 279 24.42 -22.39 -2.47
C MET A 279 22.94 -22.12 -2.66
N LEU A 280 22.28 -22.98 -3.44
CA LEU A 280 20.89 -22.78 -3.79
C LEU A 280 19.98 -23.41 -2.74
N ILE A 281 18.98 -22.66 -2.30
CA ILE A 281 18.03 -23.14 -1.30
C ILE A 281 16.61 -22.85 -1.81
N PRO A 282 15.85 -23.88 -2.20
CA PRO A 282 14.47 -23.66 -2.64
C PRO A 282 13.57 -23.40 -1.45
N VAL A 283 12.99 -22.20 -1.40
CA VAL A 283 12.11 -21.78 -0.33
C VAL A 283 10.71 -21.60 -0.88
N SER A 284 9.73 -22.20 -0.20
CA SER A 284 8.34 -22.15 -0.63
C SER A 284 7.62 -20.99 0.05
N MET A 285 6.78 -20.30 -0.71
CA MET A 285 5.97 -19.20 -0.18
C MET A 285 4.66 -19.10 -0.96
N SER A 286 4.08 -20.24 -1.30
CA SER A 286 2.90 -20.25 -2.16
C SER A 286 1.66 -19.68 -1.48
N GLU A 287 1.55 -19.85 -0.17
CA GLU A 287 0.40 -19.31 0.55
C GLU A 287 0.48 -17.79 0.64
N LEU A 288 1.58 -17.27 1.21
CA LEU A 288 1.72 -15.83 1.36
C LEU A 288 1.83 -15.11 0.02
N GLU A 289 2.10 -15.83 -1.06
CA GLU A 289 2.07 -15.23 -2.39
C GLU A 289 0.68 -14.75 -2.78
N LYS A 290 -0.37 -15.33 -2.18
CA LYS A 290 -1.73 -14.92 -2.51
C LYS A 290 -2.02 -13.50 -2.09
N VAL A 291 -1.32 -12.99 -1.06
CA VAL A 291 -1.53 -11.63 -0.60
C VAL A 291 -0.34 -10.77 -1.01
N ASP A 292 0.28 -11.12 -2.14
CA ASP A 292 1.40 -10.38 -2.72
C ASP A 292 2.60 -10.33 -1.77
N GLY A 293 2.81 -11.39 -0.99
CA GLY A 293 3.93 -11.49 -0.08
C GLY A 293 4.98 -12.46 -0.61
N LEU A 294 6.23 -12.00 -0.62
CA LEU A 294 7.30 -12.70 -1.29
C LEU A 294 8.43 -13.06 -0.31
N LEU A 295 9.54 -13.54 -0.87
CA LEU A 295 10.67 -13.95 -0.05
C LEU A 295 11.28 -12.76 0.67
N THR A 296 11.58 -11.68 -0.05
CA THR A 296 12.25 -10.52 0.50
C THR A 296 11.43 -9.83 1.60
N CYS A 297 10.11 -9.83 1.42
CA CYS A 297 9.22 -9.00 2.27
C CYS A 297 9.05 -9.50 3.69
N CYS A 298 9.46 -10.73 3.97
CA CYS A 298 9.15 -11.34 5.25
C CYS A 298 10.25 -11.18 6.30
N SER A 299 11.36 -10.55 5.94
CA SER A 299 12.49 -10.42 6.86
C SER A 299 13.25 -9.13 6.58
N VAL A 300 13.84 -8.58 7.64
CA VAL A 300 14.72 -7.43 7.55
C VAL A 300 16.12 -7.91 7.89
N LEU A 301 17.02 -7.88 6.90
CA LEU A 301 18.38 -8.38 7.06
C LEU A 301 19.28 -7.26 7.56
N ILE A 302 20.15 -7.60 8.51
CA ILE A 302 20.96 -6.62 9.22
C ILE A 302 22.39 -7.13 9.33
N ASN A 303 23.36 -6.27 8.98
CA ASN A 303 24.76 -6.49 9.28
C ASN A 303 25.18 -5.51 10.37
N LYS A 304 25.73 -6.02 11.46
CA LYS A 304 26.08 -5.20 12.62
C LYS A 304 27.55 -5.40 12.93
N LYS A 305 28.41 -4.79 12.11
CA LYS A 305 29.85 -4.72 12.38
C LYS A 305 30.53 -3.76 11.41
N ALA B 32 -41.66 -13.94 0.70
CA ALA B 32 -42.42 -12.80 1.20
C ALA B 32 -41.53 -11.84 1.97
N PHE B 33 -41.08 -10.80 1.27
CA PHE B 33 -40.21 -9.75 1.82
C PHE B 33 -38.87 -10.31 2.27
N GLY B 34 -37.79 -9.91 1.60
CA GLY B 34 -36.46 -10.37 1.92
C GLY B 34 -35.96 -11.50 1.06
N ARG B 35 -36.82 -12.11 0.26
CA ARG B 35 -36.38 -13.16 -0.65
C ARG B 35 -35.67 -12.54 -1.84
N ALA B 36 -34.49 -13.07 -2.16
CA ALA B 36 -33.69 -12.55 -3.26
C ALA B 36 -32.93 -13.70 -3.91
N THR B 37 -32.77 -13.63 -5.22
CA THR B 37 -31.98 -14.60 -5.97
C THR B 37 -30.69 -14.01 -6.54
N HIS B 38 -30.68 -12.71 -6.81
CA HIS B 38 -29.51 -12.04 -7.35
C HIS B 38 -29.22 -10.80 -6.52
N ALA B 39 -27.98 -10.32 -6.64
CA ALA B 39 -27.56 -9.06 -6.08
C ALA B 39 -26.55 -8.45 -7.03
N VAL B 40 -26.63 -7.13 -7.21
CA VAL B 40 -25.73 -6.41 -8.08
C VAL B 40 -24.82 -5.55 -7.22
N VAL B 41 -23.51 -5.66 -7.46
CA VAL B 41 -22.49 -4.90 -6.76
C VAL B 41 -21.64 -4.17 -7.79
N ARG B 42 -20.61 -3.49 -7.30
CA ARG B 42 -19.65 -2.80 -8.17
C ARG B 42 -18.33 -2.70 -7.42
N ALA B 43 -17.23 -2.90 -8.16
CA ALA B 43 -15.92 -2.74 -7.56
C ALA B 43 -15.65 -1.27 -7.24
N LEU B 44 -14.88 -1.03 -6.17
CA LEU B 44 -14.62 0.38 -5.95
C LEU B 44 -13.40 0.83 -6.74
N PRO B 45 -13.34 2.09 -7.13
CA PRO B 45 -12.18 2.60 -7.86
C PRO B 45 -11.13 3.19 -6.93
N GLU B 46 -9.92 3.36 -7.49
CA GLU B 46 -8.83 3.93 -6.71
C GLU B 46 -9.08 5.40 -6.35
N SER B 47 -9.81 6.14 -7.18
CA SER B 47 -10.14 7.52 -6.84
C SER B 47 -11.06 7.64 -5.64
N LEU B 48 -11.65 6.54 -5.18
CA LEU B 48 -12.58 6.65 -4.06
C LEU B 48 -11.86 7.21 -2.84
N GLY B 49 -10.60 6.84 -2.65
CA GLY B 49 -9.88 7.22 -1.45
C GLY B 49 -9.74 8.72 -1.28
N GLN B 50 -9.72 9.47 -2.38
CA GLN B 50 -9.51 10.91 -2.32
C GLN B 50 -10.63 11.74 -2.94
N HIS B 51 -11.41 11.17 -3.86
CA HIS B 51 -12.40 11.94 -4.61
C HIS B 51 -13.84 11.49 -4.36
N ALA B 52 -14.08 10.66 -3.35
CA ALA B 52 -15.44 10.25 -3.04
C ALA B 52 -16.11 11.29 -2.15
N LEU B 53 -17.41 11.46 -2.36
CA LEU B 53 -18.17 12.45 -1.59
C LEU B 53 -18.29 12.02 -0.14
N ARG B 54 -18.13 12.98 0.76
CA ARG B 54 -18.23 12.72 2.19
C ARG B 54 -18.65 14.00 2.90
N SER B 55 -18.98 13.87 4.18
CA SER B 55 -19.47 14.98 4.97
C SER B 55 -18.88 14.98 6.38
N GLY B 58 -13.13 13.46 8.37
CA GLY B 58 -11.76 13.13 8.72
C GLY B 58 -11.41 11.68 8.49
N GLU B 59 -10.21 11.30 8.93
CA GLU B 59 -9.67 9.94 8.82
C GLU B 59 -9.44 9.54 7.36
N GLU B 60 -8.21 9.13 7.04
CA GLU B 60 -7.86 8.78 5.68
C GLU B 60 -8.38 7.38 5.35
N VAL B 61 -8.90 7.23 4.14
CA VAL B 61 -9.49 5.97 3.71
C VAL B 61 -8.39 5.04 3.21
N ASP B 62 -8.36 3.82 3.74
CA ASP B 62 -7.44 2.78 3.27
C ASP B 62 -8.11 2.06 2.12
N VAL B 63 -7.77 2.45 0.89
CA VAL B 63 -8.40 1.86 -0.29
C VAL B 63 -8.16 0.36 -0.35
N ALA B 64 -7.02 -0.11 0.16
CA ALA B 64 -6.74 -1.54 0.13
C ALA B 64 -7.55 -2.29 1.17
N ARG B 65 -7.83 -1.66 2.31
CA ARG B 65 -8.69 -2.27 3.32
C ARG B 65 -10.16 -2.18 2.93
N ALA B 66 -10.55 -1.11 2.23
CA ALA B 66 -11.92 -0.99 1.76
C ALA B 66 -12.25 -2.08 0.75
N GLU B 67 -11.34 -2.33 -0.19
CA GLU B 67 -11.56 -3.42 -1.15
C GLU B 67 -11.54 -4.78 -0.45
N ARG B 68 -10.80 -4.91 0.65
CA ARG B 68 -10.82 -6.16 1.41
C ARG B 68 -12.17 -6.34 2.10
N GLN B 69 -12.65 -5.29 2.77
CA GLN B 69 -13.98 -5.34 3.37
C GLN B 69 -15.07 -5.48 2.30
N HIS B 70 -14.78 -5.08 1.06
CA HIS B 70 -15.73 -5.26 -0.03
C HIS B 70 -15.69 -6.69 -0.57
N GLN B 71 -14.51 -7.30 -0.60
CA GLN B 71 -14.42 -8.69 -1.06
C GLN B 71 -15.09 -9.63 -0.07
N LEU B 72 -14.96 -9.36 1.23
CA LEU B 72 -15.67 -10.14 2.23
C LEU B 72 -17.17 -9.90 2.14
N TYR B 73 -17.57 -8.66 1.86
CA TYR B 73 -18.98 -8.32 1.68
C TYR B 73 -19.60 -9.14 0.56
N VAL B 74 -18.94 -9.18 -0.60
CA VAL B 74 -19.46 -9.94 -1.72
C VAL B 74 -19.41 -11.44 -1.43
N GLY B 75 -18.42 -11.90 -0.68
CA GLY B 75 -18.34 -13.32 -0.35
C GLY B 75 -19.51 -13.79 0.49
N VAL B 76 -20.13 -12.88 1.24
CA VAL B 76 -21.28 -13.25 2.05
C VAL B 76 -22.50 -13.45 1.17
N LEU B 77 -22.72 -12.55 0.21
CA LEU B 77 -23.92 -12.63 -0.62
C LEU B 77 -23.81 -13.74 -1.66
N GLY B 78 -22.64 -13.91 -2.26
CA GLY B 78 -22.48 -14.88 -3.32
C GLY B 78 -22.31 -16.30 -2.83
N SER B 79 -21.20 -16.56 -2.13
CA SER B 79 -20.84 -17.91 -1.73
C SER B 79 -21.54 -18.35 -0.45
N LYS B 80 -21.61 -17.48 0.56
CA LYS B 80 -22.11 -17.90 1.86
C LYS B 80 -23.60 -18.20 1.80
N LEU B 81 -24.41 -17.28 1.27
CA LEU B 81 -25.86 -17.41 1.30
C LEU B 81 -26.45 -17.97 0.02
N GLY B 82 -25.78 -17.80 -1.12
CA GLY B 82 -26.19 -18.47 -2.35
C GLY B 82 -26.68 -17.57 -3.45
N LEU B 83 -26.68 -16.25 -3.25
CA LEU B 83 -27.12 -15.34 -4.31
C LEU B 83 -26.13 -15.35 -5.46
N GLN B 84 -26.65 -15.15 -6.67
CA GLN B 84 -25.80 -15.01 -7.85
C GLN B 84 -25.43 -13.53 -8.00
N VAL B 85 -24.18 -13.21 -7.67
CA VAL B 85 -23.73 -11.83 -7.68
C VAL B 85 -23.31 -11.43 -9.08
N VAL B 86 -23.64 -10.20 -9.46
CA VAL B 86 -23.17 -9.59 -10.70
C VAL B 86 -22.24 -8.46 -10.30
N GLU B 87 -20.95 -8.60 -10.62
CA GLU B 87 -19.94 -7.63 -10.24
C GLU B 87 -19.78 -6.60 -11.35
N LEU B 88 -20.06 -5.34 -11.04
CA LEU B 88 -19.80 -4.38 -12.10
C LEU B 88 -18.38 -3.87 -12.01
N PRO B 89 -17.69 -3.72 -13.13
CA PRO B 89 -16.30 -3.26 -13.09
C PRO B 89 -16.20 -1.83 -12.59
N ALA B 90 -15.18 -1.59 -11.77
CA ALA B 90 -14.95 -0.24 -11.24
C ALA B 90 -14.66 0.73 -12.38
N ASP B 91 -15.02 1.98 -12.16
CA ASP B 91 -14.73 3.04 -13.13
C ASP B 91 -14.07 4.19 -12.41
N GLU B 92 -12.91 4.62 -12.91
CA GLU B 92 -12.07 5.51 -12.12
C GLU B 92 -12.55 6.96 -12.15
N SER B 93 -13.24 7.39 -13.21
CA SER B 93 -13.84 8.71 -13.24
C SER B 93 -15.04 8.86 -12.32
N LEU B 94 -15.62 7.75 -11.84
CA LEU B 94 -16.75 7.76 -10.91
C LEU B 94 -16.24 7.28 -9.55
N PRO B 95 -15.86 8.17 -8.63
CA PRO B 95 -15.26 7.72 -7.37
C PRO B 95 -16.21 7.02 -6.42
N ASP B 96 -17.52 7.11 -6.62
CA ASP B 96 -18.50 6.51 -5.71
C ASP B 96 -19.24 5.33 -6.34
N CYS B 97 -18.77 4.85 -7.49
CA CYS B 97 -19.52 3.84 -8.24
C CYS B 97 -19.76 2.56 -7.46
N VAL B 98 -19.00 2.34 -6.38
CA VAL B 98 -19.20 1.14 -5.57
C VAL B 98 -20.57 1.15 -4.91
N PHE B 99 -21.10 2.34 -4.62
CA PHE B 99 -22.40 2.47 -3.96
C PHE B 99 -23.49 2.37 -5.01
N VAL B 100 -23.94 1.13 -5.27
CA VAL B 100 -24.89 0.87 -6.34
C VAL B 100 -26.33 1.08 -5.94
N GLU B 101 -26.64 1.12 -4.63
CA GLU B 101 -28.02 1.25 -4.18
C GLU B 101 -28.62 2.59 -4.60
N ASP B 102 -27.79 3.63 -4.71
CA ASP B 102 -28.31 4.97 -4.93
C ASP B 102 -28.81 5.18 -6.36
N VAL B 103 -28.37 4.38 -7.32
CA VAL B 103 -28.72 4.59 -8.72
C VAL B 103 -29.81 3.65 -9.21
N ALA B 104 -30.29 2.74 -8.37
CA ALA B 104 -31.31 1.78 -8.82
C ALA B 104 -32.17 1.39 -7.63
N VAL B 105 -33.48 1.65 -7.74
CA VAL B 105 -34.47 1.15 -6.81
C VAL B 105 -35.24 0.05 -7.52
N VAL B 106 -35.27 -1.13 -6.90
CA VAL B 106 -35.92 -2.31 -7.45
C VAL B 106 -37.02 -2.76 -6.50
N CYS B 107 -38.06 -3.36 -7.08
CA CYS B 107 -39.24 -3.79 -6.33
C CYS B 107 -40.14 -4.57 -7.28
N GLU B 108 -40.27 -5.88 -7.04
CA GLU B 108 -40.99 -6.82 -7.94
C GLU B 108 -40.25 -6.84 -9.27
N GLU B 109 -40.94 -6.79 -10.41
CA GLU B 109 -40.31 -6.93 -11.71
C GLU B 109 -39.86 -5.61 -12.30
N THR B 110 -39.84 -4.54 -11.52
CA THR B 110 -39.55 -3.21 -12.02
C THR B 110 -38.27 -2.68 -11.37
N ALA B 111 -37.42 -2.04 -12.19
CA ALA B 111 -36.18 -1.44 -11.73
C ALA B 111 -36.21 0.05 -12.09
N LEU B 112 -36.13 0.90 -11.08
CA LEU B 112 -36.16 2.35 -11.25
C LEU B 112 -34.73 2.86 -11.30
N ILE B 113 -34.27 3.24 -12.49
CA ILE B 113 -32.95 3.84 -12.67
C ILE B 113 -33.07 5.30 -12.27
N THR B 114 -32.70 5.59 -11.02
CA THR B 114 -32.90 6.93 -10.47
C THR B 114 -31.95 7.94 -11.12
N ARG B 115 -32.06 9.18 -10.69
CA ARG B 115 -31.18 10.26 -11.11
C ARG B 115 -30.56 10.86 -9.85
N PRO B 116 -29.35 10.47 -9.48
CA PRO B 116 -28.81 10.84 -8.17
C PRO B 116 -28.66 12.34 -8.02
N GLY B 117 -28.73 12.81 -6.76
CA GLY B 117 -28.64 14.23 -6.50
C GLY B 117 -27.27 14.80 -6.81
N ALA B 118 -26.21 14.08 -6.49
CA ALA B 118 -24.87 14.52 -6.84
C ALA B 118 -24.68 14.40 -8.34
N PRO B 119 -24.20 15.44 -9.03
CA PRO B 119 -24.02 15.34 -10.49
C PRO B 119 -22.85 14.48 -10.92
N SER B 120 -21.86 14.25 -10.06
CA SER B 120 -20.72 13.40 -10.43
C SER B 120 -21.01 11.91 -10.29
N ARG B 121 -22.28 11.53 -10.16
CA ARG B 121 -22.70 10.13 -10.11
C ARG B 121 -23.69 9.77 -11.20
N ARG B 122 -24.27 10.76 -11.91
CA ARG B 122 -25.33 10.52 -12.88
C ARG B 122 -24.95 9.53 -13.96
N LYS B 123 -23.66 9.22 -14.11
CA LYS B 123 -23.20 8.29 -15.13
C LYS B 123 -23.00 6.87 -14.62
N GLU B 124 -23.08 6.66 -13.30
CA GLU B 124 -23.06 5.30 -12.77
C GLU B 124 -24.23 4.48 -13.27
N VAL B 125 -25.30 5.13 -13.73
CA VAL B 125 -26.49 4.43 -14.19
C VAL B 125 -26.28 3.78 -15.56
N ASP B 126 -25.23 4.17 -16.28
CA ASP B 126 -25.02 3.63 -17.62
C ASP B 126 -24.79 2.13 -17.58
N MET B 127 -23.73 1.70 -16.90
CA MET B 127 -23.49 0.26 -16.78
C MET B 127 -24.47 -0.41 -15.81
N MET B 128 -25.14 0.39 -14.96
CA MET B 128 -26.15 -0.17 -14.08
C MET B 128 -27.38 -0.63 -14.87
N LYS B 129 -27.82 0.18 -15.83
CA LYS B 129 -28.89 -0.25 -16.71
C LYS B 129 -28.53 -1.55 -17.41
N GLU B 130 -27.35 -1.59 -18.05
CA GLU B 130 -26.92 -2.76 -18.82
C GLU B 130 -27.11 -4.06 -18.04
N ALA B 131 -26.76 -4.07 -16.76
CA ALA B 131 -26.92 -5.27 -15.95
C ALA B 131 -28.38 -5.61 -15.74
N LEU B 132 -29.22 -4.60 -15.47
CA LEU B 132 -30.64 -4.85 -15.22
C LEU B 132 -31.40 -5.19 -16.49
N GLU B 133 -30.88 -4.83 -17.66
CA GLU B 133 -31.46 -5.28 -18.91
C GLU B 133 -30.94 -6.67 -19.29
N LYS B 134 -29.77 -7.05 -18.80
CA LYS B 134 -29.34 -8.45 -18.93
C LYS B 134 -30.05 -9.31 -17.89
N LEU B 135 -30.04 -8.90 -16.63
CA LEU B 135 -30.91 -9.52 -15.64
C LEU B 135 -32.38 -9.28 -15.94
N GLN B 136 -32.69 -8.36 -16.85
CA GLN B 136 -33.93 -8.38 -17.61
C GLN B 136 -35.12 -7.86 -16.81
N LEU B 137 -35.00 -6.70 -16.21
CA LEU B 137 -36.09 -6.12 -15.44
C LEU B 137 -36.79 -5.04 -16.25
N ASN B 138 -37.89 -4.54 -15.72
CA ASN B 138 -38.58 -3.41 -16.33
C ASN B 138 -37.81 -2.14 -16.00
N ILE B 139 -37.20 -1.54 -17.03
CA ILE B 139 -36.32 -0.40 -16.84
C ILE B 139 -37.14 0.88 -16.96
N VAL B 140 -37.12 1.69 -15.90
CA VAL B 140 -37.74 3.01 -15.90
C VAL B 140 -36.68 4.00 -15.45
N GLU B 141 -36.21 4.83 -16.37
CA GLU B 141 -35.21 5.85 -16.09
C GLU B 141 -35.93 7.19 -15.87
N MET B 142 -35.74 7.78 -14.69
CA MET B 142 -36.32 9.09 -14.42
C MET B 142 -35.41 10.15 -15.04
N LYS B 143 -35.98 10.98 -15.90
CA LYS B 143 -35.22 11.93 -16.70
C LYS B 143 -35.67 13.37 -16.49
N ASP B 144 -36.54 13.62 -15.51
CA ASP B 144 -36.93 14.99 -15.22
C ASP B 144 -35.72 15.78 -14.75
N GLU B 145 -35.55 16.97 -15.32
CA GLU B 145 -34.31 17.74 -15.12
C GLU B 145 -34.08 18.10 -13.66
N ASN B 146 -35.13 18.25 -12.87
CA ASN B 146 -34.96 18.62 -11.48
C ASN B 146 -35.72 17.68 -10.55
N ALA B 147 -35.71 16.40 -10.88
CA ALA B 147 -36.22 15.35 -10.00
C ALA B 147 -35.02 14.48 -9.65
N THR B 148 -34.45 14.70 -8.48
CA THR B 148 -33.32 13.92 -8.01
C THR B 148 -33.77 12.92 -6.96
N LEU B 149 -33.06 11.79 -6.89
CA LEU B 149 -33.40 10.74 -5.94
C LEU B 149 -32.19 9.85 -5.73
N ASP B 150 -31.89 9.56 -4.47
CA ASP B 150 -30.85 8.62 -4.09
C ASP B 150 -31.51 7.38 -3.48
N GLY B 151 -31.12 6.20 -3.95
CA GLY B 151 -31.66 4.96 -3.43
C GLY B 151 -31.44 4.75 -1.94
N GLY B 152 -30.51 5.51 -1.35
CA GLY B 152 -30.33 5.46 0.09
C GLY B 152 -31.38 6.24 0.87
N ASP B 153 -32.12 7.11 0.19
CA ASP B 153 -33.23 7.83 0.78
C ASP B 153 -34.54 7.06 0.68
N VAL B 154 -34.54 5.88 0.09
CA VAL B 154 -35.75 5.11 -0.20
C VAL B 154 -35.73 3.87 0.67
N LEU B 155 -36.67 3.78 1.61
CA LEU B 155 -36.87 2.58 2.42
C LEU B 155 -38.18 1.93 1.99
N PHE B 156 -38.09 0.73 1.44
CA PHE B 156 -39.25 -0.06 1.05
C PHE B 156 -39.50 -1.10 2.14
N THR B 157 -40.62 -0.97 2.84
CA THR B 157 -40.92 -1.81 3.99
C THR B 157 -41.61 -3.12 3.61
N GLY B 158 -42.07 -3.27 2.38
CA GLY B 158 -42.78 -4.46 1.97
C GLY B 158 -44.16 -4.14 1.45
N ARG B 159 -44.85 -3.20 2.10
CA ARG B 159 -46.18 -2.79 1.68
C ARG B 159 -46.27 -1.32 1.34
N GLU B 160 -45.19 -0.55 1.52
CA GLU B 160 -45.22 0.87 1.20
C GLU B 160 -43.79 1.39 1.10
N PHE B 161 -43.65 2.55 0.47
CA PHE B 161 -42.37 3.20 0.28
C PHE B 161 -42.26 4.43 1.18
N PHE B 162 -41.04 4.69 1.64
CA PHE B 162 -40.72 5.90 2.40
C PHE B 162 -39.50 6.53 1.75
N VAL B 163 -39.68 7.72 1.18
CA VAL B 163 -38.63 8.40 0.44
C VAL B 163 -38.19 9.61 1.24
N GLY B 164 -36.90 9.65 1.58
CA GLY B 164 -36.38 10.79 2.32
C GLY B 164 -36.23 12.01 1.45
N LEU B 165 -36.42 13.17 2.07
CA LEU B 165 -36.29 14.46 1.40
C LEU B 165 -34.97 15.09 1.85
N SER B 166 -33.88 14.67 1.22
CA SER B 166 -32.55 15.12 1.58
C SER B 166 -32.06 16.17 0.58
N LYS B 167 -30.78 16.50 0.66
CA LYS B 167 -30.14 17.33 -0.36
C LYS B 167 -29.79 16.54 -1.61
N ARG B 168 -30.10 15.23 -1.62
CA ARG B 168 -29.96 14.40 -2.81
C ARG B 168 -31.29 13.99 -3.41
N THR B 169 -32.38 14.07 -2.66
CA THR B 169 -33.71 13.66 -3.11
C THR B 169 -34.71 14.76 -2.79
N ASN B 170 -35.46 15.19 -3.80
CA ASN B 170 -36.44 16.27 -3.67
C ASN B 170 -37.86 15.72 -3.77
N GLN B 171 -38.82 16.64 -3.75
CA GLN B 171 -40.22 16.25 -3.79
C GLN B 171 -40.59 15.67 -5.15
N ARG B 172 -40.25 16.38 -6.23
CA ARG B 172 -40.55 15.90 -7.57
C ARG B 172 -39.89 14.54 -7.83
N GLY B 173 -38.74 14.29 -7.22
CA GLY B 173 -38.11 12.98 -7.35
C GLY B 173 -38.94 11.88 -6.71
N ALA B 174 -39.49 12.15 -5.51
CA ALA B 174 -40.37 11.19 -4.87
C ALA B 174 -41.64 10.97 -5.68
N GLU B 175 -42.13 12.02 -6.35
CA GLU B 175 -43.32 11.88 -7.17
C GLU B 175 -43.09 11.05 -8.42
N ILE B 176 -41.85 10.83 -8.81
CA ILE B 176 -41.56 9.92 -9.90
C ILE B 176 -41.47 8.47 -9.42
N LEU B 177 -40.98 8.26 -8.20
CA LEU B 177 -41.00 6.93 -7.62
C LEU B 177 -42.43 6.46 -7.38
N ALA B 178 -43.33 7.38 -7.02
CA ALA B 178 -44.74 7.03 -6.88
C ALA B 178 -45.32 6.56 -8.21
N ASP B 179 -45.10 7.33 -9.28
CA ASP B 179 -45.61 6.95 -10.59
C ASP B 179 -44.90 5.72 -11.14
N THR B 180 -43.73 5.37 -10.61
CA THR B 180 -43.04 4.16 -11.05
C THR B 180 -43.63 2.92 -10.41
N PHE B 181 -43.95 3.00 -9.11
CA PHE B 181 -44.55 1.89 -8.36
C PHE B 181 -45.94 2.36 -7.90
N LYS B 182 -46.96 2.03 -8.70
CA LYS B 182 -48.30 2.56 -8.46
C LYS B 182 -48.99 1.86 -7.29
N ASP B 183 -48.87 0.53 -7.21
CA ASP B 183 -49.61 -0.23 -6.21
C ASP B 183 -48.94 -0.23 -4.84
N TYR B 184 -48.28 0.87 -4.50
CA TYR B 184 -47.66 1.01 -3.18
C TYR B 184 -47.74 2.47 -2.76
N ALA B 185 -48.08 2.69 -1.49
CA ALA B 185 -48.18 4.04 -0.95
C ALA B 185 -46.79 4.58 -0.61
N VAL B 186 -46.49 5.78 -1.10
CA VAL B 186 -45.21 6.43 -0.86
C VAL B 186 -45.41 7.62 0.06
N SER B 187 -44.45 7.83 0.96
CA SER B 187 -44.51 8.93 1.92
C SER B 187 -43.15 9.57 2.05
N THR B 188 -43.14 10.89 2.17
CA THR B 188 -41.91 11.66 2.25
C THR B 188 -41.60 12.01 3.69
N VAL B 189 -40.36 11.75 4.11
CA VAL B 189 -39.89 12.06 5.45
C VAL B 189 -38.67 12.97 5.31
N PRO B 190 -38.61 14.09 6.03
CA PRO B 190 -37.46 14.99 5.91
C PRO B 190 -36.23 14.41 6.61
N VAL B 191 -35.12 14.31 5.87
CA VAL B 191 -33.84 13.89 6.41
C VAL B 191 -32.85 15.04 6.19
N ALA B 192 -32.24 15.50 7.28
CA ALA B 192 -31.39 16.69 7.22
C ALA B 192 -29.93 16.28 7.04
N ASP B 193 -29.03 17.26 7.15
CA ASP B 193 -27.58 17.05 7.03
C ASP B 193 -27.19 16.43 5.69
N GLY B 194 -25.97 15.93 5.60
CA GLY B 194 -25.54 15.18 4.44
C GLY B 194 -25.88 13.71 4.61
N LEU B 195 -27.03 13.44 5.21
CA LEU B 195 -27.49 12.09 5.51
C LEU B 195 -28.43 11.59 4.43
N HIS B 196 -28.62 10.28 4.41
CA HIS B 196 -29.71 9.64 3.68
C HIS B 196 -30.69 9.07 4.70
N LEU B 197 -31.89 8.70 4.21
CA LEU B 197 -32.90 8.13 5.09
C LEU B 197 -32.38 6.87 5.77
N LYS B 198 -31.57 6.08 5.07
CA LYS B 198 -31.04 4.83 5.59
C LYS B 198 -29.65 4.98 6.21
N SER B 199 -29.31 6.19 6.67
CA SER B 199 -28.15 6.37 7.53
C SER B 199 -28.47 6.03 8.98
N PHE B 200 -29.73 5.71 9.28
CA PHE B 200 -30.17 5.42 10.64
C PHE B 200 -31.38 4.49 10.64
N CYS B 201 -31.64 3.80 9.53
CA CYS B 201 -32.90 3.12 9.34
C CYS B 201 -32.73 2.04 8.28
N SER B 202 -33.21 0.83 8.59
CA SER B 202 -33.17 -0.29 7.66
C SER B 202 -34.17 -1.33 8.15
N MET B 203 -34.58 -2.20 7.22
CA MET B 203 -35.56 -3.23 7.54
C MET B 203 -34.85 -4.46 8.07
N ALA B 204 -35.00 -4.72 9.36
CA ALA B 204 -34.38 -5.87 10.01
C ALA B 204 -35.26 -7.12 9.95
N GLY B 205 -36.30 -7.12 9.11
CA GLY B 205 -37.20 -8.24 9.01
C GLY B 205 -38.58 -7.80 8.56
N PRO B 206 -39.51 -8.76 8.46
CA PRO B 206 -40.87 -8.42 8.04
C PRO B 206 -41.58 -7.59 9.09
N ASN B 207 -42.10 -6.43 8.67
CA ASN B 207 -42.80 -5.49 9.54
C ASN B 207 -41.94 -5.03 10.71
N LEU B 208 -40.62 -5.09 10.55
CA LEU B 208 -39.68 -4.73 11.61
C LEU B 208 -38.63 -3.78 11.03
N ILE B 209 -38.60 -2.55 11.53
CA ILE B 209 -37.66 -1.53 11.08
C ILE B 209 -36.60 -1.35 12.14
N ALA B 210 -35.33 -1.40 11.72
CA ALA B 210 -34.22 -1.07 12.60
C ALA B 210 -34.03 0.44 12.59
N ILE B 211 -34.10 1.05 13.78
CA ILE B 211 -34.07 2.51 13.89
C ILE B 211 -32.99 2.91 14.88
N GLY B 212 -32.42 4.10 14.67
CA GLY B 212 -31.45 4.64 15.59
C GLY B 212 -32.11 5.26 16.81
N SER B 213 -31.28 5.51 17.82
CA SER B 213 -31.75 6.09 19.07
C SER B 213 -31.66 7.60 19.10
N SER B 214 -31.05 8.22 18.11
CA SER B 214 -30.90 9.68 18.10
C SER B 214 -32.25 10.34 17.83
N GLU B 215 -32.41 11.55 18.39
CA GLU B 215 -33.66 12.27 18.24
C GLU B 215 -33.96 12.60 16.79
N SER B 216 -32.93 12.78 15.96
CA SER B 216 -33.17 12.95 14.54
C SER B 216 -33.71 11.66 13.92
N ALA B 217 -33.24 10.51 14.40
CA ALA B 217 -33.76 9.24 13.92
C ALA B 217 -35.13 8.93 14.52
N GLN B 218 -35.33 9.28 15.78
CA GLN B 218 -36.62 8.98 16.41
C GLN B 218 -37.72 9.90 15.90
N LYS B 219 -37.39 11.17 15.63
CA LYS B 219 -38.37 12.07 15.02
C LYS B 219 -38.76 11.58 13.63
N ALA B 220 -37.77 11.19 12.82
CA ALA B 220 -38.06 10.66 11.49
C ALA B 220 -38.90 9.40 11.56
N LEU B 221 -38.71 8.59 12.60
CA LEU B 221 -39.56 7.43 12.80
C LEU B 221 -41.00 7.86 13.10
N LYS B 222 -41.17 8.80 14.04
CA LYS B 222 -42.49 9.31 14.38
C LYS B 222 -43.25 9.74 13.14
N ILE B 223 -42.58 10.48 12.25
CA ILE B 223 -43.23 10.93 11.02
C ILE B 223 -43.55 9.75 10.11
N MET B 224 -42.71 8.72 10.12
CA MET B 224 -42.93 7.57 9.25
C MET B 224 -44.08 6.70 9.74
N GLN B 225 -44.35 6.71 11.05
CA GLN B 225 -45.37 5.84 11.62
C GLN B 225 -46.76 6.46 11.62
N GLN B 226 -46.88 7.77 11.41
CA GLN B 226 -48.19 8.39 11.27
C GLN B 226 -48.63 8.52 9.83
N MET B 227 -47.70 8.76 8.90
CA MET B 227 -48.05 8.88 7.49
C MET B 227 -48.33 7.52 6.85
N SER B 228 -47.91 6.44 7.48
CA SER B 228 -48.12 5.11 6.92
C SER B 228 -49.54 4.64 7.20
N ASP B 229 -50.07 3.82 6.28
CA ASP B 229 -51.37 3.20 6.50
C ASP B 229 -51.29 2.20 7.64
N HIS B 230 -50.61 1.07 7.42
CA HIS B 230 -50.43 0.11 8.48
C HIS B 230 -49.18 0.43 9.29
N ARG B 231 -48.60 -0.58 9.93
CA ARG B 231 -47.80 -0.35 11.12
C ARG B 231 -46.63 -1.33 11.16
N TYR B 232 -45.61 -0.98 11.94
CA TYR B 232 -44.38 -1.77 12.01
C TYR B 232 -43.85 -1.79 13.43
N ASP B 233 -43.18 -2.89 13.77
CA ASP B 233 -42.41 -3.01 14.99
C ASP B 233 -41.04 -2.35 14.80
N LYS B 234 -40.39 -2.04 15.90
CA LYS B 234 -39.13 -1.31 15.87
C LYS B 234 -38.06 -2.03 16.68
N LEU B 235 -36.80 -1.82 16.28
CA LEU B 235 -35.64 -2.38 16.96
C LEU B 235 -34.62 -1.25 17.07
N THR B 236 -34.68 -0.50 18.17
CA THR B 236 -33.79 0.64 18.36
C THR B 236 -32.39 0.15 18.69
N VAL B 237 -31.41 0.57 17.89
CA VAL B 237 -30.01 0.27 18.16
C VAL B 237 -29.32 1.54 18.63
N PRO B 238 -28.32 1.45 19.50
CA PRO B 238 -27.68 2.68 20.03
C PRO B 238 -27.01 3.53 18.96
N ASP B 239 -26.28 2.93 18.03
CA ASP B 239 -25.56 3.67 17.01
C ASP B 239 -26.41 3.77 15.75
N ASP B 240 -26.69 5.00 15.31
CA ASP B 240 -27.53 5.20 14.13
C ASP B 240 -26.94 4.52 12.91
N ILE B 241 -25.61 4.41 12.82
CA ILE B 241 -24.99 3.76 11.68
C ILE B 241 -25.31 2.26 11.67
N ALA B 242 -25.29 1.64 12.85
CA ALA B 242 -25.59 0.21 12.94
C ALA B 242 -27.05 -0.09 12.63
N ALA B 243 -27.94 0.91 12.69
CA ALA B 243 -29.33 0.72 12.29
C ALA B 243 -29.46 0.40 10.81
N ASN B 244 -28.40 0.57 10.03
CA ASN B 244 -28.37 0.12 8.64
C ASN B 244 -27.86 -1.31 8.61
N CYS B 245 -28.69 -2.23 8.12
CA CYS B 245 -28.32 -3.63 8.02
C CYS B 245 -29.06 -4.23 6.84
N ILE B 246 -28.71 -5.48 6.51
CA ILE B 246 -29.32 -6.19 5.40
C ILE B 246 -30.06 -7.39 5.94
N TYR B 247 -31.37 -7.42 5.72
CA TYR B 247 -32.19 -8.57 6.05
C TYR B 247 -32.49 -9.36 4.78
N LEU B 248 -32.52 -10.68 4.92
CA LEU B 248 -32.82 -11.56 3.81
C LEU B 248 -33.70 -12.70 4.28
N ASN B 249 -34.36 -13.36 3.31
CA ASN B 249 -35.31 -14.44 3.58
C ASN B 249 -34.98 -15.57 2.60
N ILE B 250 -33.90 -16.28 2.87
CA ILE B 250 -33.35 -17.29 1.97
C ILE B 250 -33.94 -18.64 2.33
N PRO B 251 -34.42 -19.42 1.35
CA PRO B 251 -34.95 -20.75 1.68
C PRO B 251 -33.86 -21.67 2.20
N ASN B 252 -34.26 -22.60 3.06
CA ASN B 252 -33.43 -23.63 3.65
C ASN B 252 -32.40 -23.10 4.64
N LYS B 253 -32.35 -21.78 4.88
CA LYS B 253 -31.42 -21.21 5.84
C LYS B 253 -32.06 -20.30 6.87
N GLY B 254 -33.26 -19.78 6.64
CA GLY B 254 -33.95 -18.99 7.64
C GLY B 254 -33.98 -17.50 7.35
N HIS B 255 -34.08 -16.69 8.40
CA HIS B 255 -34.07 -15.24 8.28
C HIS B 255 -32.65 -14.75 8.53
N VAL B 256 -32.03 -14.19 7.50
CA VAL B 256 -30.63 -13.77 7.55
C VAL B 256 -30.57 -12.27 7.77
N LEU B 257 -29.69 -11.83 8.66
CA LEU B 257 -29.51 -10.41 8.97
C LEU B 257 -28.02 -10.10 9.00
N LEU B 258 -27.58 -9.25 8.07
CA LEU B 258 -26.20 -8.82 8.00
C LEU B 258 -26.08 -7.50 8.75
N HIS B 259 -25.35 -7.51 9.87
CA HIS B 259 -25.20 -6.31 10.69
C HIS B 259 -23.72 -6.03 10.91
N ARG B 260 -23.45 -4.84 11.46
CA ARG B 260 -22.08 -4.41 11.71
C ARG B 260 -21.47 -5.21 12.86
N THR B 261 -20.14 -5.33 12.82
CA THR B 261 -19.43 -6.14 13.80
C THR B 261 -19.40 -5.44 15.16
N PRO B 262 -19.24 -6.21 16.24
CA PRO B 262 -19.10 -5.58 17.56
C PRO B 262 -17.86 -4.72 17.68
N GLU B 263 -16.83 -5.00 16.89
CA GLU B 263 -15.64 -4.16 16.90
C GLU B 263 -15.94 -2.78 16.33
N GLU B 264 -16.78 -2.73 15.28
CA GLU B 264 -17.20 -1.44 14.74
C GLU B 264 -18.13 -0.71 15.69
N TYR B 265 -19.10 -1.42 16.27
CA TYR B 265 -20.09 -0.83 17.18
C TYR B 265 -20.49 -1.89 18.20
N PRO B 266 -19.98 -1.82 19.41
CA PRO B 266 -20.26 -2.87 20.39
C PRO B 266 -21.57 -2.66 21.14
N GLU B 267 -22.03 -1.41 21.23
CA GLU B 267 -23.30 -1.13 21.89
C GLU B 267 -24.46 -1.75 21.13
N SER B 268 -24.45 -1.62 19.80
CA SER B 268 -25.56 -2.09 18.99
C SER B 268 -25.46 -3.58 18.64
N ALA B 269 -24.28 -4.18 18.82
CA ALA B 269 -24.11 -5.59 18.47
C ALA B 269 -25.05 -6.47 19.29
N LYS B 270 -25.13 -6.23 20.60
CA LYS B 270 -25.98 -7.04 21.46
C LYS B 270 -27.46 -6.87 21.14
N VAL B 271 -27.85 -5.69 20.61
CA VAL B 271 -29.25 -5.44 20.30
C VAL B 271 -29.74 -6.42 19.24
N TYR B 272 -28.93 -6.65 18.21
CA TYR B 272 -29.34 -7.57 17.15
C TYR B 272 -29.33 -9.02 17.64
N GLU B 273 -28.48 -9.34 18.62
CA GLU B 273 -28.46 -10.70 19.16
C GLU B 273 -29.74 -11.07 19.88
N LYS B 274 -30.63 -10.10 20.13
CA LYS B 274 -31.93 -10.42 20.70
C LYS B 274 -32.76 -11.28 19.75
N LEU B 275 -32.49 -11.19 18.44
CA LEU B 275 -33.28 -11.89 17.44
C LEU B 275 -32.82 -13.35 17.38
N LYS B 276 -33.46 -14.20 18.19
CA LYS B 276 -33.14 -15.62 18.17
C LYS B 276 -33.60 -16.28 16.87
N ASP B 277 -34.65 -15.74 16.26
CA ASP B 277 -35.18 -16.30 15.02
C ASP B 277 -34.33 -15.95 13.80
N HIS B 278 -33.33 -15.10 13.96
CA HIS B 278 -32.50 -14.64 12.84
C HIS B 278 -31.11 -15.26 12.91
N MET B 279 -30.55 -15.51 11.72
CA MET B 279 -29.17 -15.96 11.59
C MET B 279 -28.31 -14.73 11.34
N LEU B 280 -27.81 -14.15 12.43
CA LEU B 280 -27.06 -12.90 12.33
C LEU B 280 -25.69 -13.13 11.72
N ILE B 281 -25.29 -12.22 10.82
CA ILE B 281 -23.99 -12.27 10.19
C ILE B 281 -23.27 -10.95 10.43
N PRO B 282 -22.20 -10.92 11.22
CA PRO B 282 -21.43 -9.67 11.39
C PRO B 282 -20.61 -9.38 10.15
N VAL B 283 -20.87 -8.22 9.54
CA VAL B 283 -20.17 -7.79 8.33
C VAL B 283 -19.58 -6.40 8.58
N SER B 284 -18.31 -6.24 8.25
CA SER B 284 -17.59 -5.00 8.53
C SER B 284 -17.67 -4.05 7.33
N MET B 285 -17.74 -2.76 7.63
CA MET B 285 -17.81 -1.73 6.60
C MET B 285 -17.23 -0.42 7.14
N SER B 286 -16.19 -0.54 7.98
CA SER B 286 -15.63 0.64 8.64
C SER B 286 -14.96 1.58 7.65
N GLU B 287 -14.24 1.04 6.67
CA GLU B 287 -13.50 1.89 5.74
C GLU B 287 -14.45 2.70 4.87
N LEU B 288 -15.40 2.03 4.21
CA LEU B 288 -16.34 2.74 3.36
C LEU B 288 -17.34 3.58 4.16
N GLU B 289 -17.36 3.43 5.49
CA GLU B 289 -18.22 4.28 6.30
C GLU B 289 -17.72 5.71 6.38
N LYS B 290 -16.43 5.93 6.13
CA LYS B 290 -15.87 7.28 6.19
C LYS B 290 -16.40 8.18 5.09
N VAL B 291 -16.79 7.60 3.96
CA VAL B 291 -17.46 8.34 2.90
C VAL B 291 -18.96 8.09 3.01
N ASP B 292 -19.42 7.81 4.22
CA ASP B 292 -20.84 7.68 4.55
C ASP B 292 -21.52 6.51 3.85
N GLY B 293 -20.75 5.49 3.45
CA GLY B 293 -21.32 4.30 2.86
C GLY B 293 -21.56 3.23 3.91
N LEU B 294 -22.70 2.56 3.81
CA LEU B 294 -23.13 1.60 4.81
C LEU B 294 -23.37 0.23 4.15
N LEU B 295 -23.93 -0.70 4.93
CA LEU B 295 -24.08 -2.07 4.46
C LEU B 295 -25.04 -2.16 3.27
N THR B 296 -26.13 -1.40 3.32
CA THR B 296 -27.16 -1.48 2.29
C THR B 296 -26.75 -0.82 0.98
N CYS B 297 -25.96 0.25 1.08
CA CYS B 297 -25.65 1.10 -0.10
C CYS B 297 -24.79 0.43 -1.15
N CYS B 298 -24.18 -0.70 -0.81
CA CYS B 298 -23.21 -1.34 -1.71
C CYS B 298 -23.81 -2.46 -2.56
N SER B 299 -25.13 -2.58 -2.59
CA SER B 299 -25.76 -3.65 -3.35
C SER B 299 -27.23 -3.35 -3.56
N VAL B 300 -27.76 -3.81 -4.70
CA VAL B 300 -29.19 -3.83 -4.96
C VAL B 300 -29.62 -5.30 -5.07
N LEU B 301 -30.61 -5.69 -4.27
CA LEU B 301 -31.03 -7.08 -4.17
C LEU B 301 -32.19 -7.34 -5.13
N ILE B 302 -32.17 -8.51 -5.76
CA ILE B 302 -33.12 -8.83 -6.83
C ILE B 302 -33.60 -10.26 -6.65
N ASN B 303 -34.92 -10.44 -6.70
CA ASN B 303 -35.55 -11.76 -6.68
C ASN B 303 -36.16 -12.02 -8.05
N LYS B 304 -35.64 -13.02 -8.75
CA LYS B 304 -36.05 -13.26 -10.14
C LYS B 304 -36.85 -14.54 -10.28
N LYS B 305 -37.85 -14.74 -9.43
CA LYS B 305 -38.74 -15.89 -9.54
C LYS B 305 -40.10 -15.61 -8.92
N ALA C 32 -28.32 -8.64 38.05
CA ALA C 32 -28.30 -9.18 36.69
C ALA C 32 -26.92 -9.00 36.06
N PHE C 33 -25.91 -9.55 36.75
CA PHE C 33 -24.50 -9.48 36.35
C PHE C 33 -23.96 -8.05 36.42
N GLY C 34 -22.82 -7.88 37.07
CA GLY C 34 -22.19 -6.58 37.22
C GLY C 34 -22.53 -5.86 38.50
N ARG C 35 -23.68 -6.14 39.09
CA ARG C 35 -24.07 -5.48 40.34
C ARG C 35 -23.19 -5.97 41.48
N ALA C 36 -22.65 -5.03 42.26
CA ALA C 36 -21.84 -5.35 43.42
C ALA C 36 -22.04 -4.29 44.49
N THR C 37 -22.19 -4.72 45.74
CA THR C 37 -22.49 -3.79 46.81
C THR C 37 -21.29 -3.45 47.70
N HIS C 38 -20.24 -4.27 47.72
CA HIS C 38 -19.06 -3.96 48.50
C HIS C 38 -17.81 -4.26 47.66
N ALA C 39 -16.72 -3.60 48.03
CA ALA C 39 -15.42 -3.83 47.41
C ALA C 39 -14.38 -4.02 48.50
N VAL C 40 -13.58 -5.07 48.37
CA VAL C 40 -12.53 -5.38 49.33
C VAL C 40 -11.20 -4.92 48.74
N VAL C 41 -10.58 -3.93 49.38
CA VAL C 41 -9.29 -3.40 48.94
C VAL C 41 -8.32 -3.44 50.11
N ARG C 42 -7.04 -3.30 49.80
CA ARG C 42 -5.99 -3.29 50.80
C ARG C 42 -5.01 -2.17 50.49
N ALA C 43 -4.46 -1.58 51.55
CA ALA C 43 -3.51 -0.49 51.38
C ALA C 43 -2.22 -0.98 50.72
N LEU C 44 -1.59 -0.10 49.99
CA LEU C 44 -0.32 -0.42 49.34
C LEU C 44 0.81 -0.38 50.38
N PRO C 45 1.68 -1.39 50.41
CA PRO C 45 2.83 -1.33 51.30
C PRO C 45 4.04 -0.71 50.61
N GLU C 46 4.82 0.06 51.37
CA GLU C 46 6.05 0.63 50.82
C GLU C 46 7.03 -0.46 50.42
N SER C 47 6.85 -1.68 50.93
CA SER C 47 7.63 -2.82 50.50
C SER C 47 7.31 -3.24 49.06
N LEU C 48 6.21 -2.77 48.48
CA LEU C 48 5.86 -3.20 47.13
C LEU C 48 6.94 -2.80 46.13
N GLY C 49 7.31 -1.52 46.12
CA GLY C 49 8.26 -1.04 45.13
C GLY C 49 9.63 -1.69 45.23
N GLN C 50 9.95 -2.29 46.37
CA GLN C 50 11.27 -2.84 46.62
C GLN C 50 11.21 -4.20 47.31
N HIS C 51 10.16 -4.99 47.04
CA HIS C 51 10.09 -6.34 47.60
C HIS C 51 9.12 -7.23 46.83
N ALA C 52 8.33 -6.65 45.93
CA ALA C 52 7.22 -7.37 45.31
C ALA C 52 7.64 -8.05 44.02
N LEU C 53 7.09 -9.24 43.78
CA LEU C 53 7.46 -10.04 42.62
C LEU C 53 7.01 -9.37 41.32
N ARG C 54 7.84 -9.51 40.29
CA ARG C 54 7.50 -8.98 38.97
C ARG C 54 8.08 -9.89 37.91
N SER C 55 7.53 -9.77 36.69
CA SER C 55 7.97 -10.58 35.56
C SER C 55 8.52 -9.70 34.44
N GLY C 58 11.90 -3.90 33.63
CA GLY C 58 12.85 -2.86 33.97
C GLY C 58 12.19 -1.61 34.53
N GLU C 59 13.01 -0.64 34.94
CA GLU C 59 12.56 0.61 35.54
C GLU C 59 11.80 0.35 36.82
N GLU C 60 12.40 0.74 37.95
CA GLU C 60 11.86 0.41 39.25
C GLU C 60 10.56 1.19 39.52
N VAL C 61 10.02 1.01 40.72
CA VAL C 61 8.68 1.48 41.07
C VAL C 61 8.78 2.79 41.84
N ASP C 62 7.98 3.78 41.46
CA ASP C 62 7.76 4.97 42.28
C ASP C 62 6.71 4.61 43.32
N VAL C 63 7.13 4.45 44.57
CA VAL C 63 6.20 4.07 45.62
C VAL C 63 5.29 5.24 45.99
N ALA C 64 5.74 6.47 45.78
CA ALA C 64 4.92 7.63 46.11
C ALA C 64 3.73 7.75 45.16
N ARG C 65 3.97 7.59 43.86
CA ARG C 65 2.89 7.68 42.89
C ARG C 65 1.99 6.44 42.91
N ALA C 66 2.55 5.29 43.26
CA ALA C 66 1.74 4.07 43.33
C ALA C 66 0.67 4.19 44.41
N GLU C 67 0.98 4.85 45.52
CA GLU C 67 -0.01 5.01 46.58
C GLU C 67 -1.09 6.00 46.17
N ARG C 68 -0.73 7.07 45.46
CA ARG C 68 -1.72 8.02 44.98
C ARG C 68 -2.62 7.37 43.93
N GLN C 69 -2.02 6.66 42.97
CA GLN C 69 -2.81 5.91 41.99
C GLN C 69 -3.73 4.91 42.68
N HIS C 70 -3.27 4.32 43.79
CA HIS C 70 -4.09 3.36 44.51
C HIS C 70 -5.23 4.06 45.25
N GLN C 71 -4.98 5.25 45.79
CA GLN C 71 -6.01 5.95 46.54
C GLN C 71 -7.07 6.55 45.61
N LEU C 72 -6.69 6.91 44.39
CA LEU C 72 -7.70 7.29 43.41
C LEU C 72 -8.53 6.08 43.00
N TYR C 73 -7.89 4.90 42.94
CA TYR C 73 -8.60 3.65 42.66
C TYR C 73 -9.63 3.37 43.74
N VAL C 74 -9.24 3.53 45.01
CA VAL C 74 -10.18 3.35 46.12
C VAL C 74 -11.30 4.40 46.03
N GLY C 75 -10.94 5.64 45.71
CA GLY C 75 -11.95 6.70 45.66
C GLY C 75 -12.96 6.50 44.56
N VAL C 76 -12.58 5.86 43.46
CA VAL C 76 -13.51 5.65 42.35
C VAL C 76 -14.65 4.73 42.78
N LEU C 77 -14.32 3.66 43.52
CA LEU C 77 -15.36 2.72 43.94
C LEU C 77 -16.23 3.31 45.05
N GLY C 78 -15.61 3.81 46.11
CA GLY C 78 -16.35 4.28 47.27
C GLY C 78 -17.09 5.58 47.07
N SER C 79 -16.34 6.69 47.11
CA SER C 79 -16.98 8.01 47.03
C SER C 79 -17.55 8.28 45.64
N LYS C 80 -16.95 7.70 44.61
CA LYS C 80 -17.27 8.05 43.23
C LYS C 80 -18.25 7.09 42.57
N LEU C 81 -18.34 5.85 43.03
CA LEU C 81 -19.35 4.92 42.55
C LEU C 81 -20.38 4.52 43.60
N GLY C 82 -20.11 4.76 44.87
CA GLY C 82 -21.07 4.47 45.92
C GLY C 82 -20.88 3.15 46.63
N LEU C 83 -19.75 2.50 46.47
CA LEU C 83 -19.59 1.18 47.04
C LEU C 83 -19.07 1.32 48.47
N GLN C 84 -19.40 0.33 49.32
CA GLN C 84 -18.87 0.30 50.68
C GLN C 84 -17.48 -0.33 50.62
N VAL C 85 -16.45 0.51 50.77
CA VAL C 85 -15.07 0.09 50.59
C VAL C 85 -14.48 -0.27 51.95
N VAL C 86 -14.05 -1.51 52.10
CA VAL C 86 -13.33 -1.96 53.28
C VAL C 86 -11.85 -1.96 52.95
N GLU C 87 -11.12 -1.00 53.52
CA GLU C 87 -9.69 -0.90 53.29
C GLU C 87 -8.98 -1.86 54.25
N LEU C 88 -8.21 -2.79 53.69
CA LEU C 88 -7.49 -3.61 54.66
C LEU C 88 -6.09 -3.08 54.92
N PRO C 89 -5.59 -3.17 56.15
CA PRO C 89 -4.29 -2.60 56.47
C PRO C 89 -3.16 -3.39 55.82
N ALA C 90 -2.22 -2.66 55.19
CA ALA C 90 -1.05 -3.30 54.60
C ALA C 90 -0.09 -3.77 55.68
N ASP C 91 0.65 -4.83 55.38
CA ASP C 91 1.73 -5.30 56.22
C ASP C 91 2.89 -5.69 55.32
N GLU C 92 4.02 -5.01 55.49
CA GLU C 92 5.14 -5.15 54.57
C GLU C 92 5.83 -6.50 54.65
N SER C 93 5.40 -7.38 55.56
CA SER C 93 5.82 -8.77 55.47
C SER C 93 5.33 -9.41 54.18
N LEU C 94 4.22 -8.91 53.63
CA LEU C 94 3.70 -9.35 52.34
C LEU C 94 3.74 -8.19 51.37
N PRO C 95 4.65 -8.18 50.40
CA PRO C 95 4.76 -7.03 49.50
C PRO C 95 3.60 -6.91 48.52
N ASP C 96 3.05 -8.03 48.06
CA ASP C 96 1.97 -8.03 47.08
C ASP C 96 0.59 -7.89 47.73
N CYS C 97 0.53 -7.45 48.99
CA CYS C 97 -0.73 -7.44 49.73
C CYS C 97 -1.78 -6.56 49.08
N VAL C 98 -1.38 -5.58 48.28
CA VAL C 98 -2.34 -4.71 47.60
C VAL C 98 -3.21 -5.52 46.65
N PHE C 99 -2.66 -6.59 46.08
CA PHE C 99 -3.35 -7.39 45.05
C PHE C 99 -4.15 -8.49 45.74
N VAL C 100 -5.40 -8.16 46.10
CA VAL C 100 -6.21 -9.06 46.91
C VAL C 100 -7.04 -10.05 46.11
N GLU C 101 -7.27 -9.79 44.82
CA GLU C 101 -8.10 -10.69 44.03
C GLU C 101 -7.46 -12.07 43.86
N ASP C 102 -6.14 -12.16 43.97
CA ASP C 102 -5.46 -13.43 43.78
C ASP C 102 -5.72 -14.43 44.90
N VAL C 103 -6.15 -13.95 46.08
CA VAL C 103 -6.30 -14.81 47.25
C VAL C 103 -7.75 -15.13 47.56
N ALA C 104 -8.70 -14.65 46.78
CA ALA C 104 -10.10 -14.96 47.04
C ALA C 104 -10.93 -14.78 45.79
N VAL C 105 -11.86 -15.72 45.58
CA VAL C 105 -12.84 -15.65 44.50
C VAL C 105 -14.23 -15.68 45.14
N VAL C 106 -15.11 -14.80 44.67
CA VAL C 106 -16.43 -14.63 45.25
C VAL C 106 -17.47 -14.69 44.15
N CYS C 107 -18.50 -15.52 44.35
CA CYS C 107 -19.63 -15.60 43.44
C CYS C 107 -20.91 -15.74 44.26
N GLU C 108 -21.87 -14.85 44.01
CA GLU C 108 -23.13 -14.83 44.73
C GLU C 108 -22.89 -14.70 46.23
N GLU C 109 -23.17 -15.75 46.99
CA GLU C 109 -23.07 -15.69 48.45
C GLU C 109 -21.98 -16.60 49.00
N THR C 110 -21.12 -17.17 48.15
CA THR C 110 -20.05 -18.05 48.60
C THR C 110 -18.70 -17.47 48.19
N ALA C 111 -17.71 -17.61 49.07
CA ALA C 111 -16.38 -17.06 48.86
C ALA C 111 -15.35 -18.18 48.97
N LEU C 112 -14.46 -18.26 47.98
CA LEU C 112 -13.43 -19.30 47.93
C LEU C 112 -12.08 -18.66 48.25
N ILE C 113 -11.54 -18.96 49.43
CA ILE C 113 -10.19 -18.54 49.78
C ILE C 113 -9.21 -19.47 49.07
N THR C 114 -8.42 -18.91 48.17
CA THR C 114 -7.54 -19.71 47.33
C THR C 114 -6.21 -19.99 48.03
N ARG C 115 -5.44 -20.90 47.44
CA ARG C 115 -4.08 -21.20 47.87
C ARG C 115 -3.14 -20.61 46.83
N PRO C 116 -2.50 -19.47 47.09
CA PRO C 116 -1.69 -18.82 46.06
C PRO C 116 -0.50 -19.68 45.65
N GLY C 117 -0.19 -19.66 44.35
CA GLY C 117 0.93 -20.43 43.84
C GLY C 117 2.27 -19.98 44.37
N ALA C 118 2.38 -18.74 44.83
CA ALA C 118 3.60 -18.25 45.47
C ALA C 118 3.47 -18.46 46.97
N PRO C 119 4.24 -19.37 47.57
CA PRO C 119 4.07 -19.66 49.00
C PRO C 119 4.24 -18.43 49.90
N SER C 120 4.98 -17.42 49.47
CA SER C 120 5.14 -16.22 50.29
C SER C 120 3.91 -15.35 50.33
N ARG C 121 2.90 -15.65 49.51
CA ARG C 121 1.64 -14.91 49.50
C ARG C 121 0.51 -15.71 50.14
N ARG C 122 0.81 -16.86 50.74
CA ARG C 122 -0.24 -17.71 51.29
C ARG C 122 -0.82 -17.16 52.58
N LYS C 123 -0.07 -16.33 53.32
CA LYS C 123 -0.59 -15.74 54.53
C LYS C 123 -1.17 -14.34 54.29
N GLU C 124 -1.38 -13.97 53.04
CA GLU C 124 -2.19 -12.79 52.72
C GLU C 124 -3.68 -13.04 52.90
N VAL C 125 -4.08 -14.28 53.21
CA VAL C 125 -5.48 -14.64 53.31
C VAL C 125 -6.04 -14.51 54.72
N ASP C 126 -5.20 -14.23 55.72
CA ASP C 126 -5.67 -14.11 57.09
C ASP C 126 -6.70 -12.99 57.21
N MET C 127 -6.29 -11.76 56.92
CA MET C 127 -7.21 -10.64 57.01
C MET C 127 -8.30 -10.70 55.95
N MET C 128 -8.04 -11.37 54.84
CA MET C 128 -9.03 -11.45 53.78
C MET C 128 -10.23 -12.29 54.22
N LYS C 129 -9.97 -13.48 54.75
CA LYS C 129 -11.05 -14.32 55.24
C LYS C 129 -11.79 -13.65 56.39
N GLU C 130 -11.03 -13.09 57.34
CA GLU C 130 -11.64 -12.40 58.47
C GLU C 130 -12.57 -11.28 58.01
N ALA C 131 -12.13 -10.51 57.01
CA ALA C 131 -13.00 -9.48 56.45
C ALA C 131 -14.23 -10.11 55.78
N LEU C 132 -14.02 -11.21 55.06
CA LEU C 132 -15.15 -11.89 54.42
C LEU C 132 -16.06 -12.54 55.46
N GLU C 133 -15.47 -13.14 56.50
CA GLU C 133 -16.27 -13.64 57.61
C GLU C 133 -17.12 -12.53 58.20
N LYS C 134 -16.57 -11.32 58.26
CA LYS C 134 -17.34 -10.16 58.72
C LYS C 134 -18.54 -9.89 57.82
N LEU C 135 -18.39 -10.12 56.52
CA LEU C 135 -19.43 -9.80 55.55
C LEU C 135 -20.41 -10.94 55.31
N GLN C 136 -20.42 -11.95 56.20
CA GLN C 136 -21.47 -12.97 56.22
C GLN C 136 -21.59 -13.71 54.88
N LEU C 137 -20.47 -14.22 54.39
CA LEU C 137 -20.46 -15.09 53.23
C LEU C 137 -20.08 -16.50 53.68
N ASN C 138 -20.33 -17.47 52.80
CA ASN C 138 -19.93 -18.85 53.04
C ASN C 138 -18.49 -19.04 52.57
N ILE C 139 -17.59 -19.29 53.50
CA ILE C 139 -16.16 -19.33 53.22
C ILE C 139 -15.73 -20.76 52.94
N VAL C 140 -14.99 -20.94 51.85
CA VAL C 140 -14.42 -22.23 51.47
C VAL C 140 -12.93 -22.01 51.26
N GLU C 141 -12.10 -22.56 52.14
CA GLU C 141 -10.65 -22.40 52.06
C GLU C 141 -10.04 -23.54 51.26
N MET C 142 -9.09 -23.21 50.39
CA MET C 142 -8.32 -24.19 49.64
C MET C 142 -7.03 -24.42 50.41
N LYS C 143 -6.97 -25.53 51.14
CA LYS C 143 -5.80 -25.91 51.92
C LYS C 143 -5.12 -27.15 51.37
N ASP C 144 -5.61 -27.69 50.26
CA ASP C 144 -4.96 -28.82 49.60
C ASP C 144 -3.56 -28.43 49.16
N GLU C 145 -2.54 -28.94 49.85
CA GLU C 145 -1.17 -28.80 49.37
C GLU C 145 -1.02 -29.31 47.94
N ASN C 146 -2.04 -30.00 47.43
CA ASN C 146 -2.15 -30.28 46.00
C ASN C 146 -2.25 -28.99 45.20
N ALA C 147 -3.25 -28.18 45.51
CA ALA C 147 -3.76 -27.17 44.58
C ALA C 147 -3.10 -25.81 44.79
N THR C 148 -2.82 -25.15 43.66
CA THR C 148 -2.35 -23.76 43.64
C THR C 148 -3.25 -23.01 42.68
N LEU C 149 -3.77 -21.86 43.12
CA LEU C 149 -4.67 -21.08 42.29
C LEU C 149 -4.56 -19.60 42.63
N ASP C 150 -4.44 -18.78 41.60
CA ASP C 150 -4.44 -17.32 41.74
C ASP C 150 -5.74 -16.77 41.17
N GLY C 151 -6.41 -15.91 41.94
CA GLY C 151 -7.66 -15.32 41.51
C GLY C 151 -7.58 -14.56 40.20
N GLY C 152 -6.38 -14.08 39.83
CA GLY C 152 -6.20 -13.46 38.54
C GLY C 152 -6.34 -14.42 37.38
N ASP C 153 -6.15 -15.71 37.62
CA ASP C 153 -6.35 -16.73 36.61
C ASP C 153 -7.80 -17.10 36.41
N VAL C 154 -8.71 -16.53 37.19
CA VAL C 154 -10.10 -16.95 37.27
C VAL C 154 -10.97 -15.84 36.67
N LEU C 155 -11.57 -16.12 35.52
CA LEU C 155 -12.48 -15.18 34.86
C LEU C 155 -13.89 -15.74 34.92
N PHE C 156 -14.77 -15.04 35.64
CA PHE C 156 -16.17 -15.41 35.73
C PHE C 156 -16.96 -14.54 34.75
N THR C 157 -17.60 -15.19 33.79
CA THR C 157 -18.31 -14.50 32.72
C THR C 157 -19.78 -14.26 33.04
N GLY C 158 -20.21 -14.56 34.26
CA GLY C 158 -21.61 -14.52 34.63
C GLY C 158 -22.35 -15.81 34.34
N ARG C 159 -21.88 -16.60 33.37
CA ARG C 159 -22.51 -17.86 33.00
C ARG C 159 -21.65 -19.08 33.30
N GLU C 160 -20.34 -18.92 33.39
CA GLU C 160 -19.43 -20.04 33.61
C GLU C 160 -18.11 -19.49 34.15
N PHE C 161 -17.17 -20.39 34.39
CA PHE C 161 -15.86 -20.04 34.92
C PHE C 161 -14.78 -20.46 33.93
N PHE C 162 -13.81 -19.56 33.73
CA PHE C 162 -12.59 -19.85 32.97
C PHE C 162 -11.41 -19.65 33.89
N VAL C 163 -10.55 -20.67 33.98
CA VAL C 163 -9.39 -20.64 34.87
C VAL C 163 -8.14 -20.89 34.04
N GLY C 164 -7.22 -19.93 34.07
CA GLY C 164 -5.97 -20.08 33.34
C GLY C 164 -5.00 -20.96 34.10
N LEU C 165 -4.42 -21.93 33.40
CA LEU C 165 -3.36 -22.77 33.95
C LEU C 165 -2.03 -22.05 33.77
N SER C 166 -1.51 -21.48 34.86
CA SER C 166 -0.35 -20.61 34.76
C SER C 166 0.80 -21.07 35.67
N LYS C 167 1.78 -20.18 35.88
CA LYS C 167 2.88 -20.48 36.78
C LYS C 167 2.40 -20.75 38.20
N ARG C 168 1.26 -20.16 38.58
CA ARG C 168 0.75 -20.27 39.93
C ARG C 168 -0.57 -21.02 40.02
N THR C 169 -1.20 -21.38 38.90
CA THR C 169 -2.47 -22.08 38.92
C THR C 169 -2.31 -23.41 38.20
N ASN C 170 -2.70 -24.49 38.87
CA ASN C 170 -2.65 -25.84 38.32
C ASN C 170 -4.06 -26.33 38.00
N GLN C 171 -4.15 -27.59 37.57
CA GLN C 171 -5.45 -28.18 37.32
C GLN C 171 -6.16 -28.53 38.63
N ARG C 172 -5.41 -28.88 39.67
CA ARG C 172 -6.03 -29.22 40.95
C ARG C 172 -6.69 -27.99 41.58
N GLY C 173 -6.11 -26.80 41.39
CA GLY C 173 -6.76 -25.60 41.89
C GLY C 173 -8.07 -25.32 41.19
N ALA C 174 -8.14 -25.60 39.89
CA ALA C 174 -9.39 -25.42 39.16
C ALA C 174 -10.41 -26.46 39.54
N GLU C 175 -9.97 -27.68 39.88
CA GLU C 175 -10.90 -28.70 40.31
C GLU C 175 -11.54 -28.37 41.65
N ILE C 176 -10.80 -27.69 42.53
CA ILE C 176 -11.40 -27.24 43.79
C ILE C 176 -12.37 -26.09 43.53
N LEU C 177 -12.11 -25.27 42.51
CA LEU C 177 -13.02 -24.19 42.17
C LEU C 177 -14.34 -24.73 41.64
N ALA C 178 -14.29 -25.75 40.78
CA ALA C 178 -15.51 -26.38 40.29
C ALA C 178 -16.28 -27.03 41.42
N ASP C 179 -15.57 -27.63 42.38
CA ASP C 179 -16.22 -28.22 43.55
C ASP C 179 -16.85 -27.17 44.46
N THR C 180 -16.35 -25.94 44.42
CA THR C 180 -16.93 -24.87 45.25
C THR C 180 -18.16 -24.27 44.59
N PHE C 181 -18.14 -24.12 43.26
CA PHE C 181 -19.23 -23.52 42.50
C PHE C 181 -19.75 -24.58 41.53
N LYS C 182 -20.60 -25.47 42.05
CA LYS C 182 -21.11 -26.57 41.23
C LYS C 182 -22.14 -26.11 40.21
N ASP C 183 -22.80 -24.98 40.44
CA ASP C 183 -23.84 -24.50 39.54
C ASP C 183 -23.29 -23.94 38.24
N TYR C 184 -21.99 -23.69 38.15
CA TYR C 184 -21.39 -23.10 36.95
C TYR C 184 -20.31 -24.03 36.42
N ALA C 185 -20.23 -24.13 35.10
CA ALA C 185 -19.22 -24.96 34.45
C ALA C 185 -17.87 -24.27 34.51
N VAL C 186 -16.83 -25.05 34.75
CA VAL C 186 -15.46 -24.56 34.85
C VAL C 186 -14.65 -25.13 33.70
N SER C 187 -13.98 -24.25 32.95
CA SER C 187 -13.13 -24.64 31.84
C SER C 187 -11.76 -24.00 32.01
N THR C 188 -10.72 -24.80 31.77
CA THR C 188 -9.35 -24.36 31.98
C THR C 188 -8.70 -23.99 30.65
N VAL C 189 -7.83 -22.98 30.70
CA VAL C 189 -7.15 -22.48 29.51
C VAL C 189 -5.66 -22.40 29.82
N PRO C 190 -4.78 -22.82 28.90
CA PRO C 190 -3.34 -22.76 29.17
C PRO C 190 -2.80 -21.35 28.98
N VAL C 191 -2.18 -20.81 30.03
CA VAL C 191 -1.56 -19.49 29.98
C VAL C 191 -0.06 -19.67 29.89
N ALA C 192 0.53 -19.24 28.77
CA ALA C 192 1.97 -19.34 28.57
C ALA C 192 2.68 -18.25 29.35
N ASP C 193 4.01 -18.25 29.27
CA ASP C 193 4.84 -17.24 29.91
C ASP C 193 4.55 -17.15 31.40
N GLY C 194 4.81 -16.00 32.00
CA GLY C 194 4.54 -15.82 33.41
C GLY C 194 3.35 -14.92 33.66
N LEU C 195 2.28 -15.12 32.90
CA LEU C 195 1.12 -14.24 32.93
C LEU C 195 -0.01 -14.86 33.73
N HIS C 196 -1.10 -14.11 33.85
CA HIS C 196 -2.36 -14.60 34.38
C HIS C 196 -3.44 -14.45 33.34
N LEU C 197 -4.54 -15.18 33.54
CA LEU C 197 -5.62 -15.20 32.55
C LEU C 197 -6.12 -13.79 32.25
N LYS C 198 -6.29 -12.97 33.28
CA LYS C 198 -6.81 -11.62 33.10
C LYS C 198 -5.71 -10.57 32.95
N SER C 199 -4.48 -11.01 32.68
CA SER C 199 -3.48 -10.07 32.18
C SER C 199 -3.80 -9.59 30.78
N PHE C 200 -4.80 -10.20 30.13
CA PHE C 200 -5.17 -9.86 28.76
C PHE C 200 -6.67 -9.98 28.53
N CYS C 201 -7.46 -10.14 29.58
CA CYS C 201 -8.87 -10.48 29.43
C CYS C 201 -9.66 -9.96 30.62
N SER C 202 -10.91 -9.59 30.35
CA SER C 202 -11.82 -9.12 31.39
C SER C 202 -13.22 -9.06 30.80
N MET C 203 -14.21 -9.10 31.69
CA MET C 203 -15.62 -8.99 31.30
C MET C 203 -15.97 -7.52 31.20
N ALA C 204 -16.12 -7.03 29.96
CA ALA C 204 -16.50 -5.63 29.73
C ALA C 204 -18.01 -5.44 29.68
N GLY C 205 -18.77 -6.38 30.22
CA GLY C 205 -20.21 -6.33 30.19
C GLY C 205 -20.82 -7.72 30.11
N PRO C 206 -22.15 -7.81 30.11
CA PRO C 206 -22.80 -9.12 30.02
C PRO C 206 -22.66 -9.68 28.61
N ASN C 207 -21.98 -10.82 28.51
CA ASN C 207 -21.62 -11.47 27.25
C ASN C 207 -20.58 -10.69 26.45
N LEU C 208 -19.90 -9.73 27.09
CA LEU C 208 -18.89 -8.91 26.43
C LEU C 208 -17.55 -9.14 27.12
N ILE C 209 -16.57 -9.65 26.36
CA ILE C 209 -15.25 -9.99 26.89
C ILE C 209 -14.24 -9.04 26.28
N ALA C 210 -13.59 -8.26 27.14
CA ALA C 210 -12.50 -7.39 26.70
C ALA C 210 -11.25 -8.23 26.50
N ILE C 211 -10.76 -8.28 25.26
CA ILE C 211 -9.62 -9.13 24.91
C ILE C 211 -8.56 -8.29 24.19
N GLY C 212 -7.31 -8.63 24.42
CA GLY C 212 -6.21 -8.00 23.73
C GLY C 212 -6.06 -8.49 22.30
N SER C 213 -5.13 -7.86 21.59
CA SER C 213 -4.87 -8.20 20.19
C SER C 213 -3.69 -9.14 20.01
N SER C 214 -3.00 -9.51 21.09
CA SER C 214 -1.94 -10.49 20.99
C SER C 214 -2.53 -11.86 20.65
N GLU C 215 -1.70 -12.71 20.04
CA GLU C 215 -2.17 -14.05 19.74
C GLU C 215 -2.15 -14.95 20.97
N SER C 216 -1.28 -14.66 21.93
CA SER C 216 -1.35 -15.38 23.20
C SER C 216 -2.70 -15.16 23.87
N ALA C 217 -3.24 -13.95 23.77
CA ALA C 217 -4.60 -13.68 24.21
C ALA C 217 -5.63 -14.22 23.23
N GLN C 218 -5.38 -14.04 21.93
CA GLN C 218 -6.36 -14.46 20.93
C GLN C 218 -6.50 -15.97 20.88
N LYS C 219 -5.39 -16.71 21.00
CA LYS C 219 -5.49 -18.17 21.04
C LYS C 219 -6.21 -18.61 22.31
N ALA C 220 -6.03 -17.88 23.41
CA ALA C 220 -6.75 -18.20 24.64
C ALA C 220 -8.25 -18.04 24.48
N LEU C 221 -8.69 -16.91 23.91
CA LEU C 221 -10.12 -16.64 23.79
C LEU C 221 -10.79 -17.65 22.88
N LYS C 222 -10.19 -17.94 21.73
CA LYS C 222 -10.76 -18.93 20.82
C LYS C 222 -10.90 -20.29 21.49
N ILE C 223 -9.87 -20.70 22.22
CA ILE C 223 -10.00 -21.92 23.03
C ILE C 223 -11.20 -21.79 23.97
N MET C 224 -11.32 -20.64 24.63
CA MET C 224 -12.37 -20.48 25.63
C MET C 224 -13.79 -20.56 25.04
N GLN C 225 -13.99 -20.10 23.81
CA GLN C 225 -15.35 -20.00 23.28
C GLN C 225 -15.90 -21.33 22.81
N GLN C 226 -15.04 -22.27 22.45
CA GLN C 226 -15.51 -23.57 22.00
C GLN C 226 -15.74 -24.55 23.15
N MET C 227 -15.20 -24.28 24.34
CA MET C 227 -15.65 -25.06 25.48
C MET C 227 -16.95 -24.50 26.03
N SER C 228 -17.30 -23.26 25.68
CA SER C 228 -18.52 -22.62 26.16
C SER C 228 -19.69 -22.99 25.27
N ASP C 229 -20.80 -23.40 25.89
CA ASP C 229 -22.02 -23.65 25.13
C ASP C 229 -22.53 -22.38 24.48
N HIS C 230 -22.42 -21.25 25.18
CA HIS C 230 -22.82 -19.96 24.64
C HIS C 230 -21.65 -19.29 23.95
N ARG C 231 -21.96 -18.49 22.94
CA ARG C 231 -20.97 -17.70 22.22
C ARG C 231 -21.00 -16.28 22.75
N TYR C 232 -19.85 -15.80 23.21
CA TYR C 232 -19.75 -14.46 23.79
C TYR C 232 -19.37 -13.43 22.73
N ASP C 233 -19.40 -12.17 23.14
CA ASP C 233 -19.04 -11.06 22.27
C ASP C 233 -17.59 -10.63 22.53
N LYS C 234 -17.04 -9.93 21.55
CA LYS C 234 -15.63 -9.54 21.57
C LYS C 234 -15.51 -8.03 21.43
N LEU C 235 -14.66 -7.44 22.25
CA LEU C 235 -14.25 -6.04 22.11
C LEU C 235 -12.72 -6.06 22.08
N THR C 236 -12.16 -6.15 20.88
CA THR C 236 -10.72 -6.28 20.72
C THR C 236 -10.03 -4.96 21.00
N VAL C 237 -9.07 -4.97 21.92
CA VAL C 237 -8.26 -3.80 22.22
C VAL C 237 -6.84 -4.09 21.76
N PRO C 238 -6.10 -3.08 21.28
CA PRO C 238 -4.75 -3.35 20.75
C PRO C 238 -3.73 -3.69 21.82
N ASP C 239 -3.98 -3.36 23.09
CA ASP C 239 -3.05 -3.64 24.17
C ASP C 239 -3.64 -4.67 25.12
N ASP C 240 -2.80 -5.65 25.52
CA ASP C 240 -3.28 -6.73 26.36
C ASP C 240 -3.59 -6.25 27.77
N ILE C 241 -2.75 -5.37 28.32
CA ILE C 241 -2.93 -4.93 29.69
C ILE C 241 -4.20 -4.10 29.84
N ALA C 242 -4.52 -3.30 28.82
CA ALA C 242 -5.73 -2.49 28.87
C ALA C 242 -6.99 -3.34 28.74
N ALA C 243 -6.89 -4.56 28.21
CA ALA C 243 -8.03 -5.46 28.19
C ALA C 243 -8.50 -5.82 29.60
N ASN C 244 -7.67 -5.60 30.60
CA ASN C 244 -8.05 -5.80 31.99
C ASN C 244 -8.85 -4.58 32.44
N CYS C 245 -10.18 -4.71 32.42
CA CYS C 245 -11.09 -3.66 32.83
C CYS C 245 -11.93 -4.14 34.00
N ILE C 246 -12.68 -3.21 34.58
CA ILE C 246 -13.60 -3.51 35.68
C ILE C 246 -14.98 -3.08 35.24
N TYR C 247 -15.92 -4.02 35.20
CA TYR C 247 -17.31 -3.75 34.84
C TYR C 247 -18.16 -3.74 36.10
N LEU C 248 -19.00 -2.71 36.23
CA LEU C 248 -19.90 -2.59 37.36
C LEU C 248 -21.27 -2.16 36.87
N ASN C 249 -22.31 -2.60 37.59
CA ASN C 249 -23.70 -2.27 37.31
C ASN C 249 -24.27 -1.66 38.59
N ILE C 250 -24.06 -0.37 38.75
CA ILE C 250 -24.52 0.37 39.93
C ILE C 250 -25.83 1.05 39.58
N PRO C 251 -26.87 0.95 40.43
CA PRO C 251 -28.11 1.67 40.14
C PRO C 251 -27.90 3.17 40.11
N ASN C 252 -28.65 3.83 39.22
CA ASN C 252 -28.57 5.27 39.01
C ASN C 252 -27.18 5.74 38.60
N LYS C 253 -26.37 4.83 38.05
CA LYS C 253 -25.08 5.19 37.49
C LYS C 253 -24.79 4.55 36.14
N GLY C 254 -25.56 3.55 35.71
CA GLY C 254 -25.36 2.93 34.42
C GLY C 254 -24.47 1.70 34.50
N HIS C 255 -23.89 1.36 33.35
CA HIS C 255 -22.96 0.25 33.23
C HIS C 255 -21.55 0.82 33.27
N VAL C 256 -20.98 0.86 34.47
CA VAL C 256 -19.69 1.50 34.70
C VAL C 256 -18.58 0.58 34.22
N LEU C 257 -17.61 1.16 33.50
CA LEU C 257 -16.46 0.41 33.00
C LEU C 257 -15.19 1.15 33.36
N LEU C 258 -14.42 0.59 34.29
CA LEU C 258 -13.12 1.14 34.65
C LEU C 258 -12.07 0.64 33.66
N HIS C 259 -11.34 1.57 33.06
CA HIS C 259 -10.41 1.23 31.99
C HIS C 259 -9.15 2.07 32.12
N ARG C 260 -8.10 1.64 31.44
CA ARG C 260 -6.83 2.34 31.48
C ARG C 260 -6.92 3.66 30.72
N THR C 261 -6.23 4.68 31.24
CA THR C 261 -6.32 6.02 30.68
C THR C 261 -5.65 6.08 29.30
N PRO C 262 -5.99 7.10 28.49
CA PRO C 262 -5.26 7.29 27.23
C PRO C 262 -3.81 7.72 27.43
N GLU C 263 -3.46 8.23 28.61
CA GLU C 263 -2.06 8.53 28.88
C GLU C 263 -1.23 7.26 28.96
N GLU C 264 -1.81 6.19 29.50
CA GLU C 264 -1.11 4.90 29.54
C GLU C 264 -1.26 4.16 28.21
N TYR C 265 -2.51 3.96 27.76
CA TYR C 265 -2.81 3.24 26.52
C TYR C 265 -3.78 4.07 25.71
N PRO C 266 -3.29 4.93 24.82
CA PRO C 266 -4.22 5.76 24.04
C PRO C 266 -4.99 4.99 22.98
N GLU C 267 -4.36 4.03 22.31
CA GLU C 267 -5.04 3.30 21.24
C GLU C 267 -6.11 2.37 21.79
N SER C 268 -5.84 1.76 22.95
CA SER C 268 -6.85 0.90 23.56
C SER C 268 -7.96 1.70 24.20
N ALA C 269 -7.64 2.88 24.74
CA ALA C 269 -8.66 3.73 25.34
C ALA C 269 -9.60 4.32 24.29
N LYS C 270 -9.19 4.35 23.03
CA LYS C 270 -10.09 4.80 21.97
C LYS C 270 -11.11 3.74 21.57
N VAL C 271 -10.82 2.47 21.84
CA VAL C 271 -11.83 1.43 21.64
C VAL C 271 -12.85 1.46 22.76
N TYR C 272 -12.41 1.70 23.99
CA TYR C 272 -13.34 1.84 25.10
C TYR C 272 -14.25 3.05 24.92
N GLU C 273 -13.75 4.09 24.25
CA GLU C 273 -14.56 5.28 24.00
C GLU C 273 -15.72 5.03 23.05
N LYS C 274 -15.73 3.89 22.34
CA LYS C 274 -16.87 3.54 21.51
C LYS C 274 -18.12 3.21 22.33
N LEU C 275 -17.94 2.93 23.62
CA LEU C 275 -19.05 2.57 24.51
C LEU C 275 -19.81 3.84 24.88
N LYS C 276 -20.72 4.24 23.99
CA LYS C 276 -21.47 5.47 24.21
C LYS C 276 -22.58 5.33 25.25
N ASP C 277 -23.02 4.11 25.55
CA ASP C 277 -24.03 3.89 26.56
C ASP C 277 -23.47 3.45 27.90
N HIS C 278 -22.19 3.13 27.96
CA HIS C 278 -21.52 2.85 29.23
C HIS C 278 -20.98 4.15 29.82
N MET C 279 -20.86 4.17 31.14
CA MET C 279 -20.11 5.22 31.81
C MET C 279 -18.68 4.76 32.00
N LEU C 280 -17.77 5.32 31.22
CA LEU C 280 -16.37 4.95 31.29
C LEU C 280 -15.63 5.86 32.27
N ILE C 281 -14.78 5.25 33.09
CA ILE C 281 -13.96 6.00 34.03
C ILE C 281 -12.49 5.69 33.76
N PRO C 282 -11.70 6.66 33.32
CA PRO C 282 -10.27 6.40 33.04
C PRO C 282 -9.48 6.33 34.33
N VAL C 283 -8.93 5.15 34.63
CA VAL C 283 -8.19 4.88 35.84
C VAL C 283 -6.76 4.50 35.48
N SER C 284 -5.80 5.09 36.18
CA SER C 284 -4.39 4.86 35.92
C SER C 284 -3.82 3.83 36.88
N MET C 285 -2.98 2.95 36.35
CA MET C 285 -2.35 1.87 37.11
C MET C 285 -0.93 1.61 36.61
N SER C 286 -0.23 2.67 36.19
CA SER C 286 1.07 2.50 35.53
C SER C 286 2.15 2.05 36.52
N GLU C 287 2.11 2.57 37.76
CA GLU C 287 3.09 2.16 38.75
C GLU C 287 2.90 0.70 39.16
N LEU C 288 1.65 0.32 39.46
CA LEU C 288 1.36 -1.06 39.80
C LEU C 288 1.45 -1.99 38.60
N GLU C 289 1.43 -1.45 37.38
CA GLU C 289 1.58 -2.27 36.19
C GLU C 289 2.98 -2.86 36.11
N LYS C 290 3.99 -2.18 36.67
CA LYS C 290 5.33 -2.75 36.72
C LYS C 290 5.36 -4.05 37.50
N VAL C 291 4.47 -4.21 38.48
CA VAL C 291 4.42 -5.39 39.35
C VAL C 291 3.40 -6.37 38.79
N ASP C 292 3.01 -6.17 37.52
CA ASP C 292 2.07 -7.01 36.78
C ASP C 292 0.66 -6.99 37.36
N GLY C 293 0.41 -6.22 38.42
CA GLY C 293 -0.95 -6.09 38.93
C GLY C 293 -1.71 -5.02 38.16
N LEU C 294 -2.98 -5.33 37.87
CA LEU C 294 -3.77 -4.46 37.00
C LEU C 294 -5.02 -3.94 37.71
N LEU C 295 -6.03 -3.58 36.91
CA LEU C 295 -7.24 -2.97 37.48
C LEU C 295 -8.02 -3.96 38.34
N THR C 296 -8.18 -5.19 37.87
CA THR C 296 -9.02 -6.17 38.56
C THR C 296 -8.42 -6.64 39.87
N CYS C 297 -7.12 -6.95 39.85
CA CYS C 297 -6.46 -7.63 41.00
C CYS C 297 -6.41 -6.83 42.27
N CYS C 298 -6.79 -5.56 42.22
CA CYS C 298 -6.65 -4.68 43.38
C CYS C 298 -7.94 -4.58 44.19
N SER C 299 -8.94 -5.39 43.83
CA SER C 299 -10.22 -5.33 44.52
C SER C 299 -10.95 -6.66 44.36
N VAL C 300 -11.84 -6.93 45.32
CA VAL C 300 -12.70 -8.11 45.28
C VAL C 300 -14.13 -7.60 45.51
N LEU C 301 -14.94 -7.64 44.46
CA LEU C 301 -16.28 -7.07 44.49
C LEU C 301 -17.29 -8.08 45.02
N ILE C 302 -18.33 -7.57 45.68
CA ILE C 302 -19.32 -8.39 46.37
C ILE C 302 -20.69 -7.75 46.22
N ASN C 303 -21.68 -8.55 45.85
CA ASN C 303 -23.09 -8.16 45.90
C ASN C 303 -23.73 -8.81 47.12
N LYS C 304 -24.49 -8.02 47.89
CA LYS C 304 -24.93 -8.42 49.22
C LYS C 304 -26.44 -8.31 49.37
N LYS C 305 -27.18 -8.99 48.52
CA LYS C 305 -28.63 -9.15 48.66
C LYS C 305 -29.16 -10.18 47.68
N ALA D 32 -24.60 -19.59 -28.72
CA ALA D 32 -25.03 -20.24 -29.94
C ALA D 32 -23.90 -20.30 -30.96
N PHE D 33 -22.80 -20.96 -30.57
CA PHE D 33 -21.59 -21.12 -31.37
C PHE D 33 -20.90 -19.78 -31.64
N GLY D 34 -19.61 -19.71 -31.33
CA GLY D 34 -18.84 -18.50 -31.50
C GLY D 34 -18.87 -17.56 -30.31
N ARG D 35 -19.77 -17.78 -29.35
CA ARG D 35 -19.83 -16.94 -28.17
C ARG D 35 -18.58 -17.14 -27.32
N ALA D 36 -18.00 -16.02 -26.86
CA ALA D 36 -16.83 -16.07 -26.02
C ALA D 36 -16.89 -14.91 -25.02
N THR D 37 -16.19 -15.07 -23.91
CA THR D 37 -16.13 -14.06 -22.87
C THR D 37 -14.70 -13.63 -22.55
N HIS D 38 -13.76 -14.56 -22.58
CA HIS D 38 -12.36 -14.25 -22.31
C HIS D 38 -11.50 -14.76 -23.46
N ALA D 39 -10.30 -14.18 -23.56
CA ALA D 39 -9.31 -14.59 -24.54
C ALA D 39 -7.97 -14.73 -23.84
N VAL D 40 -7.29 -15.85 -24.08
CA VAL D 40 -6.02 -16.15 -23.45
C VAL D 40 -4.92 -16.01 -24.51
N VAL D 41 -4.00 -15.08 -24.26
CA VAL D 41 -2.87 -14.83 -25.14
C VAL D 41 -1.59 -14.91 -24.32
N ARG D 42 -0.46 -14.88 -25.01
CA ARG D 42 0.85 -14.92 -24.38
C ARG D 42 1.81 -14.03 -25.15
N ALA D 43 2.51 -13.16 -24.44
CA ALA D 43 3.45 -12.25 -25.08
C ALA D 43 4.53 -13.03 -25.83
N LEU D 44 4.96 -12.45 -26.95
CA LEU D 44 5.98 -13.24 -27.64
C LEU D 44 7.38 -12.78 -27.26
N PRO D 45 8.30 -13.72 -27.06
CA PRO D 45 9.65 -13.36 -26.61
C PRO D 45 10.51 -12.87 -27.77
N GLU D 46 11.64 -12.28 -27.40
CA GLU D 46 12.57 -11.79 -28.42
C GLU D 46 13.27 -12.93 -29.16
N SER D 47 13.40 -14.09 -28.51
CA SER D 47 14.06 -15.23 -29.14
C SER D 47 13.20 -15.90 -30.20
N LEU D 48 11.98 -15.43 -30.44
CA LEU D 48 11.11 -16.04 -31.45
C LEU D 48 11.67 -15.84 -32.85
N GLY D 49 12.28 -14.69 -33.12
CA GLY D 49 12.77 -14.38 -34.45
C GLY D 49 13.85 -15.30 -34.95
N GLN D 50 14.55 -15.99 -34.04
CA GLN D 50 15.64 -16.87 -34.41
C GLN D 50 15.39 -18.34 -34.07
N HIS D 51 14.66 -18.63 -33.00
CA HIS D 51 14.56 -19.99 -32.48
C HIS D 51 13.16 -20.61 -32.58
N ALA D 52 12.18 -19.89 -33.10
CA ALA D 52 10.85 -20.47 -33.25
C ALA D 52 10.84 -21.44 -34.42
N LEU D 53 10.18 -22.59 -34.21
CA LEU D 53 10.13 -23.63 -35.23
C LEU D 53 9.41 -23.11 -36.48
N ARG D 54 9.89 -23.55 -37.64
CA ARG D 54 9.30 -23.14 -38.91
C ARG D 54 9.47 -24.29 -39.91
N SER D 55 8.99 -24.06 -41.12
CA SER D 55 9.04 -25.08 -42.17
C SER D 55 9.33 -24.45 -43.53
N GLY D 58 12.31 -19.17 -45.47
CA GLY D 58 13.33 -18.14 -45.36
C GLY D 58 12.79 -16.82 -44.87
N GLU D 59 13.45 -15.72 -45.27
CA GLU D 59 13.08 -14.35 -44.92
C GLU D 59 13.21 -14.10 -43.42
N GLU D 60 14.03 -13.11 -43.06
CA GLU D 60 14.25 -12.82 -41.65
C GLU D 60 12.96 -12.32 -41.00
N VAL D 61 12.84 -12.61 -39.70
CA VAL D 61 11.65 -12.24 -38.94
C VAL D 61 11.91 -10.91 -38.24
N ASP D 62 11.02 -9.95 -38.46
CA ASP D 62 11.07 -8.67 -37.77
C ASP D 62 10.39 -8.83 -36.42
N VAL D 63 11.19 -8.97 -35.37
CA VAL D 63 10.63 -9.17 -34.03
C VAL D 63 9.91 -7.90 -33.56
N ALA D 64 10.47 -6.73 -33.91
CA ALA D 64 9.82 -5.47 -33.53
C ALA D 64 8.44 -5.36 -34.15
N ARG D 65 8.33 -5.63 -35.45
CA ARG D 65 7.02 -5.67 -36.11
C ARG D 65 6.16 -6.78 -35.53
N ALA D 66 6.80 -7.90 -35.16
CA ALA D 66 6.07 -9.02 -34.58
C ALA D 66 5.36 -8.62 -33.30
N GLU D 67 6.08 -7.95 -32.40
CA GLU D 67 5.47 -7.51 -31.14
C GLU D 67 4.37 -6.49 -31.39
N ARG D 68 4.59 -5.58 -32.34
CA ARG D 68 3.55 -4.62 -32.71
C ARG D 68 2.32 -5.35 -33.25
N GLN D 69 2.54 -6.33 -34.14
CA GLN D 69 1.43 -7.09 -34.69
C GLN D 69 0.63 -7.80 -33.60
N HIS D 70 1.33 -8.31 -32.58
CA HIS D 70 0.65 -9.02 -31.50
C HIS D 70 -0.16 -8.05 -30.64
N GLN D 71 0.36 -6.85 -30.40
CA GLN D 71 -0.37 -5.89 -29.57
C GLN D 71 -1.65 -5.42 -30.24
N LEU D 72 -1.64 -5.31 -31.56
CA LEU D 72 -2.88 -5.00 -32.28
C LEU D 72 -3.84 -6.18 -32.20
N TYR D 73 -3.32 -7.39 -32.39
CA TYR D 73 -4.13 -8.60 -32.24
C TYR D 73 -4.83 -8.64 -30.89
N VAL D 74 -4.06 -8.51 -29.81
CA VAL D 74 -4.63 -8.51 -28.47
C VAL D 74 -5.56 -7.31 -28.28
N GLY D 75 -5.23 -6.18 -28.91
CA GLY D 75 -6.09 -5.01 -28.79
C GLY D 75 -7.47 -5.23 -29.40
N VAL D 76 -7.58 -6.14 -30.35
CA VAL D 76 -8.85 -6.37 -31.03
C VAL D 76 -9.79 -7.20 -30.17
N LEU D 77 -9.28 -8.27 -29.56
CA LEU D 77 -10.14 -9.16 -28.80
C LEU D 77 -10.62 -8.51 -27.50
N GLY D 78 -9.74 -7.80 -26.81
CA GLY D 78 -10.06 -7.27 -25.50
C GLY D 78 -10.61 -5.86 -25.50
N SER D 79 -9.73 -4.88 -25.62
CA SER D 79 -10.13 -3.48 -25.58
C SER D 79 -11.15 -3.13 -26.65
N LYS D 80 -11.25 -3.96 -27.68
CA LYS D 80 -12.09 -3.68 -28.84
C LYS D 80 -13.35 -4.54 -28.87
N LEU D 81 -13.20 -5.87 -28.76
CA LEU D 81 -14.34 -6.77 -28.82
C LEU D 81 -14.91 -7.11 -27.45
N GLY D 82 -14.47 -6.41 -26.40
CA GLY D 82 -15.08 -6.53 -25.09
C GLY D 82 -14.76 -7.80 -24.32
N LEU D 83 -13.83 -8.61 -24.78
CA LEU D 83 -13.44 -9.81 -24.06
C LEU D 83 -12.38 -9.49 -23.01
N GLN D 84 -12.37 -10.27 -21.94
CA GLN D 84 -11.38 -10.10 -20.87
C GLN D 84 -10.15 -10.91 -21.24
N VAL D 85 -9.06 -10.21 -21.53
CA VAL D 85 -7.85 -10.83 -22.08
C VAL D 85 -6.91 -11.19 -20.94
N VAL D 86 -6.35 -12.40 -21.01
CA VAL D 86 -5.33 -12.87 -20.08
C VAL D 86 -4.01 -12.88 -20.83
N GLU D 87 -3.12 -11.92 -20.51
CA GLU D 87 -1.83 -11.81 -21.17
C GLU D 87 -0.78 -12.52 -20.32
N LEU D 88 -0.16 -13.52 -20.89
CA LEU D 88 0.87 -14.32 -20.19
C LEU D 88 2.28 -13.84 -20.54
N PRO D 89 3.27 -14.05 -19.66
CA PRO D 89 4.61 -13.55 -19.97
C PRO D 89 5.32 -14.39 -21.00
N ALA D 90 6.17 -13.71 -21.77
CA ALA D 90 7.00 -14.40 -22.76
C ALA D 90 8.15 -15.11 -22.06
N ASP D 91 8.40 -16.35 -22.45
CA ASP D 91 9.56 -17.11 -21.99
C ASP D 91 10.59 -17.16 -23.11
N GLU D 92 11.76 -16.57 -22.86
CA GLU D 92 12.80 -16.52 -23.88
C GLU D 92 13.35 -17.90 -24.21
N SER D 93 13.24 -18.86 -23.29
CA SER D 93 13.62 -20.23 -23.56
C SER D 93 12.50 -21.03 -24.23
N LEU D 94 11.30 -20.47 -24.31
CA LEU D 94 10.18 -21.08 -25.04
C LEU D 94 9.83 -20.16 -26.21
N PRO D 95 10.50 -20.30 -27.35
CA PRO D 95 10.31 -19.33 -28.44
C PRO D 95 8.91 -19.32 -29.02
N ASP D 96 8.18 -20.44 -28.95
CA ASP D 96 6.86 -20.56 -29.54
C ASP D 96 5.75 -20.40 -28.52
N CYS D 97 6.01 -19.71 -27.41
CA CYS D 97 5.02 -19.60 -26.35
C CYS D 97 3.88 -18.65 -26.68
N VAL D 98 4.00 -17.85 -27.74
CA VAL D 98 2.91 -16.95 -28.11
C VAL D 98 1.73 -17.76 -28.66
N PHE D 99 2.02 -18.82 -29.40
CA PHE D 99 0.98 -19.66 -29.98
C PHE D 99 0.41 -20.55 -28.89
N VAL D 100 -0.62 -20.03 -28.22
CA VAL D 100 -1.23 -20.71 -27.08
C VAL D 100 -2.31 -21.71 -27.49
N GLU D 101 -2.65 -21.78 -28.78
CA GLU D 101 -3.67 -22.71 -29.23
C GLU D 101 -3.18 -24.15 -29.21
N ASP D 102 -1.89 -24.37 -29.50
CA ASP D 102 -1.35 -25.71 -29.62
C ASP D 102 -1.21 -26.44 -28.29
N VAL D 103 -1.30 -25.72 -27.17
CA VAL D 103 -1.09 -26.31 -25.85
C VAL D 103 -2.39 -26.48 -25.08
N ALA D 104 -3.52 -26.02 -25.61
CA ALA D 104 -4.78 -26.13 -24.89
C ALA D 104 -5.94 -26.10 -25.87
N VAL D 105 -6.85 -27.06 -25.73
CA VAL D 105 -8.10 -27.10 -26.49
C VAL D 105 -9.24 -26.94 -25.50
N VAL D 106 -10.14 -25.99 -25.78
CA VAL D 106 -11.21 -25.61 -24.85
C VAL D 106 -12.54 -25.82 -25.54
N CYS D 107 -13.47 -26.48 -24.85
CA CYS D 107 -14.85 -26.60 -25.29
C CYS D 107 -15.75 -26.52 -24.07
N GLU D 108 -16.67 -25.55 -24.07
CA GLU D 108 -17.59 -25.31 -22.95
C GLU D 108 -16.75 -25.03 -21.71
N GLU D 109 -16.88 -25.80 -20.64
CA GLU D 109 -16.22 -25.52 -19.37
C GLU D 109 -15.16 -26.55 -19.02
N THR D 110 -14.66 -27.29 -20.02
CA THR D 110 -13.67 -28.34 -19.80
C THR D 110 -12.56 -28.19 -20.83
N ALA D 111 -11.33 -27.96 -20.36
CA ALA D 111 -10.19 -27.71 -21.23
C ALA D 111 -9.21 -28.88 -21.18
N LEU D 112 -8.67 -29.24 -22.34
CA LEU D 112 -7.68 -30.30 -22.44
C LEU D 112 -6.29 -29.68 -22.59
N ILE D 113 -5.44 -29.90 -21.59
CA ILE D 113 -4.03 -29.51 -21.67
C ILE D 113 -3.33 -30.54 -22.55
N THR D 114 -2.96 -30.13 -23.76
CA THR D 114 -2.42 -31.07 -24.73
C THR D 114 -0.96 -31.41 -24.41
N ARG D 115 -0.37 -32.23 -25.27
CA ARG D 115 1.03 -32.64 -25.17
C ARG D 115 1.63 -32.38 -26.54
N PRO D 116 2.21 -31.20 -26.76
CA PRO D 116 2.62 -30.82 -28.12
C PRO D 116 3.58 -31.83 -28.74
N GLY D 117 3.53 -31.91 -30.07
CA GLY D 117 4.36 -32.86 -30.78
C GLY D 117 5.84 -32.64 -30.53
N ALA D 118 6.28 -31.39 -30.64
CA ALA D 118 7.69 -31.07 -30.38
C ALA D 118 7.96 -31.10 -28.88
N PRO D 119 8.98 -31.81 -28.42
CA PRO D 119 9.20 -31.95 -26.97
C PRO D 119 9.60 -30.67 -26.27
N SER D 120 10.16 -29.68 -26.98
CA SER D 120 10.54 -28.43 -26.33
C SER D 120 9.36 -27.51 -26.07
N ARG D 121 8.20 -27.78 -26.66
CA ARG D 121 7.01 -26.97 -26.46
C ARG D 121 6.12 -27.50 -25.34
N ARG D 122 6.35 -28.72 -24.86
CA ARG D 122 5.54 -29.28 -23.79
C ARG D 122 5.73 -28.56 -22.46
N LYS D 123 6.73 -27.70 -22.35
CA LYS D 123 6.92 -26.89 -21.14
C LYS D 123 6.10 -25.60 -21.17
N GLU D 124 5.42 -25.31 -22.26
CA GLU D 124 4.51 -24.17 -22.30
C GLU D 124 3.19 -24.46 -21.61
N VAL D 125 2.86 -25.73 -21.39
CA VAL D 125 1.54 -26.08 -20.83
C VAL D 125 1.46 -25.92 -19.32
N ASP D 126 2.58 -25.60 -18.66
CA ASP D 126 2.53 -25.39 -17.21
C ASP D 126 1.81 -24.09 -16.87
N MET D 127 2.15 -23.00 -17.56
CA MET D 127 1.56 -21.70 -17.30
C MET D 127 0.14 -21.58 -17.84
N MET D 128 -0.22 -22.36 -18.85
CA MET D 128 -1.58 -22.33 -19.38
C MET D 128 -2.56 -22.97 -18.40
N LYS D 129 -2.20 -24.13 -17.84
CA LYS D 129 -3.08 -24.81 -16.91
C LYS D 129 -3.33 -23.95 -15.68
N GLU D 130 -2.33 -23.21 -15.23
CA GLU D 130 -2.52 -22.28 -14.13
C GLU D 130 -3.50 -21.17 -14.51
N ALA D 131 -3.45 -20.71 -15.76
CA ALA D 131 -4.40 -19.69 -16.20
C ALA D 131 -5.80 -20.26 -16.29
N LEU D 132 -5.96 -21.42 -16.93
CA LEU D 132 -7.28 -22.03 -17.04
C LEU D 132 -7.83 -22.43 -15.68
N GLU D 133 -6.94 -22.70 -14.71
CA GLU D 133 -7.40 -23.00 -13.36
C GLU D 133 -8.08 -21.78 -12.73
N LYS D 134 -7.49 -20.60 -12.91
CA LYS D 134 -8.07 -19.38 -12.35
C LYS D 134 -9.45 -19.12 -12.94
N LEU D 135 -9.66 -19.46 -14.20
CA LEU D 135 -10.97 -19.34 -14.83
C LEU D 135 -11.92 -20.46 -14.42
N GLN D 136 -11.48 -21.36 -13.53
CA GLN D 136 -12.31 -22.45 -13.01
C GLN D 136 -12.80 -23.36 -14.13
N LEU D 137 -11.85 -23.84 -14.94
CA LEU D 137 -12.13 -24.77 -16.01
C LEU D 137 -11.67 -26.17 -15.60
N ASN D 138 -12.48 -27.17 -15.93
CA ASN D 138 -12.11 -28.55 -15.66
C ASN D 138 -10.91 -28.91 -16.52
N ILE D 139 -9.74 -29.06 -15.90
CA ILE D 139 -8.50 -29.29 -16.61
C ILE D 139 -8.28 -30.80 -16.74
N VAL D 140 -8.12 -31.26 -17.97
CA VAL D 140 -7.73 -32.64 -18.25
C VAL D 140 -6.41 -32.58 -18.99
N GLU D 141 -5.39 -33.22 -18.46
CA GLU D 141 -4.05 -33.17 -19.03
C GLU D 141 -3.79 -34.39 -19.89
N MET D 142 -3.03 -34.19 -20.97
CA MET D 142 -2.64 -35.26 -21.88
C MET D 142 -1.31 -35.82 -21.40
N LYS D 143 -1.36 -36.95 -20.70
CA LYS D 143 -0.18 -37.51 -20.04
C LYS D 143 0.38 -38.76 -20.72
N ASP D 144 -0.32 -39.34 -21.69
CA ASP D 144 0.16 -40.54 -22.35
C ASP D 144 1.31 -40.20 -23.30
N GLU D 145 2.28 -41.11 -23.40
CA GLU D 145 3.55 -40.80 -24.05
C GLU D 145 3.62 -41.24 -25.50
N ASN D 146 2.50 -41.65 -26.11
CA ASN D 146 2.33 -41.45 -27.55
C ASN D 146 1.56 -40.19 -27.86
N ALA D 147 0.64 -39.82 -26.97
CA ALA D 147 -0.32 -38.77 -27.22
C ALA D 147 0.36 -37.42 -27.45
N THR D 148 0.62 -37.09 -28.70
CA THR D 148 1.03 -35.76 -29.10
C THR D 148 -0.09 -35.15 -29.93
N LEU D 149 -0.45 -33.91 -29.61
CA LEU D 149 -1.61 -33.28 -30.25
C LEU D 149 -1.46 -31.78 -30.18
N ASP D 150 -1.33 -31.13 -31.34
CA ASP D 150 -1.29 -29.68 -31.43
C ASP D 150 -2.69 -29.14 -31.69
N GLY D 151 -3.07 -28.10 -30.94
CA GLY D 151 -4.38 -27.51 -31.13
C GLY D 151 -4.62 -27.00 -32.53
N GLY D 152 -3.56 -26.61 -33.23
CA GLY D 152 -3.68 -26.22 -34.63
C GLY D 152 -4.13 -27.37 -35.52
N ASP D 153 -4.02 -28.60 -35.05
CA ASP D 153 -4.51 -29.77 -35.76
C ASP D 153 -5.95 -30.12 -35.41
N VAL D 154 -6.61 -29.31 -34.58
CA VAL D 154 -7.95 -29.60 -34.09
C VAL D 154 -8.89 -28.51 -34.60
N LEU D 155 -9.91 -28.90 -35.35
CA LEU D 155 -10.91 -27.98 -35.88
C LEU D 155 -12.26 -28.34 -35.28
N PHE D 156 -12.76 -27.50 -34.38
CA PHE D 156 -14.08 -27.69 -33.78
C PHE D 156 -15.14 -27.02 -34.66
N THR D 157 -16.14 -27.79 -35.06
CA THR D 157 -17.20 -27.31 -35.94
C THR D 157 -18.45 -26.90 -35.19
N GLY D 158 -18.46 -26.96 -33.85
CA GLY D 158 -19.66 -26.78 -33.08
C GLY D 158 -20.59 -27.97 -33.09
N ARG D 159 -20.49 -28.84 -34.09
CA ARG D 159 -21.21 -30.10 -34.16
C ARG D 159 -20.35 -31.30 -33.76
N GLU D 160 -19.06 -31.23 -34.04
CA GLU D 160 -18.15 -32.36 -33.84
C GLU D 160 -16.72 -31.82 -33.93
N PHE D 161 -15.76 -32.71 -33.71
CA PHE D 161 -14.35 -32.39 -33.81
C PHE D 161 -13.77 -32.96 -35.11
N PHE D 162 -12.72 -32.30 -35.60
CA PHE D 162 -11.90 -32.82 -36.68
C PHE D 162 -10.44 -32.62 -36.31
N VAL D 163 -9.70 -33.72 -36.28
CA VAL D 163 -8.32 -33.71 -35.79
C VAL D 163 -7.41 -34.13 -36.93
N GLY D 164 -6.54 -33.22 -37.35
CA GLY D 164 -5.56 -33.55 -38.37
C GLY D 164 -4.49 -34.46 -37.82
N LEU D 165 -4.05 -35.40 -38.65
CA LEU D 165 -3.01 -36.36 -38.29
C LEU D 165 -1.73 -35.95 -39.01
N SER D 166 -0.88 -35.20 -38.32
CA SER D 166 0.37 -34.70 -38.90
C SER D 166 1.57 -35.24 -38.15
N LYS D 167 2.73 -34.59 -38.31
CA LYS D 167 3.92 -34.98 -37.58
C LYS D 167 3.93 -34.46 -36.14
N ARG D 168 2.93 -33.66 -35.76
CA ARG D 168 2.76 -33.22 -34.39
C ARG D 168 1.59 -33.90 -33.68
N THR D 169 0.69 -34.53 -34.43
CA THR D 169 -0.51 -35.15 -33.87
C THR D 169 -0.63 -36.57 -34.39
N ASN D 170 -0.79 -37.52 -33.48
CA ASN D 170 -0.95 -38.92 -33.82
C ASN D 170 -2.35 -39.40 -33.44
N GLN D 171 -2.69 -40.59 -33.94
CA GLN D 171 -4.02 -41.15 -33.69
C GLN D 171 -4.25 -41.38 -32.20
N ARG D 172 -3.20 -41.76 -31.46
CA ARG D 172 -3.33 -41.89 -30.02
C ARG D 172 -3.77 -40.57 -29.40
N GLY D 173 -2.99 -39.50 -29.63
CA GLY D 173 -3.29 -38.21 -29.05
C GLY D 173 -4.68 -37.70 -29.36
N ALA D 174 -5.20 -38.04 -30.54
CA ALA D 174 -6.57 -37.67 -30.87
C ALA D 174 -7.60 -38.49 -30.12
N GLU D 175 -7.24 -39.68 -29.65
CA GLU D 175 -8.21 -40.57 -29.01
C GLU D 175 -8.51 -40.15 -27.58
N ILE D 176 -7.56 -39.51 -26.88
CA ILE D 176 -7.87 -38.95 -25.56
C ILE D 176 -8.49 -37.57 -25.69
N LEU D 177 -8.44 -36.94 -26.85
CA LEU D 177 -9.30 -35.79 -27.10
C LEU D 177 -10.76 -36.21 -27.12
N ALA D 178 -11.05 -37.36 -27.73
CA ALA D 178 -12.40 -37.90 -27.73
C ALA D 178 -12.85 -38.26 -26.32
N ASP D 179 -12.01 -38.98 -25.58
CA ASP D 179 -12.33 -39.39 -24.22
C ASP D 179 -12.49 -38.20 -23.27
N THR D 180 -12.18 -36.98 -23.71
CA THR D 180 -12.38 -35.79 -22.89
C THR D 180 -13.72 -35.12 -23.15
N PHE D 181 -14.10 -34.97 -24.43
CA PHE D 181 -15.36 -34.37 -24.82
C PHE D 181 -16.24 -35.49 -25.36
N LYS D 182 -17.06 -36.06 -24.48
CA LYS D 182 -17.82 -37.26 -24.85
C LYS D 182 -18.99 -36.93 -25.77
N ASP D 183 -19.62 -35.78 -25.57
CA ASP D 183 -20.85 -35.44 -26.30
C ASP D 183 -20.58 -35.03 -27.75
N TYR D 184 -19.41 -35.36 -28.28
CA TYR D 184 -19.03 -34.87 -29.60
C TYR D 184 -18.29 -35.94 -30.38
N ALA D 185 -18.64 -36.08 -31.66
CA ALA D 185 -18.01 -37.05 -32.54
C ALA D 185 -16.63 -36.55 -32.96
N VAL D 186 -15.68 -37.46 -33.05
CA VAL D 186 -14.30 -37.14 -33.38
C VAL D 186 -13.88 -37.98 -34.59
N SER D 187 -13.46 -37.30 -35.65
CA SER D 187 -12.97 -37.96 -36.85
C SER D 187 -11.66 -37.30 -37.29
N THR D 188 -10.77 -38.11 -37.85
CA THR D 188 -9.43 -37.66 -38.20
C THR D 188 -9.28 -37.48 -39.70
N VAL D 189 -8.39 -36.57 -40.08
CA VAL D 189 -8.13 -36.26 -41.49
C VAL D 189 -6.62 -36.14 -41.69
N PRO D 190 -6.05 -36.76 -42.72
CA PRO D 190 -4.60 -36.68 -42.91
C PRO D 190 -4.15 -35.30 -43.35
N VAL D 191 -3.04 -34.85 -42.76
CA VAL D 191 -2.38 -33.61 -43.13
C VAL D 191 -0.95 -33.93 -43.52
N ALA D 192 -0.53 -33.45 -44.69
CA ALA D 192 0.79 -33.76 -45.23
C ALA D 192 1.76 -32.60 -44.96
N ASP D 193 3.02 -32.85 -45.28
CA ASP D 193 4.12 -31.87 -45.13
C ASP D 193 4.20 -31.45 -43.67
N GLY D 194 4.72 -30.25 -43.40
CA GLY D 194 4.84 -29.75 -42.05
C GLY D 194 3.72 -28.80 -41.68
N LEU D 195 2.54 -29.01 -42.24
CA LEU D 195 1.40 -28.14 -42.01
C LEU D 195 0.62 -28.59 -40.78
N HIS D 196 -0.36 -27.78 -40.40
CA HIS D 196 -1.35 -28.11 -39.41
C HIS D 196 -2.72 -28.16 -40.06
N LEU D 197 -3.73 -28.59 -39.30
CA LEU D 197 -5.07 -28.69 -39.88
C LEU D 197 -5.63 -27.32 -40.22
N LYS D 198 -5.46 -26.35 -39.33
CA LYS D 198 -5.92 -24.98 -39.57
C LYS D 198 -4.88 -24.14 -40.30
N SER D 199 -3.89 -24.77 -40.92
CA SER D 199 -3.02 -24.08 -41.86
C SER D 199 -3.68 -23.83 -43.20
N PHE D 200 -4.90 -24.33 -43.40
CA PHE D 200 -5.63 -24.08 -44.63
C PHE D 200 -7.13 -24.05 -44.45
N CYS D 201 -7.64 -23.98 -43.21
CA CYS D 201 -9.08 -23.97 -42.98
C CYS D 201 -9.35 -23.41 -41.59
N SER D 202 -10.56 -22.88 -41.43
CA SER D 202 -11.01 -22.33 -40.15
C SER D 202 -12.52 -22.15 -40.24
N MET D 203 -13.15 -22.02 -39.07
CA MET D 203 -14.60 -21.84 -38.98
C MET D 203 -14.93 -20.37 -39.18
N ALA D 204 -15.50 -20.05 -40.34
CA ALA D 204 -15.92 -18.68 -40.64
C ALA D 204 -17.34 -18.39 -40.21
N GLY D 205 -18.04 -19.36 -39.63
CA GLY D 205 -19.40 -19.17 -39.18
C GLY D 205 -20.08 -20.46 -38.79
N PRO D 206 -21.33 -20.38 -38.33
CA PRO D 206 -22.08 -21.59 -37.97
C PRO D 206 -22.34 -22.45 -39.19
N ASN D 207 -21.78 -23.66 -39.19
CA ASN D 207 -21.78 -24.61 -40.30
C ASN D 207 -21.07 -24.08 -41.53
N LEU D 208 -20.33 -22.98 -41.41
CA LEU D 208 -19.52 -22.43 -42.49
C LEU D 208 -18.06 -22.74 -42.21
N ILE D 209 -17.35 -23.26 -43.20
CA ILE D 209 -15.94 -23.60 -43.08
C ILE D 209 -15.18 -22.85 -44.16
N ALA D 210 -14.29 -21.96 -43.74
CA ALA D 210 -13.39 -21.29 -44.68
C ALA D 210 -12.26 -22.24 -45.05
N ILE D 211 -12.01 -22.39 -46.35
CA ILE D 211 -11.03 -23.35 -46.84
C ILE D 211 -10.26 -22.74 -47.99
N GLY D 212 -8.97 -23.05 -48.06
CA GLY D 212 -8.13 -22.60 -49.15
C GLY D 212 -8.38 -23.39 -50.43
N SER D 213 -7.63 -23.04 -51.47
CA SER D 213 -7.79 -23.63 -52.79
C SER D 213 -6.62 -24.51 -53.20
N SER D 214 -5.79 -24.92 -52.25
CA SER D 214 -4.68 -25.80 -52.57
C SER D 214 -5.19 -27.17 -53.02
N GLU D 215 -4.30 -27.95 -53.60
CA GLU D 215 -4.65 -29.28 -54.09
C GLU D 215 -4.41 -30.37 -53.06
N SER D 216 -4.20 -29.99 -51.81
CA SER D 216 -4.45 -30.85 -50.67
C SER D 216 -5.56 -30.30 -49.77
N ALA D 217 -5.92 -29.03 -49.92
CA ALA D 217 -6.97 -28.44 -49.10
C ALA D 217 -8.35 -28.94 -49.51
N GLN D 218 -8.56 -29.14 -50.81
CA GLN D 218 -9.83 -29.73 -51.25
C GLN D 218 -9.90 -31.21 -50.88
N LYS D 219 -8.78 -31.93 -51.03
CA LYS D 219 -8.74 -33.33 -50.63
C LYS D 219 -9.09 -33.48 -49.15
N ALA D 220 -8.49 -32.64 -48.30
CA ALA D 220 -8.86 -32.64 -46.89
C ALA D 220 -10.31 -32.23 -46.70
N LEU D 221 -10.76 -31.23 -47.46
CA LEU D 221 -12.15 -30.78 -47.35
C LEU D 221 -13.12 -31.86 -47.81
N LYS D 222 -12.78 -32.57 -48.90
CA LYS D 222 -13.66 -33.63 -49.38
C LYS D 222 -13.72 -34.78 -48.40
N ILE D 223 -12.62 -35.07 -47.71
CA ILE D 223 -12.58 -36.21 -46.81
C ILE D 223 -13.39 -35.94 -45.55
N MET D 224 -13.31 -34.71 -45.03
CA MET D 224 -13.95 -34.43 -43.75
C MET D 224 -15.47 -34.41 -43.86
N GLN D 225 -16.01 -33.94 -44.99
CA GLN D 225 -17.45 -33.94 -45.17
C GLN D 225 -18.01 -35.34 -45.40
N GLN D 226 -17.16 -36.32 -45.68
CA GLN D 226 -17.62 -37.69 -45.84
C GLN D 226 -17.85 -38.37 -44.49
N MET D 227 -16.97 -38.12 -43.52
CA MET D 227 -17.13 -38.74 -42.22
C MET D 227 -18.25 -38.11 -41.42
N SER D 228 -18.57 -36.85 -41.68
CA SER D 228 -19.59 -36.15 -40.91
C SER D 228 -20.98 -36.43 -41.47
N ASP D 229 -21.97 -36.43 -40.57
CA ASP D 229 -23.35 -36.63 -41.00
C ASP D 229 -23.88 -35.41 -41.74
N HIS D 230 -23.48 -34.21 -41.29
CA HIS D 230 -24.00 -32.96 -41.84
C HIS D 230 -23.11 -32.45 -42.96
N ARG D 231 -23.75 -31.94 -44.01
CA ARG D 231 -23.03 -31.26 -45.09
C ARG D 231 -22.75 -29.82 -44.69
N TYR D 232 -21.47 -29.48 -44.56
CA TYR D 232 -21.07 -28.13 -44.19
C TYR D 232 -21.00 -27.25 -45.43
N ASP D 233 -21.04 -25.94 -45.21
CA ASP D 233 -20.91 -24.96 -46.28
C ASP D 233 -19.51 -24.36 -46.27
N LYS D 234 -19.07 -23.90 -47.43
CA LYS D 234 -17.69 -23.53 -47.67
C LYS D 234 -17.54 -22.02 -47.85
N LEU D 235 -16.36 -21.52 -47.49
CA LEU D 235 -15.93 -20.15 -47.80
C LEU D 235 -14.61 -20.29 -48.56
N THR D 236 -14.69 -20.36 -49.88
CA THR D 236 -13.54 -20.64 -50.72
C THR D 236 -12.67 -19.39 -50.86
N VAL D 237 -11.41 -19.49 -50.46
CA VAL D 237 -10.45 -18.40 -50.61
C VAL D 237 -9.29 -18.91 -51.46
N PRO D 238 -8.70 -18.05 -52.31
CA PRO D 238 -7.58 -18.52 -53.17
C PRO D 238 -6.30 -18.79 -52.40
N ASP D 239 -6.20 -18.38 -51.13
CA ASP D 239 -4.98 -18.55 -50.36
C ASP D 239 -5.29 -19.37 -49.11
N ASP D 240 -4.50 -20.44 -48.91
CA ASP D 240 -4.76 -21.35 -47.80
C ASP D 240 -4.45 -20.71 -46.46
N ILE D 241 -3.41 -19.87 -46.40
CA ILE D 241 -3.07 -19.23 -45.14
C ILE D 241 -4.17 -18.27 -44.72
N ALA D 242 -4.78 -17.57 -45.68
CA ALA D 242 -5.92 -16.72 -45.39
C ALA D 242 -7.18 -17.51 -45.01
N ALA D 243 -7.18 -18.82 -45.25
CA ALA D 243 -8.31 -19.64 -44.81
C ALA D 243 -8.34 -19.82 -43.31
N ASN D 244 -7.37 -19.27 -42.57
CA ASN D 244 -7.33 -19.30 -41.12
C ASN D 244 -7.77 -17.93 -40.61
N CYS D 245 -9.05 -17.80 -40.28
CA CYS D 245 -9.61 -16.57 -39.75
C CYS D 245 -10.07 -16.79 -38.31
N ILE D 246 -10.84 -15.83 -37.80
CA ILE D 246 -11.38 -15.92 -36.44
C ILE D 246 -12.82 -15.44 -36.48
N TYR D 247 -13.73 -16.29 -36.02
CA TYR D 247 -15.16 -15.98 -35.95
C TYR D 247 -15.60 -15.98 -34.50
N LEU D 248 -16.29 -14.91 -34.08
CA LEU D 248 -16.89 -14.83 -32.76
C LEU D 248 -18.38 -14.52 -32.90
N ASN D 249 -19.06 -14.57 -31.76
CA ASN D 249 -20.47 -14.19 -31.65
C ASN D 249 -20.59 -13.23 -30.47
N ILE D 250 -20.59 -11.94 -30.76
CA ILE D 250 -20.66 -10.89 -29.74
C ILE D 250 -22.06 -10.31 -29.75
N PRO D 251 -22.75 -10.27 -28.61
CA PRO D 251 -24.14 -9.75 -28.60
C PRO D 251 -24.18 -8.27 -28.95
N ASN D 252 -25.17 -7.91 -29.77
CA ASN D 252 -25.35 -6.55 -30.28
C ASN D 252 -24.08 -6.03 -30.96
N LYS D 253 -23.31 -6.93 -31.55
CA LYS D 253 -22.15 -6.57 -32.34
C LYS D 253 -22.06 -7.32 -33.67
N GLY D 254 -22.83 -8.41 -33.85
CA GLY D 254 -22.86 -9.13 -35.09
C GLY D 254 -21.87 -10.27 -35.14
N HIS D 255 -21.83 -10.92 -36.29
CA HIS D 255 -20.85 -11.98 -36.56
C HIS D 255 -19.55 -11.31 -36.97
N VAL D 256 -18.59 -11.22 -36.06
CA VAL D 256 -17.32 -10.58 -36.35
C VAL D 256 -16.35 -11.58 -36.97
N LEU D 257 -15.60 -11.14 -37.97
CA LEU D 257 -14.64 -11.97 -38.67
C LEU D 257 -13.28 -11.27 -38.71
N LEU D 258 -12.25 -11.96 -38.24
CA LEU D 258 -10.89 -11.45 -38.24
C LEU D 258 -10.12 -12.17 -39.35
N HIS D 259 -9.81 -11.44 -40.41
CA HIS D 259 -9.20 -12.02 -41.60
C HIS D 259 -7.86 -11.35 -41.90
N ARG D 260 -7.09 -11.98 -42.78
CA ARG D 260 -5.82 -11.41 -43.20
C ARG D 260 -6.06 -10.15 -44.04
N THR D 261 -5.32 -9.09 -43.70
CA THR D 261 -5.54 -7.79 -44.31
C THR D 261 -5.21 -7.81 -45.81
N PRO D 262 -5.70 -6.81 -46.57
CA PRO D 262 -5.55 -6.88 -48.04
C PRO D 262 -4.13 -6.81 -48.55
N GLU D 263 -3.23 -6.05 -47.91
CA GLU D 263 -1.85 -6.01 -48.39
C GLU D 263 -1.15 -7.35 -48.25
N GLU D 264 -1.61 -8.20 -47.32
CA GLU D 264 -1.05 -9.54 -47.16
C GLU D 264 -1.50 -10.45 -48.29
N TYR D 265 -2.79 -10.77 -48.33
CA TYR D 265 -3.38 -11.62 -49.36
C TYR D 265 -4.56 -10.88 -49.97
N PRO D 266 -4.35 -10.14 -51.06
CA PRO D 266 -5.43 -9.32 -51.61
C PRO D 266 -6.54 -10.12 -52.27
N GLU D 267 -6.23 -11.31 -52.81
CA GLU D 267 -7.26 -12.08 -53.50
C GLU D 267 -8.25 -12.71 -52.54
N SER D 268 -7.82 -13.01 -51.31
CA SER D 268 -8.72 -13.59 -50.32
C SER D 268 -9.44 -12.53 -49.48
N ALA D 269 -8.88 -11.33 -49.37
CA ALA D 269 -9.55 -10.27 -48.61
C ALA D 269 -10.82 -9.81 -49.31
N LYS D 270 -10.77 -9.72 -50.65
CA LYS D 270 -11.97 -9.33 -51.39
C LYS D 270 -13.09 -10.34 -51.20
N VAL D 271 -12.74 -11.62 -51.10
CA VAL D 271 -13.74 -12.64 -50.78
C VAL D 271 -14.33 -12.37 -49.41
N TYR D 272 -13.47 -12.11 -48.42
CA TYR D 272 -13.96 -11.75 -47.09
C TYR D 272 -14.76 -10.45 -47.12
N GLU D 273 -14.29 -9.48 -47.91
CA GLU D 273 -14.97 -8.19 -47.98
C GLU D 273 -16.37 -8.30 -48.56
N LYS D 274 -16.69 -9.40 -49.24
CA LYS D 274 -18.03 -9.61 -49.77
C LYS D 274 -19.00 -10.15 -48.72
N LEU D 275 -18.50 -10.63 -47.58
CA LEU D 275 -19.37 -11.01 -46.46
C LEU D 275 -19.66 -9.77 -45.63
N LYS D 276 -20.45 -8.86 -46.22
CA LYS D 276 -20.75 -7.60 -45.58
C LYS D 276 -21.82 -7.70 -44.50
N ASP D 277 -22.36 -8.90 -44.26
CA ASP D 277 -23.18 -9.14 -43.07
C ASP D 277 -22.33 -9.44 -41.84
N HIS D 278 -21.01 -9.34 -41.97
CA HIS D 278 -20.06 -9.57 -40.88
C HIS D 278 -19.39 -8.28 -40.47
N MET D 279 -18.92 -8.25 -39.22
CA MET D 279 -18.06 -7.18 -38.73
C MET D 279 -16.64 -7.53 -39.16
N LEU D 280 -16.29 -7.12 -40.38
CA LEU D 280 -15.02 -7.50 -40.98
C LEU D 280 -13.90 -6.66 -40.39
N ILE D 281 -12.95 -7.34 -39.73
CA ILE D 281 -11.79 -6.67 -39.17
C ILE D 281 -10.54 -7.21 -39.85
N PRO D 282 -9.87 -6.43 -40.69
CA PRO D 282 -8.60 -6.88 -41.25
C PRO D 282 -7.49 -6.90 -40.21
N VAL D 283 -6.98 -8.08 -39.88
CA VAL D 283 -5.91 -8.26 -38.91
C VAL D 283 -4.73 -8.92 -39.60
N SER D 284 -3.52 -8.43 -39.32
CA SER D 284 -2.33 -8.82 -40.04
C SER D 284 -1.46 -9.76 -39.19
N MET D 285 -0.77 -10.67 -39.89
CA MET D 285 0.08 -11.67 -39.25
C MET D 285 1.31 -11.98 -40.09
N SER D 286 1.83 -10.99 -40.82
CA SER D 286 2.90 -11.24 -41.78
C SER D 286 4.16 -11.75 -41.11
N GLU D 287 4.57 -11.10 -40.02
CA GLU D 287 5.82 -11.49 -39.35
C GLU D 287 5.70 -12.89 -38.74
N LEU D 288 4.59 -13.17 -38.08
CA LEU D 288 4.40 -14.48 -37.45
C LEU D 288 3.96 -15.55 -38.43
N GLU D 289 3.52 -15.17 -39.63
CA GLU D 289 3.23 -16.16 -40.66
C GLU D 289 4.47 -16.94 -41.02
N LYS D 290 5.65 -16.36 -40.86
CA LYS D 290 6.89 -17.03 -41.22
C LYS D 290 7.20 -18.22 -40.33
N VAL D 291 6.68 -18.25 -39.11
CA VAL D 291 6.92 -19.36 -38.20
C VAL D 291 5.65 -20.21 -38.12
N ASP D 292 4.88 -20.25 -39.22
CA ASP D 292 3.67 -21.05 -39.39
C ASP D 292 2.54 -20.64 -38.46
N GLY D 293 2.65 -19.51 -37.78
CA GLY D 293 1.61 -19.07 -36.85
C GLY D 293 0.59 -18.21 -37.56
N LEU D 294 -0.68 -18.57 -37.39
CA LEU D 294 -1.78 -17.90 -38.06
C LEU D 294 -2.71 -17.27 -37.02
N LEU D 295 -3.85 -16.77 -37.49
CA LEU D 295 -4.72 -15.94 -36.65
C LEU D 295 -5.28 -16.72 -35.48
N THR D 296 -5.62 -17.99 -35.69
CA THR D 296 -6.23 -18.82 -34.66
C THR D 296 -5.24 -19.27 -33.58
N CYS D 297 -3.99 -19.45 -33.98
CA CYS D 297 -2.98 -20.10 -33.11
C CYS D 297 -2.53 -19.28 -31.93
N CYS D 298 -2.81 -17.98 -31.95
CA CYS D 298 -2.25 -17.08 -30.94
C CYS D 298 -3.19 -16.80 -29.76
N SER D 299 -4.36 -17.44 -29.75
CA SER D 299 -5.33 -17.19 -28.69
C SER D 299 -6.16 -18.44 -28.43
N VAL D 300 -6.72 -18.50 -27.23
CA VAL D 300 -7.64 -19.55 -26.80
C VAL D 300 -8.92 -18.88 -26.34
N LEU D 301 -9.99 -19.05 -27.10
CA LEU D 301 -11.24 -18.34 -26.86
C LEU D 301 -12.15 -19.14 -25.92
N ILE D 302 -12.75 -18.44 -24.96
CA ILE D 302 -13.49 -19.06 -23.87
C ILE D 302 -14.78 -18.28 -23.62
N ASN D 303 -15.88 -19.00 -23.43
CA ASN D 303 -17.15 -18.45 -23.00
C ASN D 303 -17.45 -18.97 -21.60
N LYS D 304 -18.02 -18.11 -20.74
CA LYS D 304 -18.16 -18.45 -19.33
C LYS D 304 -19.43 -17.83 -18.74
N LYS D 305 -20.58 -18.38 -19.13
CA LYS D 305 -21.85 -18.24 -18.39
C LYS D 305 -22.91 -19.13 -19.01
N ALA E 32 30.46 25.10 -47.06
CA ALA E 32 31.14 25.25 -45.79
C ALA E 32 30.22 24.86 -44.63
N PHE E 33 29.75 23.62 -44.65
CA PHE E 33 28.86 23.04 -43.65
C PHE E 33 27.49 23.72 -43.65
N GLY E 34 26.43 22.90 -43.60
CA GLY E 34 25.07 23.37 -43.60
C GLY E 34 24.45 23.56 -44.98
N ARG E 35 25.28 23.65 -46.02
CA ARG E 35 24.78 23.92 -47.36
C ARG E 35 24.19 22.65 -47.99
N ALA E 36 23.11 22.84 -48.74
CA ALA E 36 22.48 21.72 -49.45
C ALA E 36 21.66 22.27 -50.61
N THR E 37 21.50 21.45 -51.64
CA THR E 37 20.73 21.82 -52.82
C THR E 37 19.51 20.94 -53.06
N HIS E 38 19.57 19.65 -52.71
CA HIS E 38 18.46 18.74 -52.87
C HIS E 38 18.09 18.12 -51.53
N ALA E 39 16.87 17.61 -51.44
CA ALA E 39 16.38 16.98 -50.22
C ALA E 39 15.27 16.01 -50.59
N VAL E 40 15.53 14.72 -50.44
CA VAL E 40 14.58 13.68 -50.85
C VAL E 40 13.68 13.35 -49.67
N VAL E 41 12.36 13.41 -49.90
CA VAL E 41 11.36 13.06 -48.90
C VAL E 41 10.47 11.95 -49.48
N ARG E 42 9.60 11.42 -48.63
CA ARG E 42 8.69 10.35 -49.03
C ARG E 42 7.34 10.57 -48.37
N ALA E 43 6.28 10.54 -49.18
CA ALA E 43 4.93 10.60 -48.64
C ALA E 43 4.67 9.39 -47.75
N LEU E 44 3.79 9.57 -46.77
CA LEU E 44 3.55 8.53 -45.79
C LEU E 44 2.30 7.73 -46.14
N PRO E 45 2.25 6.44 -45.80
CA PRO E 45 1.14 5.60 -46.24
C PRO E 45 -0.04 5.64 -45.28
N GLU E 46 -1.09 4.89 -45.61
CA GLU E 46 -2.22 4.75 -44.69
C GLU E 46 -1.92 3.74 -43.59
N SER E 47 -1.20 2.67 -43.94
CA SER E 47 -0.86 1.62 -42.98
C SER E 47 0.03 2.12 -41.85
N LEU E 48 0.59 3.32 -41.97
CA LEU E 48 1.45 3.86 -40.92
C LEU E 48 0.69 4.04 -39.61
N GLY E 49 -0.62 4.29 -39.69
CA GLY E 49 -1.38 4.62 -38.49
C GLY E 49 -1.33 3.54 -37.43
N GLN E 50 -1.36 2.28 -37.83
CA GLN E 50 -1.35 1.16 -36.91
C GLN E 50 -0.14 0.26 -37.04
N HIS E 51 0.49 0.20 -38.21
CA HIS E 51 1.55 -0.77 -38.48
C HIS E 51 2.95 -0.18 -38.43
N ALA E 52 3.10 1.12 -38.17
CA ALA E 52 4.41 1.70 -37.98
C ALA E 52 4.91 1.41 -36.57
N LEU E 53 6.19 1.04 -36.48
CA LEU E 53 6.74 0.65 -35.18
C LEU E 53 6.92 1.87 -34.28
N ARG E 54 6.51 1.70 -33.03
CA ARG E 54 6.72 2.72 -32.00
C ARG E 54 7.22 2.06 -30.73
N SER E 55 7.84 2.86 -29.87
CA SER E 55 8.38 2.36 -28.62
C SER E 55 7.52 2.79 -27.43
N GLY E 58 0.37 4.90 -26.09
CA GLY E 58 -0.93 4.77 -26.75
C GLY E 58 -1.20 5.88 -27.74
N GLU E 59 -2.46 6.33 -27.79
CA GLU E 59 -2.94 7.38 -28.67
C GLU E 59 -2.86 6.96 -30.14
N GLU E 60 -4.01 6.93 -30.81
CA GLU E 60 -4.06 6.48 -32.19
C GLU E 60 -3.58 7.57 -33.14
N VAL E 61 -2.79 7.16 -34.12
CA VAL E 61 -2.19 8.11 -35.07
C VAL E 61 -3.26 8.58 -36.05
N ASP E 62 -3.33 9.89 -36.25
CA ASP E 62 -4.20 10.48 -37.27
C ASP E 62 -3.35 10.70 -38.52
N VAL E 63 -3.44 9.78 -39.47
CA VAL E 63 -2.65 9.87 -40.69
C VAL E 63 -3.06 11.06 -41.54
N ALA E 64 -4.30 11.55 -41.40
CA ALA E 64 -4.70 12.76 -42.09
C ALA E 64 -3.93 13.98 -41.58
N ARG E 65 -3.89 14.14 -40.25
CA ARG E 65 -3.12 15.24 -39.66
C ARG E 65 -1.62 15.05 -39.91
N ALA E 66 -1.15 13.81 -39.87
CA ALA E 66 0.27 13.54 -40.06
C ALA E 66 0.71 13.92 -41.47
N GLU E 67 -0.07 13.52 -42.47
CA GLU E 67 0.25 13.90 -43.84
C GLU E 67 0.13 15.40 -44.08
N ARG E 68 -0.63 16.10 -43.23
CA ARG E 68 -0.68 17.55 -43.31
C ARG E 68 0.62 18.16 -42.80
N GLN E 69 1.06 17.75 -41.61
CA GLN E 69 2.35 18.21 -41.08
C GLN E 69 3.49 17.87 -42.03
N HIS E 70 3.43 16.69 -42.65
CA HIS E 70 4.47 16.30 -43.59
C HIS E 70 4.48 17.19 -44.82
N GLN E 71 3.32 17.66 -45.25
CA GLN E 71 3.29 18.59 -46.38
C GLN E 71 3.57 20.03 -45.96
N LEU E 72 3.45 20.33 -44.66
CA LEU E 72 4.03 21.57 -44.15
C LEU E 72 5.55 21.44 -44.07
N TYR E 73 6.03 20.26 -43.71
CA TYR E 73 7.46 19.97 -43.71
C TYR E 73 8.07 20.19 -45.09
N VAL E 74 7.53 19.51 -46.10
CA VAL E 74 8.05 19.62 -47.46
C VAL E 74 7.95 21.05 -47.98
N GLY E 75 6.97 21.82 -47.48
CA GLY E 75 6.80 23.18 -47.96
C GLY E 75 7.96 24.08 -47.60
N VAL E 76 8.55 23.89 -46.42
CA VAL E 76 9.63 24.77 -45.98
C VAL E 76 10.92 24.45 -46.74
N LEU E 77 11.20 23.16 -46.96
CA LEU E 77 12.45 22.76 -47.59
C LEU E 77 12.55 23.29 -49.01
N GLY E 78 11.56 23.00 -49.84
CA GLY E 78 11.63 23.32 -51.25
C GLY E 78 11.09 24.68 -51.65
N SER E 79 9.94 25.06 -51.09
CA SER E 79 9.31 26.32 -51.49
C SER E 79 9.93 27.51 -50.75
N LYS E 80 9.93 27.46 -49.41
CA LYS E 80 10.40 28.60 -48.64
C LYS E 80 11.91 28.79 -48.74
N LEU E 81 12.66 27.69 -48.84
CA LEU E 81 14.12 27.75 -48.86
C LEU E 81 14.75 27.43 -50.20
N GLY E 82 13.96 27.00 -51.19
CA GLY E 82 14.46 26.86 -52.54
C GLY E 82 15.23 25.60 -52.84
N LEU E 83 14.90 24.49 -52.20
CA LEU E 83 15.58 23.23 -52.49
C LEU E 83 14.83 22.44 -53.56
N GLN E 84 15.55 21.53 -54.20
CA GLN E 84 14.97 20.64 -55.20
C GLN E 84 14.59 19.34 -54.49
N VAL E 85 13.33 19.23 -54.09
CA VAL E 85 12.85 18.11 -53.31
C VAL E 85 12.33 17.03 -54.24
N VAL E 86 12.82 15.80 -54.06
CA VAL E 86 12.30 14.62 -54.75
C VAL E 86 11.37 13.93 -53.76
N GLU E 87 10.08 13.89 -54.09
CA GLU E 87 9.07 13.29 -53.21
C GLU E 87 8.85 11.84 -53.61
N LEU E 88 9.12 10.92 -52.69
CA LEU E 88 8.93 9.53 -53.09
C LEU E 88 7.53 9.06 -52.73
N PRO E 89 6.90 8.28 -53.60
CA PRO E 89 5.55 7.80 -53.31
C PRO E 89 5.53 6.85 -52.13
N ALA E 90 4.35 6.70 -51.52
CA ALA E 90 4.18 5.86 -50.36
C ALA E 90 3.99 4.40 -50.76
N ASP E 91 4.32 3.51 -49.83
CA ASP E 91 4.10 2.07 -50.01
C ASP E 91 3.33 1.57 -48.80
N GLU E 92 2.14 1.00 -49.05
CA GLU E 92 1.32 0.50 -47.96
C GLU E 92 1.98 -0.68 -47.25
N SER E 93 2.81 -1.44 -47.97
CA SER E 93 3.55 -2.54 -47.37
C SER E 93 4.71 -2.07 -46.49
N LEU E 94 5.08 -0.78 -46.58
CA LEU E 94 6.16 -0.20 -45.78
C LEU E 94 5.57 0.91 -44.92
N PRO E 95 5.19 0.62 -43.68
CA PRO E 95 4.56 1.65 -42.85
C PRO E 95 5.50 2.75 -42.39
N ASP E 96 6.81 2.55 -42.48
CA ASP E 96 7.79 3.52 -41.99
C ASP E 96 8.59 4.17 -43.12
N CYS E 97 8.07 4.12 -44.34
CA CYS E 97 8.83 4.64 -45.48
C CYS E 97 8.93 6.17 -45.49
N VAL E 98 8.21 6.86 -44.60
CA VAL E 98 8.29 8.31 -44.57
C VAL E 98 9.63 8.76 -43.99
N PHE E 99 10.25 7.93 -43.14
CA PHE E 99 11.54 8.24 -42.52
C PHE E 99 12.64 7.77 -43.46
N VAL E 100 13.00 8.63 -44.41
CA VAL E 100 14.00 8.28 -45.40
C VAL E 100 15.43 8.36 -44.86
N GLU E 101 15.65 9.03 -43.73
CA GLU E 101 17.00 9.19 -43.21
C GLU E 101 17.63 7.84 -42.89
N ASP E 102 16.85 6.90 -42.37
CA ASP E 102 17.39 5.64 -41.91
C ASP E 102 17.87 4.73 -43.03
N VAL E 103 17.73 5.11 -44.30
CA VAL E 103 18.09 4.22 -45.40
C VAL E 103 19.12 4.85 -46.33
N ALA E 104 19.73 5.98 -45.95
CA ALA E 104 20.84 6.53 -46.72
C ALA E 104 21.56 7.59 -45.90
N VAL E 105 22.89 7.51 -45.87
CA VAL E 105 23.75 8.55 -45.33
C VAL E 105 24.51 9.15 -46.49
N VAL E 106 24.35 10.46 -46.69
CA VAL E 106 24.94 11.17 -47.82
C VAL E 106 26.03 12.09 -47.28
N CYS E 107 27.19 12.08 -47.97
CA CYS E 107 28.30 12.96 -47.62
C CYS E 107 28.96 13.42 -48.91
N GLU E 108 28.92 14.73 -49.15
CA GLU E 108 29.44 15.35 -50.37
C GLU E 108 28.76 14.76 -51.61
N GLU E 109 29.46 13.93 -52.37
CA GLU E 109 28.94 13.38 -53.61
C GLU E 109 28.78 11.87 -53.60
N THR E 110 28.94 11.23 -52.44
CA THR E 110 28.77 9.79 -52.31
C THR E 110 27.66 9.51 -51.30
N ALA E 111 26.77 8.59 -51.66
CA ALA E 111 25.60 8.28 -50.85
C ALA E 111 25.64 6.81 -50.46
N LEU E 112 25.63 6.54 -49.15
CA LEU E 112 25.70 5.19 -48.63
C LEU E 112 24.30 4.67 -48.38
N ILE E 113 23.84 3.76 -49.24
CA ILE E 113 22.58 3.06 -49.01
C ILE E 113 22.79 2.12 -47.82
N THR E 114 22.11 2.39 -46.71
CA THR E 114 22.28 1.55 -45.54
C THR E 114 21.38 0.32 -45.62
N ARG E 115 21.62 -0.61 -44.71
CA ARG E 115 20.80 -1.82 -44.55
C ARG E 115 20.18 -1.76 -43.16
N PRO E 116 18.95 -1.26 -43.02
CA PRO E 116 18.43 -0.92 -41.70
C PRO E 116 18.34 -2.13 -40.78
N GLY E 117 18.31 -1.84 -39.47
CA GLY E 117 18.25 -2.90 -38.48
C GLY E 117 16.94 -3.67 -38.51
N ALA E 118 15.86 -3.00 -38.91
CA ALA E 118 14.57 -3.67 -39.02
C ALA E 118 14.50 -4.41 -40.36
N PRO E 119 14.42 -5.74 -40.36
CA PRO E 119 14.44 -6.48 -41.64
C PRO E 119 13.27 -6.15 -42.55
N SER E 120 12.13 -5.77 -41.99
CA SER E 120 10.97 -5.40 -42.80
C SER E 120 11.10 -4.01 -43.41
N ARG E 121 12.17 -3.28 -43.09
CA ARG E 121 12.39 -1.94 -43.61
C ARG E 121 13.41 -1.89 -44.74
N ARG E 122 14.18 -2.95 -44.95
CA ARG E 122 15.23 -2.95 -45.96
C ARG E 122 14.72 -2.69 -47.37
N LYS E 123 13.41 -2.80 -47.60
CA LYS E 123 12.85 -2.53 -48.91
C LYS E 123 12.62 -1.04 -49.16
N GLU E 124 12.73 -0.19 -48.13
CA GLU E 124 12.64 1.24 -48.34
C GLU E 124 13.83 1.81 -49.11
N VAL E 125 14.88 1.02 -49.30
CA VAL E 125 16.05 1.47 -50.06
C VAL E 125 15.91 1.24 -51.56
N ASP E 126 14.86 0.54 -51.99
CA ASP E 126 14.64 0.35 -53.43
C ASP E 126 14.38 1.69 -54.11
N MET E 127 13.29 2.36 -53.71
CA MET E 127 12.99 3.69 -54.23
C MET E 127 14.06 4.70 -53.86
N MET E 128 14.81 4.45 -52.78
CA MET E 128 15.81 5.41 -52.32
C MET E 128 17.03 5.42 -53.22
N LYS E 129 17.72 4.28 -53.32
CA LYS E 129 18.87 4.20 -54.22
C LYS E 129 18.50 4.48 -55.67
N GLU E 130 17.22 4.37 -56.01
CA GLU E 130 16.76 4.84 -57.31
C GLU E 130 16.86 6.35 -57.41
N ALA E 131 16.54 7.05 -56.31
CA ALA E 131 16.53 8.51 -56.34
C ALA E 131 17.95 9.07 -56.46
N LEU E 132 18.90 8.53 -55.70
CA LEU E 132 20.24 9.09 -55.67
C LEU E 132 21.00 8.80 -56.95
N GLU E 133 20.68 7.70 -57.64
CA GLU E 133 21.29 7.44 -58.94
C GLU E 133 20.78 8.39 -60.00
N LYS E 134 19.54 8.88 -59.87
CA LYS E 134 19.04 9.88 -60.79
C LYS E 134 19.80 11.20 -60.63
N LEU E 135 20.11 11.58 -59.40
CA LEU E 135 20.95 12.75 -59.14
C LEU E 135 22.42 12.49 -59.44
N GLN E 136 22.76 11.29 -59.89
CA GLN E 136 24.12 10.93 -60.29
C GLN E 136 25.11 11.12 -59.14
N LEU E 137 24.80 10.49 -58.01
CA LEU E 137 25.73 10.34 -56.90
C LEU E 137 26.21 8.90 -56.87
N ASN E 138 27.49 8.69 -56.60
CA ASN E 138 28.01 7.33 -56.57
C ASN E 138 27.44 6.59 -55.38
N ILE E 139 26.85 5.42 -55.65
CA ILE E 139 26.10 4.66 -54.65
C ILE E 139 26.98 3.54 -54.13
N VAL E 140 27.15 3.50 -52.81
CA VAL E 140 27.79 2.38 -52.14
C VAL E 140 26.72 1.70 -51.31
N GLU E 141 26.32 0.50 -51.72
CA GLU E 141 25.23 -0.21 -51.07
C GLU E 141 25.77 -1.07 -49.92
N MET E 142 25.05 -1.03 -48.81
CA MET E 142 25.42 -1.76 -47.60
C MET E 142 24.83 -3.18 -47.67
N LYS E 143 25.43 -3.98 -48.55
CA LYS E 143 24.88 -5.30 -48.85
C LYS E 143 25.29 -6.37 -47.83
N ASP E 144 26.24 -6.08 -46.95
CA ASP E 144 26.66 -7.07 -45.97
C ASP E 144 25.48 -7.49 -45.09
N GLU E 145 25.23 -8.80 -45.04
CA GLU E 145 24.23 -9.43 -44.19
C GLU E 145 24.18 -8.87 -42.77
N ASN E 146 25.25 -8.18 -42.38
CA ASN E 146 25.63 -8.05 -40.99
C ASN E 146 25.74 -6.59 -40.58
N ALA E 147 25.97 -5.72 -41.56
CA ALA E 147 26.18 -4.30 -41.31
C ALA E 147 24.83 -3.61 -41.19
N THR E 148 24.23 -3.75 -40.02
CA THR E 148 22.98 -3.05 -39.73
C THR E 148 23.29 -1.63 -39.29
N LEU E 149 22.64 -0.66 -39.92
CA LEU E 149 22.88 0.74 -39.61
C LEU E 149 21.67 1.57 -40.03
N ASP E 150 21.21 2.42 -39.12
CA ASP E 150 20.18 3.39 -39.42
C ASP E 150 20.81 4.76 -39.58
N GLY E 151 20.38 5.50 -40.60
CA GLY E 151 20.88 6.86 -40.78
C GLY E 151 20.63 7.76 -39.59
N GLY E 152 19.61 7.45 -38.79
CA GLY E 152 19.33 8.22 -37.60
C GLY E 152 20.32 8.00 -36.47
N ASP E 153 21.10 6.91 -36.55
CA ASP E 153 22.14 6.64 -35.58
C ASP E 153 23.47 7.30 -35.93
N VAL E 154 23.56 7.93 -37.08
CA VAL E 154 24.81 8.52 -37.57
C VAL E 154 24.64 10.03 -37.53
N LEU E 155 25.44 10.68 -36.69
CA LEU E 155 25.49 12.13 -36.61
C LEU E 155 26.76 12.61 -37.29
N PHE E 156 26.62 13.45 -38.31
CA PHE E 156 27.75 14.00 -39.05
C PHE E 156 27.91 15.47 -38.68
N THR E 157 29.05 15.81 -38.08
CA THR E 157 29.33 17.15 -37.57
C THR E 157 30.14 17.99 -38.55
N GLY E 158 30.36 17.50 -39.77
CA GLY E 158 31.17 18.19 -40.75
C GLY E 158 32.64 17.79 -40.70
N ARG E 159 33.17 17.58 -39.50
CA ARG E 159 34.56 17.18 -39.31
C ARG E 159 34.73 15.68 -39.19
N GLU E 160 33.76 14.97 -38.60
CA GLU E 160 33.89 13.54 -38.38
C GLU E 160 32.50 12.93 -38.31
N PHE E 161 32.46 11.62 -38.07
CA PHE E 161 31.22 10.85 -37.97
C PHE E 161 31.07 10.30 -36.56
N PHE E 162 29.84 10.35 -36.04
CA PHE E 162 29.48 9.68 -34.80
C PHE E 162 28.34 8.73 -35.08
N VAL E 163 28.58 7.43 -34.89
CA VAL E 163 27.60 6.39 -35.19
C VAL E 163 27.18 5.74 -33.88
N GLY E 164 25.90 5.84 -33.55
CA GLY E 164 25.40 5.25 -32.34
C GLY E 164 25.21 3.74 -32.48
N LEU E 165 25.61 3.02 -31.45
CA LEU E 165 25.44 1.57 -31.38
C LEU E 165 24.11 1.27 -30.71
N SER E 166 23.10 0.89 -31.50
CA SER E 166 21.75 0.72 -30.99
C SER E 166 21.25 -0.68 -31.35
N LYS E 167 19.93 -0.86 -31.29
CA LYS E 167 19.30 -2.11 -31.70
C LYS E 167 19.18 -2.24 -33.22
N ARG E 168 19.36 -1.14 -33.94
CA ARG E 168 19.32 -1.15 -35.40
C ARG E 168 20.69 -0.86 -36.01
N THR E 169 21.72 -0.68 -35.19
CA THR E 169 23.06 -0.32 -35.66
C THR E 169 24.08 -1.01 -34.79
N ASN E 170 24.87 -1.90 -35.40
CA ASN E 170 25.82 -2.76 -34.69
C ASN E 170 27.27 -2.34 -34.99
N GLN E 171 28.20 -3.28 -34.81
CA GLN E 171 29.62 -2.97 -34.97
C GLN E 171 30.03 -2.95 -36.44
N ARG E 172 29.71 -4.01 -37.18
CA ARG E 172 30.05 -4.06 -38.60
C ARG E 172 29.48 -2.86 -39.35
N GLY E 173 28.26 -2.45 -39.00
CA GLY E 173 27.60 -1.39 -39.73
C GLY E 173 28.43 -0.12 -39.81
N ALA E 174 28.95 0.33 -38.66
CA ALA E 174 29.80 1.51 -38.66
C ALA E 174 31.09 1.27 -39.44
N GLU E 175 31.55 0.02 -39.49
CA GLU E 175 32.80 -0.27 -40.21
C GLU E 175 32.65 -0.05 -41.71
N ILE E 176 31.47 -0.36 -42.26
CA ILE E 176 31.26 -0.05 -43.67
C ILE E 176 30.98 1.44 -43.87
N LEU E 177 30.37 2.11 -42.90
CA LEU E 177 30.27 3.56 -42.98
C LEU E 177 31.63 4.21 -42.93
N ALA E 178 32.52 3.73 -42.05
CA ALA E 178 33.87 4.24 -41.99
C ALA E 178 34.64 3.94 -43.26
N ASP E 179 34.54 2.70 -43.75
CA ASP E 179 35.20 2.32 -44.99
C ASP E 179 34.64 3.10 -46.18
N THR E 180 33.35 3.47 -46.13
CA THR E 180 32.75 4.18 -47.25
C THR E 180 33.23 5.63 -47.31
N PHE E 181 33.27 6.30 -46.16
CA PHE E 181 33.79 7.68 -46.05
C PHE E 181 35.09 7.63 -45.24
N LYS E 182 36.21 7.39 -45.92
CA LYS E 182 37.48 7.23 -45.23
C LYS E 182 38.19 8.54 -44.91
N ASP E 183 37.71 9.66 -45.45
CA ASP E 183 38.35 10.95 -45.19
C ASP E 183 37.89 11.59 -43.89
N TYR E 184 37.06 10.92 -43.10
CA TYR E 184 36.54 11.46 -41.85
C TYR E 184 36.66 10.41 -40.76
N ALA E 185 36.99 10.87 -39.55
CA ALA E 185 37.05 9.97 -38.41
C ALA E 185 35.66 9.47 -38.05
N VAL E 186 35.57 8.20 -37.68
CA VAL E 186 34.30 7.55 -37.34
C VAL E 186 34.47 6.84 -36.01
N SER E 187 33.75 7.31 -34.99
CA SER E 187 33.70 6.65 -33.70
C SER E 187 32.31 6.09 -33.45
N THR E 188 32.26 5.01 -32.67
CA THR E 188 31.00 4.42 -32.22
C THR E 188 30.72 4.90 -30.80
N VAL E 189 29.46 5.26 -30.55
CA VAL E 189 29.02 5.69 -29.24
C VAL E 189 27.86 4.78 -28.82
N PRO E 190 27.87 4.24 -27.59
CA PRO E 190 26.78 3.34 -27.16
C PRO E 190 25.54 4.13 -26.80
N VAL E 191 24.42 3.81 -27.46
CA VAL E 191 23.14 4.45 -27.21
C VAL E 191 22.22 3.43 -26.58
N ALA E 192 21.59 3.81 -25.46
CA ALA E 192 20.78 2.89 -24.67
C ALA E 192 19.34 2.88 -25.17
N ASP E 193 18.54 1.97 -24.58
CA ASP E 193 17.13 1.79 -24.90
C ASP E 193 16.91 1.46 -26.37
N GLY E 194 15.73 1.77 -26.88
CA GLY E 194 15.43 1.56 -28.28
C GLY E 194 15.39 2.85 -29.08
N LEU E 195 16.30 3.76 -28.76
CA LEU E 195 16.38 5.06 -29.40
C LEU E 195 17.39 5.05 -30.54
N HIS E 196 17.64 6.21 -31.11
CA HIS E 196 18.72 6.44 -32.05
C HIS E 196 19.65 7.50 -31.46
N LEU E 197 20.81 7.67 -32.10
CA LEU E 197 21.76 8.66 -31.63
C LEU E 197 21.17 10.08 -31.71
N LYS E 198 20.51 10.40 -32.81
CA LYS E 198 19.95 11.72 -33.01
C LYS E 198 18.55 11.87 -32.41
N SER E 199 18.09 10.90 -31.62
CA SER E 199 16.85 11.07 -30.87
C SER E 199 16.99 12.12 -29.79
N PHE E 200 18.23 12.48 -29.44
CA PHE E 200 18.49 13.54 -28.46
C PHE E 200 19.58 14.49 -28.96
N CYS E 201 19.90 14.47 -30.24
CA CYS E 201 21.09 15.13 -30.73
C CYS E 201 20.89 15.56 -32.18
N SER E 202 21.51 16.69 -32.53
CA SER E 202 21.48 17.22 -33.89
C SER E 202 22.43 18.40 -33.95
N MET E 203 22.73 18.83 -35.17
CA MET E 203 23.65 19.95 -35.40
C MET E 203 22.85 21.24 -35.49
N ALA E 204 23.01 22.12 -34.50
CA ALA E 204 22.35 23.41 -34.48
C ALA E 204 23.16 24.50 -35.15
N GLY E 205 24.23 24.14 -35.87
CA GLY E 205 25.08 25.12 -36.51
C GLY E 205 26.50 24.61 -36.65
N PRO E 206 27.38 25.46 -37.19
CA PRO E 206 28.80 25.05 -37.35
C PRO E 206 29.44 24.88 -35.98
N ASN E 207 29.96 23.68 -35.73
CA ASN E 207 30.59 23.29 -34.48
C ASN E 207 29.64 23.34 -33.29
N LEU E 208 28.34 23.51 -33.54
CA LEU E 208 27.33 23.57 -32.49
C LEU E 208 26.46 22.33 -32.57
N ILE E 209 26.43 21.56 -31.49
CA ILE E 209 25.66 20.32 -31.42
C ILE E 209 24.51 20.52 -30.46
N ALA E 210 23.29 20.44 -30.97
CA ALA E 210 22.10 20.48 -30.11
C ALA E 210 21.99 19.16 -29.37
N ILE E 211 21.96 19.23 -28.03
CA ILE E 211 21.99 18.05 -27.18
C ILE E 211 20.93 18.18 -26.10
N GLY E 212 20.24 17.08 -25.81
CA GLY E 212 19.22 17.06 -24.80
C GLY E 212 19.78 17.15 -23.39
N SER E 213 18.86 17.13 -22.43
CA SER E 213 19.21 17.27 -21.02
C SER E 213 19.14 15.96 -20.25
N SER E 214 18.71 14.87 -20.89
CA SER E 214 18.58 13.60 -20.18
C SER E 214 19.95 13.03 -19.84
N GLU E 215 19.98 12.19 -18.80
CA GLU E 215 21.22 11.53 -18.42
C GLU E 215 21.80 10.72 -19.57
N SER E 216 20.94 10.05 -20.34
CA SER E 216 21.42 9.29 -21.49
C SER E 216 21.89 10.21 -22.61
N ALA E 217 21.32 11.41 -22.72
CA ALA E 217 21.80 12.36 -23.70
C ALA E 217 23.16 12.93 -23.31
N GLN E 218 23.34 13.25 -22.02
CA GLN E 218 24.63 13.76 -21.56
C GLN E 218 25.68 12.67 -21.54
N LYS E 219 25.31 11.46 -21.08
CA LYS E 219 26.28 10.36 -21.01
C LYS E 219 26.83 10.02 -22.38
N ALA E 220 25.96 10.00 -23.40
CA ALA E 220 26.42 9.73 -24.76
C ALA E 220 27.16 10.91 -25.38
N LEU E 221 27.00 12.11 -24.82
CA LEU E 221 27.70 13.27 -25.35
C LEU E 221 29.17 13.29 -24.94
N LYS E 222 29.45 13.01 -23.67
CA LYS E 222 30.82 12.98 -23.20
C LYS E 222 31.62 11.87 -23.91
N ILE E 223 30.96 10.77 -24.25
CA ILE E 223 31.63 9.70 -24.99
C ILE E 223 32.02 10.18 -26.38
N MET E 224 31.25 11.11 -26.95
CA MET E 224 31.47 11.51 -28.33
C MET E 224 32.75 12.33 -28.48
N GLN E 225 32.79 13.52 -27.87
CA GLN E 225 33.93 14.41 -28.03
C GLN E 225 35.07 14.09 -27.06
N GLN E 226 35.16 12.86 -26.57
CA GLN E 226 36.36 12.37 -25.92
C GLN E 226 37.22 11.52 -26.86
N MET E 227 36.62 10.92 -27.88
CA MET E 227 37.34 10.25 -28.94
C MET E 227 37.67 11.19 -30.09
N SER E 228 37.06 12.37 -30.12
CA SER E 228 37.30 13.34 -31.18
C SER E 228 38.53 14.19 -30.85
N ASP E 229 39.25 14.56 -31.90
CA ASP E 229 40.36 15.50 -31.75
C ASP E 229 39.88 16.94 -31.55
N HIS E 230 38.58 17.18 -31.64
CA HIS E 230 38.02 18.52 -31.61
C HIS E 230 37.10 18.68 -30.41
N ARG E 231 37.06 19.90 -29.89
CA ARG E 231 36.14 20.28 -28.81
C ARG E 231 34.99 21.06 -29.44
N TYR E 232 33.80 20.44 -29.46
CA TYR E 232 32.64 21.03 -30.08
C TYR E 232 31.90 21.94 -29.10
N ASP E 233 31.19 22.93 -29.64
CA ASP E 233 30.38 23.81 -28.82
C ASP E 233 29.02 23.17 -28.54
N LYS E 234 28.34 23.67 -27.51
CA LYS E 234 27.17 23.01 -26.96
C LYS E 234 25.98 23.96 -26.88
N LEU E 235 24.79 23.39 -27.07
CA LEU E 235 23.52 24.07 -26.82
C LEU E 235 22.63 23.10 -26.07
N THR E 236 22.40 23.35 -24.79
CA THR E 236 21.64 22.43 -23.95
C THR E 236 20.14 22.64 -24.16
N VAL E 237 19.41 21.53 -24.30
CA VAL E 237 17.99 21.55 -24.61
C VAL E 237 17.27 20.72 -23.55
N PRO E 238 16.24 21.27 -22.89
CA PRO E 238 15.57 20.51 -21.82
C PRO E 238 14.77 19.30 -22.32
N ASP E 239 14.36 19.28 -23.57
CA ASP E 239 13.59 18.16 -24.13
C ASP E 239 14.39 17.52 -25.26
N ASP E 240 14.78 16.26 -25.06
CA ASP E 240 15.65 15.58 -26.03
C ASP E 240 15.03 15.56 -27.42
N ILE E 241 13.70 15.56 -27.52
CA ILE E 241 13.05 15.54 -28.82
C ILE E 241 13.27 16.87 -29.56
N ALA E 242 13.24 17.98 -28.82
CA ALA E 242 13.53 19.27 -29.42
C ALA E 242 15.00 19.42 -29.81
N ALA E 243 15.88 18.61 -29.22
CA ALA E 243 17.29 18.65 -29.59
C ALA E 243 17.52 18.23 -31.03
N ASN E 244 16.58 17.51 -31.63
CA ASN E 244 16.66 17.14 -33.04
C ASN E 244 16.19 18.33 -33.87
N CYS E 245 17.10 18.92 -34.64
CA CYS E 245 16.77 20.04 -35.50
C CYS E 245 17.45 19.84 -36.84
N ILE E 246 17.30 20.82 -37.73
CA ILE E 246 17.94 20.79 -39.04
C ILE E 246 18.55 22.16 -39.30
N TYR E 247 19.86 22.20 -39.50
CA TYR E 247 20.59 23.43 -39.78
C TYR E 247 20.91 23.50 -41.26
N LEU E 248 20.51 24.60 -41.90
CA LEU E 248 20.72 24.80 -43.33
C LEU E 248 21.51 26.07 -43.56
N ASN E 249 22.46 26.00 -44.49
CA ASN E 249 23.25 27.15 -44.93
C ASN E 249 22.91 27.39 -46.40
N ILE E 250 21.74 27.94 -46.64
CA ILE E 250 21.27 28.21 -48.00
C ILE E 250 21.78 29.58 -48.42
N PRO E 251 22.41 29.71 -49.59
CA PRO E 251 22.82 31.03 -50.07
C PRO E 251 21.61 31.91 -50.32
N ASN E 252 21.85 33.23 -50.33
CA ASN E 252 20.84 34.27 -50.46
C ASN E 252 19.91 34.35 -49.24
N LYS E 253 20.04 33.43 -48.28
CA LYS E 253 19.11 33.34 -47.16
C LYS E 253 19.76 33.18 -45.79
N GLY E 254 21.07 33.00 -45.71
CA GLY E 254 21.72 32.88 -44.41
C GLY E 254 21.63 31.48 -43.84
N HIS E 255 21.79 31.42 -42.51
CA HIS E 255 21.78 30.16 -41.77
C HIS E 255 20.38 29.91 -41.23
N VAL E 256 19.71 28.89 -41.77
CA VAL E 256 18.35 28.55 -41.37
C VAL E 256 18.40 27.37 -40.41
N LEU E 257 17.51 27.37 -39.43
CA LEU E 257 17.40 26.26 -38.50
C LEU E 257 15.93 25.93 -38.29
N LEU E 258 15.59 24.66 -38.50
CA LEU E 258 14.24 24.16 -38.30
C LEU E 258 14.18 23.47 -36.94
N HIS E 259 13.34 23.99 -36.04
CA HIS E 259 13.22 23.46 -34.70
C HIS E 259 11.76 23.15 -34.39
N ARG E 260 11.55 22.38 -33.33
CA ARG E 260 10.21 21.98 -32.94
C ARG E 260 9.40 23.19 -32.48
N THR E 261 8.08 23.09 -32.63
CA THR E 261 7.17 24.18 -32.34
C THR E 261 7.01 24.35 -30.83
N PRO E 262 7.05 25.58 -30.33
CA PRO E 262 6.91 25.82 -28.88
C PRO E 262 5.70 25.15 -28.24
N GLU E 263 4.58 25.03 -28.96
CA GLU E 263 3.43 24.35 -28.36
C GLU E 263 3.72 22.88 -28.07
N GLU E 264 4.58 22.26 -28.88
CA GLU E 264 4.97 20.88 -28.60
C GLU E 264 5.90 20.79 -27.40
N TYR E 265 6.83 21.74 -27.28
CA TYR E 265 7.82 21.75 -26.20
C TYR E 265 8.03 23.18 -25.73
N PRO E 266 7.19 23.67 -24.83
CA PRO E 266 7.37 25.05 -24.32
C PRO E 266 8.59 25.20 -23.44
N GLU E 267 9.22 24.12 -23.01
CA GLU E 267 10.42 24.20 -22.17
C GLU E 267 11.65 24.55 -22.99
N SER E 268 11.75 23.99 -24.19
CA SER E 268 12.97 24.02 -24.99
C SER E 268 12.91 25.00 -26.15
N ALA E 269 11.80 25.72 -26.31
CA ALA E 269 11.63 26.57 -27.48
C ALA E 269 12.52 27.81 -27.40
N LYS E 270 12.52 28.50 -26.27
CA LYS E 270 13.25 29.76 -26.16
C LYS E 270 14.76 29.55 -26.07
N VAL E 271 15.23 28.31 -25.91
CA VAL E 271 16.66 28.07 -25.92
C VAL E 271 17.22 28.31 -27.32
N TYR E 272 16.50 27.87 -28.35
CA TYR E 272 16.88 28.22 -29.71
C TYR E 272 16.64 29.71 -29.99
N GLU E 273 15.56 30.26 -29.41
CA GLU E 273 15.18 31.65 -29.66
C GLU E 273 16.30 32.63 -29.32
N LYS E 274 17.23 32.25 -28.45
CA LYS E 274 18.38 33.09 -28.14
C LYS E 274 19.31 33.25 -29.34
N LEU E 275 19.15 32.45 -30.39
CA LEU E 275 20.00 32.52 -31.58
C LEU E 275 19.40 33.54 -32.55
N LYS E 276 19.62 34.82 -32.23
CA LYS E 276 19.22 35.89 -33.14
C LYS E 276 20.07 35.94 -34.39
N ASP E 277 21.18 35.19 -34.42
CA ASP E 277 22.01 35.09 -35.61
C ASP E 277 21.42 34.18 -36.68
N HIS E 278 20.39 33.40 -36.34
CA HIS E 278 19.75 32.48 -37.27
C HIS E 278 18.36 32.97 -37.63
N MET E 279 17.82 32.39 -38.71
CA MET E 279 16.43 32.57 -39.09
C MET E 279 15.71 31.27 -38.72
N LEU E 280 15.24 31.20 -37.48
CA LEU E 280 14.66 29.98 -36.95
C LEU E 280 13.23 29.80 -37.43
N ILE E 281 12.93 28.61 -37.94
CA ILE E 281 11.60 28.26 -38.43
C ILE E 281 11.03 27.20 -37.51
N PRO E 282 9.91 27.45 -36.83
CA PRO E 282 9.26 26.41 -36.03
C PRO E 282 8.48 25.45 -36.91
N VAL E 283 8.73 24.16 -36.73
CA VAL E 283 8.06 23.12 -37.50
C VAL E 283 7.43 22.14 -36.52
N SER E 284 6.18 21.75 -36.79
CA SER E 284 5.41 20.89 -35.91
C SER E 284 5.46 19.45 -36.36
N MET E 285 5.55 18.54 -35.41
CA MET E 285 5.53 17.10 -35.68
C MET E 285 4.86 16.37 -34.53
N SER E 286 3.70 16.88 -34.10
CA SER E 286 3.01 16.34 -32.94
C SER E 286 2.39 14.98 -33.22
N GLU E 287 2.11 14.66 -34.48
CA GLU E 287 1.59 13.33 -34.81
C GLU E 287 2.70 12.30 -34.89
N LEU E 288 3.73 12.58 -35.68
CA LEU E 288 4.82 11.63 -35.90
C LEU E 288 5.70 11.42 -34.68
N GLU E 289 5.48 12.17 -33.59
CA GLU E 289 6.21 11.92 -32.36
C GLU E 289 5.76 10.64 -31.68
N LYS E 290 4.55 10.17 -31.98
CA LYS E 290 4.07 8.92 -31.40
C LYS E 290 4.95 7.74 -31.81
N VAL E 291 5.42 7.75 -33.06
CA VAL E 291 6.29 6.70 -33.56
C VAL E 291 7.77 7.11 -33.48
N ASP E 292 8.11 8.05 -32.59
CA ASP E 292 9.49 8.45 -32.31
C ASP E 292 10.19 9.04 -33.53
N GLY E 293 9.42 9.63 -34.45
CA GLY E 293 9.98 10.24 -35.64
C GLY E 293 10.15 11.74 -35.45
N LEU E 294 11.37 12.21 -35.68
CA LEU E 294 11.74 13.61 -35.44
C LEU E 294 12.16 14.29 -36.74
N LEU E 295 12.66 15.52 -36.61
CA LEU E 295 12.81 16.41 -37.76
C LEU E 295 13.81 15.88 -38.78
N THR E 296 14.91 15.30 -38.31
CA THR E 296 15.97 14.85 -39.21
C THR E 296 15.58 13.64 -40.05
N CYS E 297 14.75 12.77 -39.46
CA CYS E 297 14.41 11.47 -40.12
C CYS E 297 13.58 11.62 -41.35
N CYS E 298 12.91 12.75 -41.51
CA CYS E 298 11.93 12.91 -42.57
C CYS E 298 12.51 13.44 -43.89
N SER E 299 13.83 13.48 -43.98
CA SER E 299 14.46 14.00 -45.20
C SER E 299 15.89 13.52 -45.28
N VAL E 300 16.46 13.63 -46.48
CA VAL E 300 17.87 13.32 -46.74
C VAL E 300 18.42 14.51 -47.53
N LEU E 301 19.20 15.36 -46.86
CA LEU E 301 19.72 16.56 -47.47
C LEU E 301 20.87 16.23 -48.41
N ILE E 302 20.91 16.90 -49.56
CA ILE E 302 21.89 16.62 -50.59
C ILE E 302 22.43 17.94 -51.14
N ASN E 303 23.75 18.03 -51.26
CA ASN E 303 24.42 19.14 -51.92
C ASN E 303 24.95 18.67 -53.27
N LYS E 304 24.75 19.49 -54.31
CA LYS E 304 25.10 19.09 -55.66
C LYS E 304 25.72 20.25 -56.44
N LYS E 305 26.66 20.95 -55.81
CA LYS E 305 27.60 21.86 -56.49
C LYS E 305 28.56 22.47 -55.47
N ALA F 32 25.01 39.66 24.99
CA ALA F 32 25.97 39.44 26.07
C ALA F 32 25.37 38.60 27.17
N PHE F 33 24.88 37.41 26.80
CA PHE F 33 24.28 36.43 27.70
C PHE F 33 22.96 36.92 28.30
N GLY F 34 21.95 36.06 28.33
CA GLY F 34 20.66 36.39 28.87
C GLY F 34 19.69 37.00 27.88
N ARG F 35 20.15 37.41 26.71
CA ARG F 35 19.28 38.03 25.73
C ARG F 35 18.53 36.96 24.94
N ALA F 36 17.22 37.14 24.81
CA ALA F 36 16.38 36.23 24.06
C ALA F 36 15.36 37.05 23.27
N THR F 37 14.83 36.42 22.22
CA THR F 37 13.78 37.03 21.41
C THR F 37 12.48 36.23 21.39
N HIS F 38 12.52 34.94 21.69
CA HIS F 38 11.36 34.08 21.63
C HIS F 38 11.25 33.27 22.92
N ALA F 39 10.09 32.64 23.10
CA ALA F 39 9.86 31.75 24.24
C ALA F 39 8.78 30.77 23.87
N VAL F 40 9.09 29.48 23.96
CA VAL F 40 8.14 28.41 23.64
C VAL F 40 7.56 27.89 24.96
N VAL F 41 6.25 28.02 25.11
CA VAL F 41 5.56 27.52 26.30
C VAL F 41 4.54 26.49 25.89
N ARG F 42 3.71 26.06 26.84
CA ARG F 42 2.68 25.07 26.56
C ARG F 42 1.63 25.13 27.67
N ALA F 43 0.37 25.02 27.28
CA ALA F 43 -0.71 25.02 28.25
C ALA F 43 -0.80 23.68 28.97
N LEU F 44 -1.30 23.72 30.21
CA LEU F 44 -1.41 22.46 30.92
C LEU F 44 -2.78 21.83 30.71
N PRO F 45 -2.87 20.50 30.72
CA PRO F 45 -4.16 19.85 30.47
C PRO F 45 -4.92 19.52 31.74
N GLU F 46 -6.08 18.87 31.58
CA GLU F 46 -6.85 18.43 32.75
C GLU F 46 -6.17 17.27 33.46
N SER F 47 -5.42 16.45 32.71
CA SER F 47 -4.72 15.31 33.31
C SER F 47 -3.64 15.75 34.29
N LEU F 48 -3.28 17.04 34.31
CA LEU F 48 -2.25 17.53 35.20
C LEU F 48 -2.62 17.32 36.66
N GLY F 49 -3.91 17.42 37.00
CA GLY F 49 -4.30 17.43 38.40
C GLY F 49 -4.05 16.13 39.13
N GLN F 50 -4.06 15.01 38.41
CA GLN F 50 -3.98 13.69 39.06
C GLN F 50 -2.95 12.75 38.47
N HIS F 51 -2.45 12.98 37.26
CA HIS F 51 -1.59 12.01 36.60
C HIS F 51 -0.18 12.53 36.32
N ALA F 52 0.15 13.75 36.72
CA ALA F 52 1.47 14.28 36.47
C ALA F 52 2.52 13.56 37.32
N LEU F 53 3.77 13.63 36.87
CA LEU F 53 4.86 12.97 37.58
C LEU F 53 5.17 13.70 38.88
N ARG F 54 5.54 12.94 39.90
CA ARG F 54 5.82 13.51 41.21
C ARG F 54 6.61 12.51 42.03
N SER F 55 7.47 13.04 42.91
CA SER F 55 8.21 12.23 43.85
C SER F 55 8.21 12.87 45.23
N GLY F 58 2.29 14.76 48.66
CA GLY F 58 0.84 14.79 48.73
C GLY F 58 0.24 16.06 48.19
N GLU F 59 -0.67 16.64 48.96
CA GLU F 59 -1.27 17.95 48.70
C GLU F 59 -2.19 17.97 47.48
N GLU F 60 -3.21 18.82 47.53
CA GLU F 60 -4.13 19.01 46.41
C GLU F 60 -3.57 20.08 45.48
N VAL F 61 -3.80 19.89 44.19
CA VAL F 61 -3.41 20.85 43.17
C VAL F 61 -4.67 21.46 42.59
N ASP F 62 -4.82 22.77 42.75
CA ASP F 62 -5.98 23.49 42.23
C ASP F 62 -5.71 23.80 40.76
N VAL F 63 -6.38 23.05 39.87
CA VAL F 63 -6.16 23.20 38.44
C VAL F 63 -6.73 24.50 37.90
N ALA F 64 -7.53 25.23 38.70
CA ALA F 64 -7.96 26.56 38.29
C ALA F 64 -6.87 27.59 38.57
N ARG F 65 -6.28 27.55 39.76
CA ARG F 65 -5.12 28.38 40.05
C ARG F 65 -3.89 27.92 39.29
N ALA F 66 -3.94 26.77 38.62
CA ALA F 66 -2.82 26.24 37.85
C ALA F 66 -2.55 27.09 36.61
N GLU F 67 -3.35 26.89 35.56
CA GLU F 67 -3.24 27.70 34.35
C GLU F 67 -3.40 29.18 34.61
N ARG F 68 -3.87 29.56 35.80
CA ARG F 68 -3.88 30.96 36.21
C ARG F 68 -2.46 31.51 36.30
N GLN F 69 -1.64 30.93 37.19
CA GLN F 69 -0.25 31.36 37.30
C GLN F 69 0.50 31.15 35.99
N HIS F 70 0.12 30.12 35.23
CA HIS F 70 0.79 29.85 33.97
C HIS F 70 0.55 30.96 32.95
N GLN F 71 -0.60 31.64 33.03
CA GLN F 71 -0.85 32.73 32.10
C GLN F 71 -0.22 34.03 32.57
N LEU F 72 -0.12 34.25 33.89
CA LEU F 72 0.68 35.35 34.39
C LEU F 72 2.16 35.11 34.08
N TYR F 73 2.60 33.84 34.16
CA TYR F 73 3.94 33.47 33.75
C TYR F 73 4.20 33.84 32.30
N VAL F 74 3.30 33.43 31.41
CA VAL F 74 3.43 33.77 29.99
C VAL F 74 3.24 35.27 29.78
N GLY F 75 2.43 35.92 30.62
CA GLY F 75 2.21 37.34 30.47
C GLY F 75 3.42 38.20 30.74
N VAL F 76 4.41 37.68 31.46
CA VAL F 76 5.59 38.46 31.79
C VAL F 76 6.59 38.43 30.64
N LEU F 77 6.86 37.25 30.08
CA LEU F 77 7.84 37.13 29.01
C LEU F 77 7.38 37.84 27.75
N GLY F 78 6.13 37.65 27.37
CA GLY F 78 5.61 38.17 26.11
C GLY F 78 5.28 39.65 26.12
N SER F 79 4.21 40.02 26.82
CA SER F 79 3.73 41.40 26.78
C SER F 79 4.71 42.35 27.46
N LYS F 80 5.09 42.04 28.70
CA LYS F 80 5.96 42.94 29.45
C LYS F 80 7.36 42.99 28.85
N LEU F 81 8.09 41.86 28.91
CA LEU F 81 9.49 41.84 28.51
C LEU F 81 9.68 41.88 27.00
N GLY F 82 8.64 41.63 26.21
CA GLY F 82 8.72 41.81 24.78
C GLY F 82 9.16 40.60 23.99
N LEU F 83 8.90 39.39 24.49
CA LEU F 83 9.24 38.18 23.75
C LEU F 83 8.08 37.74 22.87
N GLN F 84 8.40 37.05 21.78
CA GLN F 84 7.39 36.48 20.90
C GLN F 84 7.08 35.07 21.39
N VAL F 85 5.93 34.91 22.02
CA VAL F 85 5.54 33.65 22.64
C VAL F 85 4.82 32.80 21.60
N VAL F 86 5.25 31.54 21.48
CA VAL F 86 4.48 30.53 20.77
C VAL F 86 3.94 29.57 21.83
N GLU F 87 2.62 29.53 21.96
CA GLU F 87 1.96 28.74 23.00
C GLU F 87 1.54 27.42 22.38
N LEU F 88 2.27 26.37 22.70
CA LEU F 88 1.91 25.05 22.21
C LEU F 88 0.66 24.56 22.91
N PRO F 89 -0.22 23.84 22.21
CA PRO F 89 -1.49 23.44 22.81
C PRO F 89 -1.30 22.33 23.84
N ALA F 90 -2.19 22.32 24.82
CA ALA F 90 -2.19 21.28 25.83
C ALA F 90 -2.71 19.97 25.24
N ASP F 91 -2.14 18.86 25.70
CA ASP F 91 -2.58 17.53 25.31
C ASP F 91 -2.95 16.76 26.57
N GLU F 92 -4.14 16.17 26.57
CA GLU F 92 -4.59 15.42 27.75
C GLU F 92 -3.86 14.10 27.89
N SER F 93 -3.44 13.49 26.78
CA SER F 93 -2.70 12.24 26.85
C SER F 93 -1.32 12.40 27.48
N LEU F 94 -0.80 13.63 27.49
CA LEU F 94 0.52 13.93 28.07
C LEU F 94 0.31 14.98 29.16
N PRO F 95 0.07 14.55 30.41
CA PRO F 95 -0.25 15.52 31.46
C PRO F 95 0.88 16.51 31.73
N ASP F 96 2.13 16.07 31.62
CA ASP F 96 3.28 16.93 31.88
C ASP F 96 3.77 17.63 30.62
N CYS F 97 2.87 18.17 29.80
CA CYS F 97 3.27 18.88 28.60
C CYS F 97 3.62 20.35 28.87
N VAL F 98 3.26 20.90 30.03
CA VAL F 98 3.52 22.31 30.28
C VAL F 98 5.01 22.55 30.52
N PHE F 99 5.67 21.67 31.27
CA PHE F 99 7.10 21.79 31.46
C PHE F 99 7.83 21.45 30.17
N VAL F 100 7.99 22.45 29.30
CA VAL F 100 8.60 22.24 27.99
C VAL F 100 10.11 22.22 28.03
N GLU F 101 10.73 22.51 29.19
CA GLU F 101 12.18 22.53 29.26
C GLU F 101 12.77 21.13 29.20
N ASP F 102 12.05 20.12 29.69
CA ASP F 102 12.58 18.78 29.75
C ASP F 102 12.84 18.20 28.35
N VAL F 103 12.10 18.65 27.34
CA VAL F 103 12.14 18.03 26.03
C VAL F 103 13.01 18.78 25.04
N ALA F 104 13.62 19.89 25.44
CA ALA F 104 14.42 20.70 24.52
C ALA F 104 15.57 21.36 25.26
N VAL F 105 16.74 21.34 24.64
CA VAL F 105 17.90 22.10 25.09
C VAL F 105 18.31 23.00 23.95
N VAL F 106 18.26 24.31 24.18
CA VAL F 106 18.61 25.31 23.18
C VAL F 106 19.81 26.10 23.69
N CYS F 107 20.94 25.97 23.01
CA CYS F 107 22.18 26.62 23.40
C CYS F 107 22.58 27.59 22.31
N GLU F 108 22.61 28.88 22.63
CA GLU F 108 23.06 29.91 21.70
C GLU F 108 22.24 29.97 20.43
N GLU F 109 21.79 28.81 19.95
CA GLU F 109 21.55 28.63 18.53
C GLU F 109 21.02 27.24 18.20
N THR F 110 21.84 26.21 18.43
CA THR F 110 21.47 24.85 18.04
C THR F 110 20.47 24.28 19.03
N ALA F 111 19.40 23.68 18.50
CA ALA F 111 18.34 23.09 19.31
C ALA F 111 18.52 21.58 19.35
N LEU F 112 18.55 21.03 20.57
CA LEU F 112 18.73 19.59 20.79
C LEU F 112 17.43 19.01 21.34
N ILE F 113 16.76 18.18 20.54
CA ILE F 113 15.61 17.45 21.03
C ILE F 113 16.09 16.34 21.96
N THR F 114 15.68 16.38 23.21
CA THR F 114 16.11 15.41 24.20
C THR F 114 15.17 14.21 24.22
N ARG F 115 15.70 13.10 24.73
CA ARG F 115 14.89 11.91 24.98
C ARG F 115 14.61 11.86 26.48
N PRO F 116 13.43 12.30 26.93
CA PRO F 116 13.18 12.39 28.37
C PRO F 116 13.29 11.03 29.04
N GLY F 117 13.77 11.05 30.28
CA GLY F 117 13.96 9.81 31.02
C GLY F 117 12.66 9.06 31.24
N ALA F 118 11.59 9.79 31.49
CA ALA F 118 10.27 9.17 31.62
C ALA F 118 9.76 8.78 30.23
N PRO F 119 9.44 7.52 29.99
CA PRO F 119 8.96 7.13 28.66
C PRO F 119 7.60 7.71 28.30
N SER F 120 6.81 8.14 29.29
CA SER F 120 5.49 8.71 29.03
C SER F 120 5.55 10.12 28.47
N ARG F 121 6.71 10.76 28.50
CA ARG F 121 6.87 12.12 28.00
C ARG F 121 7.58 12.19 26.66
N ARG F 122 8.07 11.06 26.14
CA ARG F 122 8.81 11.05 24.88
C ARG F 122 7.96 11.51 23.69
N LYS F 123 6.65 11.63 23.86
CA LYS F 123 5.81 12.12 22.78
C LYS F 123 5.58 13.62 22.82
N GLU F 124 5.98 14.29 23.90
CA GLU F 124 5.92 15.75 23.95
C GLU F 124 6.90 16.40 22.99
N VAL F 125 7.96 15.67 22.60
CA VAL F 125 8.98 16.21 21.71
C VAL F 125 8.50 16.37 20.28
N ASP F 126 7.31 15.85 19.95
CA ASP F 126 6.82 15.92 18.58
C ASP F 126 6.40 17.33 18.20
N MET F 127 5.42 17.89 18.93
CA MET F 127 5.00 19.26 18.67
C MET F 127 6.11 20.25 18.98
N MET F 128 7.02 19.89 19.89
CA MET F 128 8.15 20.75 20.18
C MET F 128 9.09 20.84 18.97
N LYS F 129 9.41 19.69 18.37
CA LYS F 129 10.28 19.69 17.20
C LYS F 129 9.65 20.44 16.03
N GLU F 130 8.32 20.43 15.93
CA GLU F 130 7.68 21.18 14.85
C GLU F 130 7.74 22.68 15.11
N ALA F 131 7.57 23.09 16.37
CA ALA F 131 7.57 24.51 16.70
C ALA F 131 8.92 25.14 16.40
N LEU F 132 9.99 24.60 17.00
CA LEU F 132 11.32 25.15 16.79
C LEU F 132 11.71 25.15 15.32
N GLU F 133 11.19 24.20 14.54
CA GLU F 133 11.53 24.14 13.13
C GLU F 133 10.93 25.30 12.33
N LYS F 134 9.72 25.75 12.71
CA LYS F 134 9.19 26.95 12.08
C LYS F 134 9.49 28.21 12.87
N LEU F 135 10.03 28.09 14.09
CA LEU F 135 10.85 29.13 14.68
C LEU F 135 12.24 29.16 14.09
N GLN F 136 12.38 28.53 12.91
CA GLN F 136 13.63 28.13 12.27
C GLN F 136 14.78 27.97 13.26
N LEU F 137 14.73 26.91 14.05
CA LEU F 137 15.86 26.43 14.82
C LEU F 137 16.08 24.99 14.41
N ASN F 138 17.08 24.75 13.57
CA ASN F 138 17.32 23.40 13.08
C ASN F 138 17.59 22.44 14.24
N ILE F 139 17.44 21.15 13.95
CA ILE F 139 17.09 20.17 14.96
C ILE F 139 18.15 19.07 15.02
N VAL F 140 18.56 18.73 16.24
CA VAL F 140 19.39 17.57 16.52
C VAL F 140 18.62 16.72 17.52
N GLU F 141 18.01 15.63 17.04
CA GLU F 141 17.20 14.79 17.91
C GLU F 141 18.06 13.75 18.60
N MET F 142 17.59 13.31 19.77
CA MET F 142 18.25 12.29 20.57
C MET F 142 17.47 10.99 20.40
N LYS F 143 17.90 10.18 19.43
CA LYS F 143 17.22 8.93 19.09
C LYS F 143 17.91 7.70 19.66
N ASP F 144 19.04 7.86 20.34
CA ASP F 144 19.76 6.72 20.91
C ASP F 144 18.93 6.10 22.02
N GLU F 145 18.62 4.79 21.90
CA GLU F 145 17.86 4.15 22.96
C GLU F 145 18.58 4.19 24.30
N ASN F 146 19.91 4.24 24.28
CA ASN F 146 20.72 4.18 25.48
C ASN F 146 21.04 5.56 26.04
N ALA F 147 20.30 6.58 25.64
CA ALA F 147 20.55 7.95 26.11
C ALA F 147 19.22 8.58 26.50
N THR F 148 19.11 9.03 27.75
CA THR F 148 17.96 9.78 28.24
C THR F 148 18.46 11.08 28.86
N LEU F 149 17.70 12.16 28.66
CA LEU F 149 18.13 13.46 29.16
C LEU F 149 16.90 14.36 29.29
N ASP F 150 16.85 15.11 30.39
CA ASP F 150 15.84 16.13 30.61
C ASP F 150 16.51 17.50 30.64
N GLY F 151 15.90 18.47 29.97
CA GLY F 151 16.45 19.82 29.94
C GLY F 151 16.59 20.46 31.29
N GLY F 152 15.79 20.03 32.27
CA GLY F 152 15.95 20.53 33.64
C GLY F 152 17.22 20.05 34.31
N ASP F 153 17.83 18.98 33.79
CA ASP F 153 19.11 18.51 34.28
C ASP F 153 20.29 19.22 33.64
N VAL F 154 20.05 20.03 32.62
CA VAL F 154 21.11 20.71 31.88
C VAL F 154 21.18 22.15 32.35
N LEU F 155 22.33 22.55 32.88
CA LEU F 155 22.58 23.91 33.32
C LEU F 155 23.59 24.55 32.38
N PHE F 156 23.15 25.56 31.64
CA PHE F 156 24.01 26.30 30.73
C PHE F 156 24.40 27.62 31.38
N THR F 157 25.69 27.82 31.58
CA THR F 157 26.20 28.98 32.30
C THR F 157 26.79 30.04 31.37
N GLY F 158 26.56 29.94 30.06
CA GLY F 158 27.13 30.85 29.09
C GLY F 158 28.51 30.46 28.61
N ARG F 159 29.29 29.77 29.44
CA ARG F 159 30.63 29.31 29.06
C ARG F 159 30.74 27.80 28.92
N GLU F 160 29.98 27.04 29.69
CA GLU F 160 30.08 25.59 29.68
C GLU F 160 28.75 24.99 30.08
N PHE F 161 28.66 23.66 29.94
CA PHE F 161 27.46 22.91 30.26
C PHE F 161 27.69 22.06 31.51
N PHE F 162 26.69 22.04 32.38
CA PHE F 162 26.66 21.16 33.53
C PHE F 162 25.40 20.30 33.41
N VAL F 163 25.59 18.99 33.36
CA VAL F 163 24.50 18.05 33.14
C VAL F 163 24.38 17.15 34.37
N GLY F 164 23.23 17.20 35.02
CA GLY F 164 23.01 16.36 36.19
C GLY F 164 22.76 14.91 35.81
N LEU F 165 23.28 14.00 36.63
CA LEU F 165 23.09 12.57 36.44
C LEU F 165 22.03 12.10 37.44
N SER F 166 20.80 11.94 36.96
CA SER F 166 19.67 11.60 37.81
C SER F 166 18.99 10.36 37.25
N LYS F 167 17.73 10.15 37.64
CA LYS F 167 16.94 9.06 37.09
C LYS F 167 16.52 9.33 35.65
N ARG F 168 16.53 10.60 35.24
CA ARG F 168 16.07 10.99 33.91
C ARG F 168 17.19 11.21 32.91
N THR F 169 18.38 11.59 33.38
CA THR F 169 19.52 11.84 32.51
C THR F 169 20.65 10.87 32.85
N ASN F 170 21.25 10.28 31.83
CA ASN F 170 22.37 9.35 32.00
C ASN F 170 23.61 9.91 31.31
N GLN F 171 24.69 9.12 31.36
CA GLN F 171 25.96 9.58 30.82
C GLN F 171 25.91 9.72 29.30
N ARG F 172 25.43 8.69 28.61
CA ARG F 172 25.29 8.77 27.16
C ARG F 172 24.39 9.93 26.74
N GLY F 173 23.51 10.39 27.63
CA GLY F 173 22.74 11.59 27.33
C GLY F 173 23.61 12.83 27.25
N ALA F 174 24.52 12.98 28.22
CA ALA F 174 25.46 14.09 28.18
C ALA F 174 26.43 13.95 27.02
N GLU F 175 26.73 12.71 26.61
CA GLU F 175 27.61 12.50 25.46
C GLU F 175 26.93 12.87 24.14
N ILE F 176 25.61 12.68 24.06
CA ILE F 176 24.87 13.16 22.89
C ILE F 176 24.78 14.68 22.92
N LEU F 177 24.63 15.26 24.11
CA LEU F 177 24.61 16.71 24.23
C LEU F 177 25.97 17.31 23.96
N ALA F 178 27.04 16.68 24.45
CA ALA F 178 28.38 17.18 24.22
C ALA F 178 28.73 17.18 22.74
N ASP F 179 28.46 16.07 22.05
CA ASP F 179 28.69 16.01 20.61
C ASP F 179 27.77 16.96 19.86
N THR F 180 26.61 17.29 20.44
CA THR F 180 25.70 18.23 19.78
C THR F 180 26.24 19.66 19.84
N PHE F 181 26.76 20.07 20.99
CA PHE F 181 27.33 21.40 21.19
C PHE F 181 28.85 21.22 21.34
N LYS F 182 29.56 21.32 20.21
CA LYS F 182 30.99 21.05 20.21
C LYS F 182 31.78 22.15 20.91
N ASP F 183 31.42 23.41 20.66
CA ASP F 183 32.18 24.55 21.14
C ASP F 183 31.93 24.88 22.61
N TYR F 184 31.51 23.91 23.42
CA TYR F 184 31.26 24.13 24.83
C TYR F 184 31.66 22.89 25.62
N ALA F 185 32.16 23.13 26.84
CA ALA F 185 32.55 22.03 27.71
C ALA F 185 31.33 21.50 28.47
N VAL F 186 31.27 20.19 28.64
CA VAL F 186 30.14 19.52 29.27
C VAL F 186 30.65 18.75 30.49
N SER F 187 30.10 19.08 31.66
CA SER F 187 30.44 18.39 32.90
C SER F 187 29.21 17.69 33.44
N THR F 188 29.42 16.49 34.00
CA THR F 188 28.36 15.69 34.58
C THR F 188 28.49 15.71 36.09
N VAL F 189 27.43 16.10 36.78
CA VAL F 189 27.40 16.18 38.23
C VAL F 189 26.28 15.29 38.74
N PRO F 190 26.57 14.24 39.50
CA PRO F 190 25.50 13.37 40.01
C PRO F 190 24.53 14.13 40.90
N VAL F 191 23.24 13.91 40.65
CA VAL F 191 22.16 14.43 41.48
C VAL F 191 21.39 13.26 42.05
N ALA F 192 21.18 13.27 43.37
CA ALA F 192 20.63 12.13 44.08
C ALA F 192 19.12 12.26 44.26
N ASP F 193 18.55 11.41 45.12
CA ASP F 193 17.13 11.38 45.41
C ASP F 193 16.30 11.17 44.14
N GLY F 194 15.79 12.26 43.58
CA GLY F 194 15.02 12.20 42.35
C GLY F 194 14.97 13.55 41.68
N LEU F 195 15.70 14.50 42.24
CA LEU F 195 15.73 15.86 41.73
C LEU F 195 16.43 15.92 40.39
N HIS F 196 16.14 16.98 39.64
CA HIS F 196 16.93 17.33 38.47
C HIS F 196 18.07 18.25 38.93
N LEU F 197 18.92 18.65 37.97
CA LEU F 197 20.01 19.55 38.34
C LEU F 197 19.49 20.92 38.73
N LYS F 198 18.46 21.40 38.05
CA LYS F 198 17.92 22.73 38.29
C LYS F 198 16.78 22.73 39.31
N SER F 199 16.65 21.66 40.09
CA SER F 199 15.75 21.71 41.25
C SER F 199 16.32 22.57 42.37
N PHE F 200 17.63 22.84 42.32
CA PHE F 200 18.30 23.66 43.32
C PHE F 200 19.30 24.61 42.69
N CYS F 201 19.22 24.82 41.37
CA CYS F 201 20.25 25.53 40.64
C CYS F 201 19.63 26.28 39.48
N SER F 202 20.19 27.45 39.17
CA SER F 202 19.80 28.25 38.02
C SER F 202 20.77 29.42 37.94
N MET F 203 20.74 30.11 36.81
CA MET F 203 21.62 31.25 36.56
C MET F 203 20.87 32.53 36.88
N ALA F 204 21.39 33.28 37.86
CA ALA F 204 20.81 34.55 38.27
C ALA F 204 21.50 35.74 37.61
N GLY F 205 22.39 35.49 36.64
CA GLY F 205 23.10 36.55 35.96
C GLY F 205 24.37 36.06 35.30
N PRO F 206 25.11 36.98 34.67
CA PRO F 206 26.38 36.59 34.04
C PRO F 206 27.40 36.20 35.11
N ASN F 207 27.85 34.96 35.06
CA ASN F 207 28.82 34.40 36.00
C ASN F 207 28.28 34.40 37.43
N LEU F 208 26.97 34.25 37.59
CA LEU F 208 26.33 34.23 38.90
C LEU F 208 25.41 33.02 38.98
N ILE F 209 25.74 32.10 39.90
CA ILE F 209 24.98 30.88 40.08
C ILE F 209 24.11 31.03 41.31
N ALA F 210 22.80 30.92 41.12
CA ALA F 210 21.87 30.81 42.25
C ALA F 210 21.82 29.36 42.69
N ILE F 211 22.06 29.13 43.97
CA ILE F 211 22.22 27.77 44.50
C ILE F 211 21.52 27.66 45.84
N GLY F 212 21.01 26.46 46.13
CA GLY F 212 20.34 26.23 47.39
C GLY F 212 21.31 26.00 48.53
N SER F 213 20.79 26.11 49.75
CA SER F 213 21.58 25.93 50.96
C SER F 213 21.50 24.52 51.52
N SER F 214 20.75 23.63 50.90
CA SER F 214 20.71 22.25 51.35
C SER F 214 22.09 21.62 51.20
N GLU F 215 22.33 20.56 51.98
CA GLU F 215 23.54 19.78 51.79
C GLU F 215 23.67 19.32 50.35
N SER F 216 22.61 18.70 49.82
CA SER F 216 22.64 18.19 48.46
C SER F 216 22.96 19.28 47.45
N ALA F 217 22.46 20.50 47.68
CA ALA F 217 22.74 21.59 46.76
C ALA F 217 24.21 22.00 46.83
N GLN F 218 24.73 22.19 48.04
CA GLN F 218 26.12 22.60 48.18
C GLN F 218 27.09 21.49 47.78
N LYS F 219 26.74 20.24 48.04
CA LYS F 219 27.55 19.12 47.55
C LYS F 219 27.67 19.16 46.03
N ALA F 220 26.56 19.42 45.34
CA ALA F 220 26.58 19.42 43.88
C ALA F 220 27.42 20.58 43.35
N LEU F 221 27.24 21.77 43.92
CA LEU F 221 27.92 22.96 43.40
C LEU F 221 29.43 22.82 43.49
N LYS F 222 29.94 22.24 44.58
CA LYS F 222 31.38 22.05 44.73
C LYS F 222 31.92 21.12 43.64
N ILE F 223 31.14 20.12 43.23
CA ILE F 223 31.54 19.24 42.15
C ILE F 223 31.64 20.00 40.84
N MET F 224 30.77 20.99 40.63
CA MET F 224 30.77 21.75 39.38
C MET F 224 32.02 22.60 39.25
N GLN F 225 32.50 23.18 40.35
CA GLN F 225 33.71 24.00 40.33
C GLN F 225 34.98 23.17 40.22
N GLN F 226 34.90 21.85 40.39
CA GLN F 226 36.09 21.01 40.27
C GLN F 226 36.42 20.73 38.80
N MET F 227 35.40 20.50 37.98
CA MET F 227 35.62 20.25 36.55
C MET F 227 35.62 21.51 35.72
N SER F 228 35.06 22.61 36.23
CA SER F 228 34.98 23.84 35.49
C SER F 228 36.31 24.58 35.52
N ASP F 229 36.77 25.04 34.35
CA ASP F 229 37.94 25.89 34.29
C ASP F 229 37.70 27.27 34.89
N HIS F 230 36.45 27.60 35.18
CA HIS F 230 36.08 28.89 35.74
C HIS F 230 35.47 28.69 37.13
N ARG F 231 35.76 29.61 38.04
CA ARG F 231 35.13 29.65 39.36
C ARG F 231 34.04 30.71 39.33
N TYR F 232 32.78 30.26 39.37
CA TYR F 232 31.64 31.15 39.24
C TYR F 232 31.33 31.85 40.55
N ASP F 233 30.75 33.04 40.44
CA ASP F 233 30.23 33.72 41.61
C ASP F 233 28.93 33.07 42.05
N LYS F 234 28.63 33.16 43.35
CA LYS F 234 27.55 32.39 43.95
C LYS F 234 26.48 33.31 44.52
N LEU F 235 25.24 32.82 44.49
CA LEU F 235 24.07 33.45 45.07
C LEU F 235 23.35 32.39 45.90
N THR F 236 23.76 32.23 47.16
CA THR F 236 23.19 31.19 48.02
C THR F 236 21.86 31.66 48.58
N VAL F 237 20.81 30.89 48.31
CA VAL F 237 19.47 31.18 48.85
C VAL F 237 19.11 30.07 49.84
N PRO F 238 18.25 30.35 50.83
CA PRO F 238 17.96 29.32 51.84
C PRO F 238 17.17 28.14 51.31
N ASP F 239 16.35 28.33 50.28
CA ASP F 239 15.47 27.29 49.77
C ASP F 239 15.99 26.79 48.43
N ASP F 240 16.09 25.46 48.28
CA ASP F 240 16.56 24.89 47.02
C ASP F 240 15.62 25.21 45.87
N ILE F 241 14.31 25.17 46.12
CA ILE F 241 13.34 25.41 45.05
C ILE F 241 13.41 26.84 44.56
N ALA F 242 13.63 27.79 45.47
CA ALA F 242 13.72 29.19 45.10
C ALA F 242 15.05 29.56 44.46
N ALA F 243 16.04 28.67 44.50
CA ALA F 243 17.27 28.88 43.75
C ALA F 243 17.04 28.83 42.25
N ASN F 244 15.86 28.44 41.81
CA ASN F 244 15.50 28.44 40.39
C ASN F 244 14.87 29.79 40.07
N CYS F 245 15.54 30.56 39.22
CA CYS F 245 15.02 31.83 38.73
C CYS F 245 15.26 31.89 37.22
N ILE F 246 14.81 32.97 36.60
CA ILE F 246 15.02 33.19 35.18
C ILE F 246 15.68 34.54 35.00
N TYR F 247 16.90 34.54 34.48
CA TYR F 247 17.64 35.77 34.21
C TYR F 247 17.57 36.09 32.72
N LEU F 248 17.18 37.32 32.40
CA LEU F 248 17.14 37.79 31.03
C LEU F 248 17.86 39.13 30.92
N ASN F 249 18.49 39.36 29.78
CA ASN F 249 19.14 40.62 29.46
C ASN F 249 18.42 41.20 28.24
N ILE F 250 17.36 41.95 28.49
CA ILE F 250 16.51 42.49 27.44
C ILE F 250 16.90 43.96 27.21
N PRO F 251 17.12 44.38 25.96
CA PRO F 251 17.57 45.76 25.73
C PRO F 251 16.58 46.79 26.24
N ASN F 252 17.12 47.85 26.84
CA ASN F 252 16.35 48.97 27.39
C ASN F 252 15.33 48.55 28.44
N LYS F 253 15.52 47.36 29.01
CA LYS F 253 14.70 46.90 30.12
C LYS F 253 15.51 46.49 31.34
N GLY F 254 16.82 46.33 31.21
CA GLY F 254 17.65 45.95 32.32
C GLY F 254 17.86 44.44 32.40
N HIS F 255 18.43 44.03 33.52
CA HIS F 255 18.69 42.63 33.81
C HIS F 255 17.54 42.10 34.67
N VAL F 256 16.76 41.20 34.09
CA VAL F 256 15.49 40.75 34.65
C VAL F 256 15.69 39.48 35.45
N LEU F 257 15.03 39.39 36.60
CA LEU F 257 15.10 38.21 37.47
C LEU F 257 13.69 37.81 37.89
N LEU F 258 13.16 36.76 37.29
CA LEU F 258 11.89 36.18 37.71
C LEU F 258 12.16 35.21 38.85
N HIS F 259 11.69 35.55 40.04
CA HIS F 259 12.00 34.78 41.24
C HIS F 259 10.73 34.43 41.99
N ARG F 260 10.88 33.53 42.96
CA ARG F 260 9.76 33.13 43.78
C ARG F 260 9.35 34.25 44.73
N THR F 261 8.06 34.29 45.01
CA THR F 261 7.46 35.34 45.79
C THR F 261 7.90 35.22 47.26
N PRO F 262 7.85 36.32 48.00
CA PRO F 262 8.03 36.21 49.46
C PRO F 262 6.92 35.43 50.12
N GLU F 263 5.76 35.31 49.47
CA GLU F 263 4.70 34.45 50.00
C GLU F 263 5.12 32.99 49.97
N GLU F 264 5.61 32.51 48.83
CA GLU F 264 6.08 31.14 48.73
C GLU F 264 7.34 30.92 49.56
N TYR F 265 8.36 31.76 49.34
CA TYR F 265 9.64 31.64 50.04
C TYR F 265 10.09 33.03 50.45
N PRO F 266 9.99 33.39 51.73
CA PRO F 266 10.33 34.75 52.15
C PRO F 266 11.83 34.95 52.37
N GLU F 267 12.48 33.96 52.98
CA GLU F 267 13.92 34.08 53.24
C GLU F 267 14.70 34.21 51.96
N SER F 268 14.27 33.51 50.91
CA SER F 268 14.97 33.58 49.63
C SER F 268 14.60 34.84 48.84
N ALA F 269 13.39 35.35 49.02
CA ALA F 269 12.92 36.45 48.19
C ALA F 269 13.68 37.74 48.47
N LYS F 270 13.90 38.06 49.75
CA LYS F 270 14.64 39.27 50.06
C LYS F 270 16.12 39.13 49.69
N VAL F 271 16.64 37.90 49.67
CA VAL F 271 17.99 37.68 49.16
C VAL F 271 18.09 38.19 47.72
N TYR F 272 17.09 37.88 46.90
CA TYR F 272 17.00 38.51 45.59
C TYR F 272 16.84 40.01 45.70
N GLU F 273 16.04 40.47 46.67
CA GLU F 273 15.76 41.89 46.83
C GLU F 273 16.99 42.70 47.21
N LYS F 274 18.08 42.05 47.63
CA LYS F 274 19.31 42.79 47.87
C LYS F 274 19.95 43.27 46.57
N LEU F 275 19.61 42.64 45.45
CA LEU F 275 20.19 43.00 44.15
C LEU F 275 19.43 44.21 43.62
N LYS F 276 19.96 45.40 43.92
CA LYS F 276 19.30 46.65 43.55
C LYS F 276 19.76 47.18 42.20
N ASP F 277 20.63 46.46 41.49
CA ASP F 277 20.97 46.79 40.11
C ASP F 277 20.27 45.88 39.12
N HIS F 278 19.29 45.11 39.57
CA HIS F 278 18.52 44.20 38.73
C HIS F 278 17.06 44.65 38.67
N MET F 279 16.38 44.20 37.61
CA MET F 279 14.93 44.33 37.53
C MET F 279 14.32 43.08 38.15
N LEU F 280 13.60 43.27 39.25
CA LEU F 280 13.08 42.16 40.05
C LEU F 280 11.58 42.06 39.86
N ILE F 281 11.11 40.87 39.45
CA ILE F 281 9.69 40.60 39.28
C ILE F 281 9.37 39.30 40.01
N PRO F 282 8.54 39.33 41.06
CA PRO F 282 8.16 38.09 41.76
C PRO F 282 7.06 37.34 41.02
N VAL F 283 7.35 36.11 40.63
CA VAL F 283 6.39 35.26 39.93
C VAL F 283 6.08 34.06 40.82
N SER F 284 4.80 33.68 40.87
CA SER F 284 4.34 32.66 41.78
C SER F 284 4.14 31.32 41.07
N MET F 285 4.50 30.25 41.76
CA MET F 285 4.26 28.87 41.30
C MET F 285 3.66 28.07 42.45
N SER F 286 2.55 28.58 42.99
CA SER F 286 1.98 28.02 44.21
C SER F 286 1.47 26.60 43.98
N GLU F 287 0.66 26.38 42.95
CA GLU F 287 0.05 25.08 42.75
C GLU F 287 1.04 24.08 42.18
N LEU F 288 1.64 24.40 41.04
CA LEU F 288 2.45 23.42 40.32
C LEU F 288 3.85 23.26 40.89
N GLU F 289 4.09 23.65 42.14
CA GLU F 289 5.25 23.15 42.84
C GLU F 289 4.96 21.82 43.53
N LYS F 290 3.68 21.44 43.64
CA LYS F 290 3.32 20.09 44.06
C LYS F 290 3.83 19.06 43.06
N VAL F 291 3.92 19.44 41.78
CA VAL F 291 4.47 18.60 40.73
C VAL F 291 5.94 18.97 40.58
N ASP F 292 6.52 19.55 41.62
CA ASP F 292 7.93 19.95 41.67
C ASP F 292 8.28 20.92 40.54
N GLY F 293 7.32 21.74 40.14
CA GLY F 293 7.54 22.67 39.05
C GLY F 293 8.39 23.85 39.46
N LEU F 294 9.20 24.32 38.52
CA LEU F 294 10.05 25.48 38.72
C LEU F 294 9.90 26.43 37.54
N LEU F 295 10.55 27.59 37.63
CA LEU F 295 10.26 28.68 36.72
C LEU F 295 10.85 28.43 35.33
N THR F 296 12.03 27.83 35.28
CA THR F 296 12.69 27.61 34.00
C THR F 296 12.05 26.48 33.20
N CYS F 297 11.29 25.61 33.88
CA CYS F 297 10.76 24.38 33.25
C CYS F 297 9.65 24.63 32.27
N CYS F 298 8.92 25.73 32.42
CA CYS F 298 7.76 25.99 31.58
C CYS F 298 8.07 26.89 30.39
N SER F 299 9.35 27.13 30.12
CA SER F 299 9.75 27.98 29.02
C SER F 299 11.03 27.44 28.39
N VAL F 300 11.21 27.76 27.12
CA VAL F 300 12.40 27.43 26.35
C VAL F 300 12.82 28.72 25.67
N LEU F 301 13.76 29.46 26.27
CA LEU F 301 14.15 30.77 25.77
C LEU F 301 14.97 30.62 24.49
N ILE F 302 14.72 31.51 23.53
CA ILE F 302 15.39 31.46 22.23
C ILE F 302 15.76 32.87 21.82
N ASN F 303 17.00 33.05 21.39
CA ASN F 303 17.50 34.30 20.81
C ASN F 303 17.78 34.06 19.34
N LYS F 304 17.20 34.90 18.47
CA LYS F 304 17.28 34.70 17.03
C LYS F 304 17.67 36.01 16.33
N LYS F 305 18.88 36.47 16.61
CA LYS F 305 19.50 37.55 15.83
C LYS F 305 20.99 37.65 16.16
#